data_6TTQ
#
_entry.id   6TTQ
#
_cell.length_a   1.00
_cell.length_b   1.00
_cell.length_c   1.00
_cell.angle_alpha   90.00
_cell.angle_beta   90.00
_cell.angle_gamma   90.00
#
_symmetry.space_group_name_H-M   'P 1'
#
loop_
_entity.id
_entity.type
_entity.pdbx_description
1 polymer 'Pyruvate kinase PKM'
2 non-polymer 1-propan-2-yl-3-pyridin-4-yl-urea
3 non-polymer 1,6-di-O-phosphono-beta-D-fructofuranose
4 water water
#
_entity_poly.entity_id   1
_entity_poly.type   'polypeptide(L)'
_entity_poly.pdbx_seq_one_letter_code
;MGSSHHHHHHSSGLVPRGSKPHSEAGTAFIQTQQLHAAMADTFLEHMCRLDIDSPPITARNTGIICTIGPASRSVETLKE
MIKSGMNVARLNFSHGTHEYHAETIKNVRTATESFASDPILYRPVAVALDTKGPEIRTGLIKGSGTAEVELKKGATLKIT
LDNAYMEKCDENILWLDYKNICKVVEVGSKIYVDDGLISLQVKQKGADFLVTEVENGGSLGSKKGVNLPGAAVDLPAVSE
KDIQDLKFGVEQDVDMVFASFIRKASDVHEVRKVLGEKGKNIKIISKIENHEGVRRFDEILEASDGIMVARGDLGIEIPA
EKVFLAQKMMIGRCNRAGKPVICATQMLESMIKKPRPTRAEGSDVANAVLDGADCIMLSGETAKGDYPLEAVRMQHLIAR
EAEAAIYHLQLFEELRRLAPITSDPTEATAVGAVEASFKCCSGAIIVLTKSGRSAHQVARYRPRAPIIAVTRNPQTARQA
HLYRGIFPVLCKDPVQEAWAEDVDLRVNFAMNVGKARGFFKKGDVVIVLTGWRPGSGFTNTMRVVPVP
;
_entity_poly.pdbx_strand_id   A,B,C,D
#
# COMPACT_ATOMS: atom_id res chain seq x y z
N MET A 39 3.63 9.01 -12.62
CA MET A 39 4.87 9.21 -11.79
C MET A 39 4.49 9.59 -10.35
N ALA A 40 3.22 9.97 -10.11
CA ALA A 40 2.76 10.35 -8.76
C ALA A 40 2.49 9.12 -7.90
N ASP A 41 2.72 9.26 -6.59
CA ASP A 41 2.46 8.22 -5.59
C ASP A 41 0.98 8.11 -5.21
N THR A 42 0.25 9.22 -5.37
CA THR A 42 -1.16 9.32 -4.99
C THR A 42 -1.99 9.83 -6.17
N PHE A 43 -3.31 9.76 -5.98
CA PHE A 43 -4.31 10.25 -6.93
C PHE A 43 -4.45 11.77 -6.78
N LEU A 44 -4.35 12.26 -5.54
CA LEU A 44 -4.40 13.70 -5.28
C LEU A 44 -3.17 14.42 -5.85
N GLU A 45 -1.97 13.84 -5.74
CA GLU A 45 -0.75 14.44 -6.39
C GLU A 45 -0.94 14.50 -7.91
N HIS A 46 -1.30 13.34 -8.50
CA HIS A 46 -1.63 13.17 -9.92
C HIS A 46 -2.53 14.30 -10.45
N MET A 47 -3.61 14.64 -9.74
CA MET A 47 -4.54 15.70 -10.22
C MET A 47 -3.87 17.07 -10.15
N CYS A 48 -3.04 17.30 -9.12
CA CYS A 48 -2.41 18.61 -8.82
C CYS A 48 -1.33 18.96 -9.86
N ARG A 49 -0.82 17.97 -10.60
CA ARG A 49 0.30 18.14 -11.53
C ARG A 49 -0.19 18.22 -12.99
N LEU A 50 -1.50 18.40 -13.20
CA LEU A 50 -2.04 18.49 -14.57
C LEU A 50 -1.69 19.88 -15.15
N ASP A 51 -1.07 19.86 -16.33
CA ASP A 51 -0.62 21.08 -17.00
C ASP A 51 -1.36 21.30 -18.31
N ILE A 52 -1.71 22.56 -18.57
CA ILE A 52 -2.50 22.93 -19.77
C ILE A 52 -1.57 23.48 -20.88
N ASP A 53 -0.27 23.54 -20.59
CA ASP A 53 0.75 23.95 -21.57
C ASP A 53 1.67 22.77 -21.94
N SER A 54 1.06 21.66 -22.35
CA SER A 54 1.78 20.45 -22.79
C SER A 54 0.93 19.68 -23.81
N PRO A 55 1.56 19.21 -24.93
CA PRO A 55 0.85 18.52 -26.02
C PRO A 55 0.60 17.02 -25.74
N PRO A 56 -0.50 16.46 -26.31
CA PRO A 56 -0.85 15.03 -26.18
C PRO A 56 -0.11 14.15 -27.21
N ILE A 57 -0.19 12.82 -27.02
CA ILE A 57 0.37 11.85 -27.98
C ILE A 57 -0.56 11.74 -29.19
N THR A 58 -0.05 11.16 -30.29
CA THR A 58 -0.79 11.02 -31.55
C THR A 58 -1.84 9.90 -31.42
N ALA A 59 -1.52 8.87 -30.63
CA ALA A 59 -2.36 7.68 -30.50
C ALA A 59 -3.63 7.98 -29.69
N ARG A 60 -4.76 7.51 -30.22
CA ARG A 60 -6.05 7.60 -29.56
C ARG A 60 -6.56 6.19 -29.28
N ASN A 61 -6.52 5.81 -27.99
CA ASN A 61 -6.88 4.47 -27.50
C ASN A 61 -8.36 4.09 -27.74
N THR A 62 -9.30 5.03 -27.68
CA THR A 62 -10.76 4.71 -27.65
C THR A 62 -11.40 4.66 -29.04
N GLY A 63 -12.21 3.64 -29.30
CA GLY A 63 -12.90 3.49 -30.59
C GLY A 63 -14.03 4.50 -30.81
N ILE A 64 -14.32 4.81 -32.08
CA ILE A 64 -15.36 5.77 -32.53
C ILE A 64 -16.35 5.10 -33.51
N ILE A 65 -17.62 4.98 -33.04
CA ILE A 65 -18.76 4.33 -33.76
C ILE A 65 -19.72 5.41 -34.26
N CYS A 66 -20.00 5.42 -35.56
CA CYS A 66 -20.87 6.45 -36.15
C CYS A 66 -22.11 5.79 -36.76
N THR A 67 -23.27 6.40 -36.58
CA THR A 67 -24.49 5.89 -37.22
C THR A 67 -24.55 6.44 -38.65
N ILE A 68 -24.98 5.63 -39.61
CA ILE A 68 -25.09 6.08 -41.01
C ILE A 68 -26.58 6.16 -41.38
N GLY A 69 -27.01 7.37 -41.71
CA GLY A 69 -28.33 7.65 -42.30
C GLY A 69 -28.21 8.43 -43.62
N PRO A 70 -29.27 9.19 -44.00
CA PRO A 70 -29.31 9.97 -45.27
C PRO A 70 -28.23 11.07 -45.38
N ALA A 71 -27.90 11.70 -44.26
CA ALA A 71 -26.89 12.79 -44.20
C ALA A 71 -25.48 12.33 -44.62
N SER A 72 -25.21 11.03 -44.52
CA SER A 72 -23.84 10.49 -44.67
C SER A 72 -23.87 9.07 -45.26
N ARG A 73 -24.71 8.85 -46.26
CA ARG A 73 -24.77 7.58 -47.00
C ARG A 73 -23.82 7.62 -48.23
N SER A 74 -23.16 8.74 -48.49
CA SER A 74 -22.52 8.96 -49.80
C SER A 74 -21.01 8.73 -49.73
N VAL A 75 -20.48 8.12 -50.80
CA VAL A 75 -19.07 7.65 -50.93
C VAL A 75 -18.06 8.80 -50.78
N GLU A 76 -18.54 10.04 -50.73
CA GLU A 76 -17.67 11.20 -50.59
C GLU A 76 -17.66 11.66 -49.13
N THR A 77 -18.82 11.53 -48.47
CA THR A 77 -18.98 11.86 -47.06
C THR A 77 -18.30 10.78 -46.20
N LEU A 78 -18.52 9.53 -46.59
CA LEU A 78 -17.93 8.35 -45.97
C LEU A 78 -16.39 8.44 -46.01
N LYS A 79 -15.79 8.57 -47.20
CA LYS A 79 -14.33 8.75 -47.37
C LYS A 79 -13.78 9.82 -46.42
N GLU A 80 -14.56 10.85 -46.15
CA GLU A 80 -14.10 11.99 -45.37
C GLU A 80 -14.17 11.68 -43.87
N MET A 81 -15.16 10.89 -43.45
CA MET A 81 -15.27 10.50 -42.02
C MET A 81 -14.21 9.44 -41.68
N ILE A 82 -13.93 8.51 -42.60
CA ILE A 82 -12.81 7.57 -42.40
C ILE A 82 -11.50 8.31 -42.10
N LYS A 83 -11.24 9.45 -42.75
CA LYS A 83 -10.02 10.23 -42.50
C LYS A 83 -10.12 10.94 -41.14
N SER A 84 -11.33 11.19 -40.67
CA SER A 84 -11.50 11.98 -39.45
C SER A 84 -11.33 11.09 -38.21
N GLY A 85 -11.55 9.79 -38.36
CA GLY A 85 -11.25 8.83 -37.31
C GLY A 85 -12.40 7.89 -36.98
N MET A 86 -13.19 7.54 -37.99
CA MET A 86 -14.30 6.62 -37.78
C MET A 86 -13.80 5.16 -37.96
N ASN A 87 -14.14 4.31 -37.00
CA ASN A 87 -13.65 2.93 -36.92
C ASN A 87 -14.77 1.93 -37.21
N VAL A 88 -16.01 2.27 -36.90
CA VAL A 88 -17.18 1.35 -37.02
C VAL A 88 -18.34 2.13 -37.64
N ALA A 89 -19.07 1.53 -38.58
CA ALA A 89 -20.30 2.16 -39.12
C ALA A 89 -21.54 1.38 -38.67
N ARG A 90 -22.41 1.99 -37.87
CA ARG A 90 -23.64 1.31 -37.32
C ARG A 90 -24.85 1.50 -38.26
N LEU A 91 -25.56 0.42 -38.56
CA LEU A 91 -26.83 0.46 -39.35
C LEU A 91 -28.02 0.11 -38.45
N ASN A 92 -28.98 1.02 -38.40
CA ASN A 92 -30.15 0.94 -37.52
C ASN A 92 -31.33 0.30 -38.27
N PHE A 93 -31.75 -0.89 -37.86
CA PHE A 93 -32.74 -1.65 -38.63
C PHE A 93 -34.18 -1.38 -38.14
N SER A 94 -34.38 -0.24 -37.47
CA SER A 94 -35.73 0.30 -37.22
C SER A 94 -36.31 0.82 -38.54
N HIS A 95 -35.57 1.72 -39.20
CA HIS A 95 -36.01 2.41 -40.42
C HIS A 95 -35.52 1.64 -41.66
N GLY A 96 -35.95 2.09 -42.85
CA GLY A 96 -35.49 1.53 -44.14
C GLY A 96 -35.95 0.10 -44.39
N THR A 97 -35.68 -0.39 -45.60
CA THR A 97 -35.92 -1.79 -45.99
C THR A 97 -34.57 -2.51 -46.15
N HIS A 98 -34.62 -3.77 -46.57
CA HIS A 98 -33.42 -4.59 -46.79
C HIS A 98 -32.69 -4.15 -48.07
N GLU A 99 -33.41 -3.57 -49.02
CA GLU A 99 -32.82 -3.09 -50.28
C GLU A 99 -32.01 -1.82 -50.01
N TYR A 100 -32.56 -0.96 -49.16
CA TYR A 100 -32.00 0.36 -48.86
C TYR A 100 -30.70 0.21 -48.07
N HIS A 101 -30.68 -0.72 -47.12
CA HIS A 101 -29.53 -0.94 -46.22
C HIS A 101 -28.35 -1.54 -47.00
N ALA A 102 -28.64 -2.53 -47.85
CA ALA A 102 -27.66 -3.20 -48.72
C ALA A 102 -26.90 -2.20 -49.60
N GLU A 103 -27.48 -1.03 -49.82
CA GLU A 103 -26.85 0.00 -50.63
C GLU A 103 -25.95 0.88 -49.74
N THR A 104 -26.27 0.98 -48.46
CA THR A 104 -25.40 1.68 -47.50
C THR A 104 -24.15 0.84 -47.24
N ILE A 105 -24.34 -0.48 -47.05
CA ILE A 105 -23.22 -1.40 -46.84
C ILE A 105 -22.26 -1.33 -48.04
N LYS A 106 -22.80 -1.42 -49.26
CA LYS A 106 -22.02 -1.33 -50.49
C LYS A 106 -21.21 -0.02 -50.51
N ASN A 107 -21.81 1.08 -50.05
CA ASN A 107 -21.16 2.38 -50.10
C ASN A 107 -20.07 2.48 -49.02
N VAL A 108 -20.27 1.79 -47.89
CA VAL A 108 -19.31 1.80 -46.77
C VAL A 108 -18.04 1.07 -47.23
N ARG A 109 -18.24 -0.07 -47.91
CA ARG A 109 -17.13 -0.89 -48.41
C ARG A 109 -16.37 -0.16 -49.53
N THR A 110 -17.06 0.57 -50.41
CA THR A 110 -16.38 1.27 -51.51
C THR A 110 -15.40 2.33 -50.96
N ALA A 111 -15.84 3.14 -49.99
CA ALA A 111 -14.97 4.18 -49.41
C ALA A 111 -13.79 3.55 -48.67
N THR A 112 -14.04 2.47 -47.91
CA THR A 112 -12.99 1.72 -47.18
C THR A 112 -11.89 1.36 -48.19
N GLU A 113 -12.26 0.60 -49.22
CA GLU A 113 -11.31 0.00 -50.21
C GLU A 113 -10.61 1.06 -51.09
N SER A 114 -11.11 2.29 -51.13
CA SER A 114 -10.43 3.41 -51.84
C SER A 114 -8.97 3.55 -51.40
N PHE A 115 -8.70 3.39 -50.10
CA PHE A 115 -7.35 3.59 -49.54
C PHE A 115 -6.51 2.30 -49.58
N ALA A 116 -7.04 1.20 -50.13
CA ALA A 116 -6.27 -0.06 -50.22
C ALA A 116 -5.35 -0.05 -51.47
N SER A 117 -4.54 0.99 -51.58
CA SER A 117 -3.54 1.14 -52.66
C SER A 117 -2.14 1.33 -52.04
N ASP A 118 -2.09 2.14 -50.98
CA ASP A 118 -0.92 2.24 -50.10
C ASP A 118 -1.15 1.35 -48.87
N PRO A 119 -0.66 0.08 -48.91
CA PRO A 119 -1.00 -0.94 -47.90
C PRO A 119 -0.46 -0.64 -46.50
N ILE A 120 0.29 0.45 -46.38
CA ILE A 120 0.82 0.91 -45.10
C ILE A 120 -0.19 1.84 -44.43
N LEU A 121 -0.93 2.61 -45.22
CA LEU A 121 -1.82 3.64 -44.67
C LEU A 121 -3.31 3.24 -44.71
N TYR A 122 -3.60 2.05 -45.23
CA TYR A 122 -4.94 1.41 -45.15
C TYR A 122 -5.40 1.32 -43.69
N ARG A 123 -6.68 1.55 -43.46
CA ARG A 123 -7.28 1.45 -42.12
C ARG A 123 -8.57 0.62 -42.22
N PRO A 124 -8.68 -0.49 -41.46
CA PRO A 124 -9.90 -1.31 -41.60
C PRO A 124 -11.11 -0.67 -40.87
N VAL A 125 -12.33 -0.96 -41.34
CA VAL A 125 -13.57 -0.32 -40.87
C VAL A 125 -14.67 -1.38 -40.72
N ALA A 126 -15.21 -1.57 -39.50
CA ALA A 126 -16.31 -2.61 -39.22
C ALA A 126 -17.71 -2.08 -39.60
N VAL A 127 -18.63 -3.03 -39.78
CA VAL A 127 -20.07 -2.80 -40.02
C VAL A 127 -20.84 -3.55 -38.93
N ALA A 128 -21.73 -2.83 -38.25
CA ALA A 128 -22.55 -3.39 -37.18
C ALA A 128 -24.04 -3.20 -37.49
N LEU A 129 -24.89 -3.86 -36.72
CA LEU A 129 -26.27 -4.02 -37.06
C LEU A 129 -27.08 -3.92 -35.78
N ASP A 130 -27.87 -2.87 -35.66
CA ASP A 130 -28.70 -2.72 -34.46
C ASP A 130 -30.11 -3.25 -34.79
N THR A 131 -30.53 -4.31 -34.08
CA THR A 131 -31.88 -4.86 -34.23
C THR A 131 -32.91 -3.80 -33.80
N LYS A 132 -34.12 -3.88 -34.34
CA LYS A 132 -35.23 -3.03 -33.87
C LYS A 132 -35.57 -3.42 -32.42
N GLY A 133 -35.68 -4.72 -32.16
CA GLY A 133 -35.96 -5.25 -30.83
C GLY A 133 -37.45 -5.24 -30.50
N PRO A 134 -37.94 -6.26 -29.73
CA PRO A 134 -39.32 -6.50 -29.23
C PRO A 134 -40.01 -5.28 -28.59
N GLU A 135 -41.26 -5.03 -28.95
CA GLU A 135 -41.95 -3.76 -28.67
C GLU A 135 -43.42 -4.00 -28.29
N ILE A 136 -44.00 -3.04 -27.56
CA ILE A 136 -45.45 -2.95 -27.29
C ILE A 136 -45.96 -1.60 -27.85
N ARG A 137 -47.03 -1.64 -28.66
CA ARG A 137 -47.55 -0.43 -29.30
C ARG A 137 -49.06 -0.31 -29.10
N THR A 138 -49.53 0.94 -29.03
CA THR A 138 -50.96 1.30 -28.93
C THR A 138 -51.63 1.16 -30.31
N GLY A 139 -52.96 1.16 -30.32
CA GLY A 139 -53.74 1.15 -31.56
C GLY A 139 -53.92 2.54 -32.15
N LEU A 140 -54.69 2.62 -33.23
CA LEU A 140 -54.97 3.88 -33.96
C LEU A 140 -55.98 4.72 -33.17
N ILE A 141 -55.72 6.02 -33.08
CA ILE A 141 -56.60 6.97 -32.37
C ILE A 141 -57.67 7.47 -33.35
N LYS A 142 -58.93 7.17 -33.01
CA LYS A 142 -60.16 7.65 -33.72
C LYS A 142 -60.20 7.16 -35.18
N GLY A 143 -59.51 6.06 -35.47
CA GLY A 143 -59.57 5.41 -36.79
C GLY A 143 -58.55 5.96 -37.78
N SER A 144 -58.39 7.29 -37.79
CA SER A 144 -57.59 8.01 -38.79
C SER A 144 -56.10 7.66 -38.68
N GLY A 145 -55.52 7.87 -37.51
CA GLY A 145 -54.09 7.65 -37.29
C GLY A 145 -53.30 8.95 -37.17
N THR A 146 -53.90 10.04 -37.67
CA THR A 146 -53.29 11.39 -37.62
C THR A 146 -54.00 12.24 -36.56
N ALA A 147 -55.13 11.75 -36.05
CA ALA A 147 -55.92 12.42 -35.01
C ALA A 147 -55.24 12.23 -33.64
N GLU A 148 -55.32 13.29 -32.81
CA GLU A 148 -54.71 13.30 -31.48
C GLU A 148 -55.78 13.67 -30.44
N VAL A 149 -55.89 12.86 -29.39
CA VAL A 149 -56.83 13.13 -28.29
C VAL A 149 -56.04 13.42 -27.00
N GLU A 150 -56.29 14.60 -26.44
CA GLU A 150 -55.58 15.08 -25.25
C GLU A 150 -56.33 14.64 -23.99
N LEU A 151 -55.57 14.20 -22.98
CA LEU A 151 -56.13 13.68 -21.74
C LEU A 151 -55.58 14.49 -20.55
N LYS A 152 -56.46 14.74 -19.58
CA LYS A 152 -56.14 15.56 -18.41
C LYS A 152 -55.91 14.65 -17.19
N LYS A 153 -55.28 15.20 -16.16
CA LYS A 153 -54.91 14.47 -14.94
C LYS A 153 -56.17 14.07 -14.16
N GLY A 154 -56.20 12.81 -13.70
CA GLY A 154 -57.28 12.28 -12.88
C GLY A 154 -58.14 11.26 -13.62
N ALA A 155 -58.42 11.55 -14.90
CA ALA A 155 -59.37 10.79 -15.75
C ALA A 155 -59.00 9.30 -15.80
N THR A 156 -59.88 8.46 -15.28
CA THR A 156 -59.72 7.00 -15.32
C THR A 156 -60.04 6.51 -16.74
N LEU A 157 -59.13 5.69 -17.29
CA LEU A 157 -59.37 5.05 -18.58
C LEU A 157 -59.18 3.53 -18.46
N LYS A 158 -59.87 2.80 -19.33
CA LYS A 158 -59.75 1.35 -19.44
C LYS A 158 -58.73 0.99 -20.52
N ILE A 159 -57.95 -0.05 -20.25
CA ILE A 159 -57.05 -0.65 -21.22
C ILE A 159 -57.56 -2.06 -21.52
N THR A 160 -57.81 -2.33 -22.80
CA THR A 160 -58.44 -3.59 -23.24
C THR A 160 -57.52 -4.31 -24.24
N LEU A 161 -57.49 -5.64 -24.13
CA LEU A 161 -56.61 -6.49 -24.94
C LEU A 161 -57.39 -7.04 -26.14
N ASP A 162 -58.72 -6.92 -26.11
CA ASP A 162 -59.61 -7.43 -27.15
C ASP A 162 -59.55 -6.63 -28.45
N ASN A 163 -59.59 -7.35 -29.57
CA ASN A 163 -59.16 -6.84 -30.89
C ASN A 163 -60.26 -6.01 -31.56
N ALA A 164 -61.38 -5.79 -30.88
CA ALA A 164 -62.49 -5.00 -31.41
C ALA A 164 -62.17 -3.50 -31.35
N TYR A 165 -61.38 -3.11 -30.34
CA TYR A 165 -61.12 -1.69 -30.03
C TYR A 165 -59.81 -1.23 -30.69
N MET A 166 -59.15 -2.10 -31.45
CA MET A 166 -57.81 -1.83 -32.03
C MET A 166 -57.90 -0.81 -33.16
N GLU A 167 -59.11 -0.57 -33.66
CA GLU A 167 -59.37 0.36 -34.76
C GLU A 167 -59.65 1.75 -34.20
N LYS A 168 -60.42 1.81 -33.10
CA LYS A 168 -60.87 3.07 -32.51
C LYS A 168 -60.48 3.12 -31.02
N CYS A 169 -59.45 3.93 -30.74
CA CYS A 169 -59.02 4.24 -29.38
C CYS A 169 -59.43 5.68 -29.04
N ASP A 170 -60.07 5.84 -27.89
CA ASP A 170 -60.56 7.15 -27.43
C ASP A 170 -59.95 7.49 -26.07
N GLU A 171 -60.35 8.64 -25.50
CA GLU A 171 -59.82 9.13 -24.21
C GLU A 171 -60.48 8.39 -23.04
N ASN A 172 -60.83 7.11 -23.27
CA ASN A 172 -61.44 6.24 -22.26
C ASN A 172 -60.96 4.80 -22.48
N ILE A 173 -60.73 4.41 -23.73
CA ILE A 173 -60.32 3.05 -24.07
C ILE A 173 -59.06 3.10 -24.94
N LEU A 174 -58.00 2.43 -24.47
CA LEU A 174 -56.75 2.23 -25.21
C LEU A 174 -56.55 0.73 -25.45
N TRP A 175 -56.20 0.37 -26.69
CA TRP A 175 -55.83 -1.02 -27.02
C TRP A 175 -54.30 -1.13 -27.11
N LEU A 176 -53.75 -2.11 -26.39
CA LEU A 176 -52.30 -2.42 -26.43
C LEU A 176 -52.09 -3.79 -27.07
N ASP A 177 -51.00 -3.89 -27.82
CA ASP A 177 -50.59 -5.10 -28.54
C ASP A 177 -50.23 -6.29 -27.61
N TYR A 178 -49.83 -5.99 -26.38
CA TYR A 178 -49.38 -7.01 -25.42
C TYR A 178 -50.59 -7.71 -24.78
N LYS A 179 -50.60 -9.03 -24.91
CA LYS A 179 -51.75 -9.86 -24.54
C LYS A 179 -51.58 -10.42 -23.11
N ASN A 180 -50.43 -10.17 -22.50
CA ASN A 180 -50.12 -10.74 -21.19
C ASN A 180 -49.86 -9.63 -20.16
N ILE A 181 -50.22 -8.37 -20.51
CA ILE A 181 -49.88 -7.20 -19.67
C ILE A 181 -50.50 -7.35 -18.27
N CYS A 182 -51.70 -7.92 -18.21
CA CYS A 182 -52.46 -8.15 -16.97
C CYS A 182 -51.69 -9.01 -15.96
N LYS A 183 -50.92 -9.99 -16.46
CA LYS A 183 -50.21 -10.96 -15.60
C LYS A 183 -48.87 -10.41 -15.10
N VAL A 184 -48.24 -9.53 -15.87
CA VAL A 184 -46.90 -8.99 -15.53
C VAL A 184 -47.03 -7.73 -14.66
N VAL A 185 -48.10 -6.96 -14.87
CA VAL A 185 -48.38 -5.73 -14.10
C VAL A 185 -48.99 -6.11 -12.74
N GLU A 186 -48.78 -5.24 -11.74
CA GLU A 186 -49.38 -5.38 -10.40
C GLU A 186 -50.19 -4.12 -10.08
N VAL A 187 -50.90 -4.12 -8.95
CA VAL A 187 -51.63 -2.94 -8.48
C VAL A 187 -50.63 -1.97 -7.85
N GLY A 188 -50.58 -0.75 -8.40
CA GLY A 188 -49.60 0.26 -7.96
C GLY A 188 -48.46 0.45 -8.95
N SER A 189 -48.39 -0.43 -9.95
CA SER A 189 -47.40 -0.34 -11.04
C SER A 189 -47.75 0.82 -11.98
N LYS A 190 -46.71 1.46 -12.51
CA LYS A 190 -46.89 2.59 -13.43
C LYS A 190 -46.70 2.13 -14.88
N ILE A 191 -47.27 2.90 -15.80
CA ILE A 191 -47.18 2.64 -17.24
C ILE A 191 -46.80 3.95 -17.94
N TYR A 192 -45.82 3.87 -18.85
CA TYR A 192 -45.36 5.03 -19.63
C TYR A 192 -45.80 4.87 -21.10
N VAL A 193 -46.43 5.92 -21.63
CA VAL A 193 -46.92 5.90 -23.02
C VAL A 193 -46.18 6.99 -23.81
N ASP A 194 -45.49 6.55 -24.88
CA ASP A 194 -44.68 7.40 -25.77
C ASP A 194 -43.54 8.14 -25.05
N ASP A 195 -42.44 7.41 -24.84
CA ASP A 195 -41.18 7.92 -24.26
C ASP A 195 -41.32 8.70 -22.93
N GLY A 196 -42.31 8.27 -22.12
CA GLY A 196 -42.53 8.82 -20.79
C GLY A 196 -43.17 10.20 -20.81
N LEU A 197 -43.97 10.50 -21.83
CA LEU A 197 -44.72 11.76 -21.89
C LEU A 197 -45.95 11.67 -20.98
N ILE A 198 -46.70 10.57 -21.12
CA ILE A 198 -47.89 10.26 -20.31
C ILE A 198 -47.53 9.10 -19.37
N SER A 199 -47.94 9.22 -18.12
CA SER A 199 -47.82 8.14 -17.13
C SER A 199 -49.22 7.72 -16.63
N LEU A 200 -49.41 6.42 -16.43
CA LEU A 200 -50.66 5.89 -15.89
C LEU A 200 -50.37 5.03 -14.65
N GLN A 201 -51.02 5.37 -13.55
CA GLN A 201 -51.02 4.56 -12.33
C GLN A 201 -52.09 3.47 -12.47
N VAL A 202 -51.75 2.22 -12.15
CA VAL A 202 -52.73 1.12 -12.16
C VAL A 202 -53.57 1.22 -10.87
N LYS A 203 -54.88 1.35 -11.08
CA LYS A 203 -55.85 1.54 -9.99
C LYS A 203 -56.57 0.21 -9.72
N GLN A 204 -57.26 -0.32 -10.74
CA GLN A 204 -58.04 -1.57 -10.61
C GLN A 204 -57.52 -2.60 -11.62
N LYS A 205 -57.19 -3.80 -11.11
CA LYS A 205 -56.70 -4.90 -11.93
C LYS A 205 -57.84 -5.91 -12.14
N GLY A 206 -58.12 -6.20 -13.41
CA GLY A 206 -59.15 -7.16 -13.79
C GLY A 206 -58.68 -8.10 -14.89
N ALA A 207 -59.48 -9.13 -15.16
CA ALA A 207 -59.19 -10.08 -16.23
C ALA A 207 -59.50 -9.45 -17.59
N ASP A 208 -58.46 -9.32 -18.41
CA ASP A 208 -58.50 -8.72 -19.77
C ASP A 208 -58.77 -7.21 -19.88
N PHE A 209 -58.72 -6.50 -18.74
CA PHE A 209 -58.92 -5.05 -18.71
C PHE A 209 -58.15 -4.43 -17.52
N LEU A 210 -57.70 -3.19 -17.70
CA LEU A 210 -56.98 -2.44 -16.67
C LEU A 210 -57.63 -1.05 -16.50
N VAL A 211 -57.98 -0.69 -15.27
CA VAL A 211 -58.55 0.64 -14.98
C VAL A 211 -57.44 1.50 -14.32
N THR A 212 -57.14 2.63 -14.95
CA THR A 212 -55.91 3.38 -14.63
C THR A 212 -56.21 4.87 -14.43
N GLU A 213 -55.70 5.41 -13.33
CA GLU A 213 -55.63 6.86 -13.09
C GLU A 213 -54.58 7.48 -14.03
N VAL A 214 -54.71 8.78 -14.28
CA VAL A 214 -53.75 9.52 -15.11
C VAL A 214 -52.84 10.36 -14.19
N GLU A 215 -51.54 10.13 -14.34
CA GLU A 215 -50.49 10.70 -13.48
C GLU A 215 -49.89 11.96 -14.14
N ASN A 216 -49.75 11.93 -15.48
CA ASN A 216 -49.24 13.06 -16.26
C ASN A 216 -50.11 13.28 -17.49
N GLY A 217 -50.27 14.55 -17.87
CA GLY A 217 -51.07 14.95 -19.04
C GLY A 217 -50.18 15.22 -20.25
N GLY A 218 -50.64 14.76 -21.41
CA GLY A 218 -49.97 15.00 -22.70
C GLY A 218 -50.91 14.76 -23.88
N SER A 219 -50.34 14.41 -25.02
CA SER A 219 -51.11 14.09 -26.23
C SER A 219 -50.85 12.63 -26.65
N LEU A 220 -51.93 11.86 -26.76
CA LEU A 220 -51.90 10.49 -27.29
C LEU A 220 -51.98 10.56 -28.82
N GLY A 221 -50.99 9.97 -29.50
CA GLY A 221 -51.05 9.76 -30.95
C GLY A 221 -51.35 8.30 -31.28
N SER A 222 -51.16 7.92 -32.55
CA SER A 222 -51.36 6.53 -32.98
C SER A 222 -50.02 5.79 -33.07
N LYS A 223 -50.03 4.54 -32.60
CA LYS A 223 -48.87 3.62 -32.61
C LYS A 223 -47.70 4.22 -31.83
N LYS A 224 -47.88 4.32 -30.52
CA LYS A 224 -46.87 4.87 -29.60
C LYS A 224 -46.39 3.77 -28.65
N GLY A 225 -45.09 3.78 -28.34
CA GLY A 225 -44.44 2.68 -27.62
C GLY A 225 -44.71 2.72 -26.13
N VAL A 226 -44.80 1.52 -25.53
CA VAL A 226 -45.20 1.37 -24.12
C VAL A 226 -44.02 0.79 -23.30
N ASN A 227 -43.75 1.40 -22.14
CA ASN A 227 -42.68 0.96 -21.22
C ASN A 227 -43.27 0.74 -19.81
N LEU A 228 -42.92 -0.40 -19.18
CA LEU A 228 -43.54 -0.90 -17.92
C LEU A 228 -42.49 -1.01 -16.81
N PRO A 229 -42.10 0.11 -16.13
CA PRO A 229 -41.04 0.04 -15.09
C PRO A 229 -41.26 -1.04 -14.01
N GLY A 230 -40.17 -1.55 -13.45
CA GLY A 230 -40.20 -2.62 -12.44
C GLY A 230 -40.52 -3.99 -13.03
N ALA A 231 -41.42 -4.02 -14.02
CA ALA A 231 -42.09 -5.26 -14.45
C ALA A 231 -41.16 -6.18 -15.24
N ALA A 232 -41.13 -7.45 -14.84
CA ALA A 232 -40.33 -8.51 -15.48
C ALA A 232 -41.09 -9.07 -16.69
N VAL A 233 -41.01 -8.33 -17.80
CA VAL A 233 -41.79 -8.52 -19.05
C VAL A 233 -41.55 -9.95 -19.61
N ASP A 234 -42.56 -10.49 -20.31
CA ASP A 234 -42.53 -11.86 -20.87
C ASP A 234 -42.43 -12.00 -22.40
N LEU A 235 -42.22 -10.88 -23.11
CA LEU A 235 -42.06 -10.85 -24.59
C LEU A 235 -40.96 -11.81 -25.03
N PRO A 236 -41.00 -12.33 -26.28
CA PRO A 236 -39.97 -13.29 -26.72
C PRO A 236 -38.60 -12.61 -26.84
N ALA A 237 -37.52 -13.39 -26.98
CA ALA A 237 -36.15 -12.86 -27.06
C ALA A 237 -35.93 -12.15 -28.41
N VAL A 238 -36.39 -12.81 -29.48
CA VAL A 238 -36.31 -12.22 -30.81
C VAL A 238 -37.74 -12.16 -31.36
N SER A 239 -38.10 -11.01 -31.94
CA SER A 239 -39.37 -10.84 -32.65
C SER A 239 -39.32 -11.57 -34.00
N GLU A 240 -40.47 -11.68 -34.66
CA GLU A 240 -40.59 -12.33 -35.97
C GLU A 240 -39.85 -11.51 -37.03
N LYS A 241 -39.73 -10.20 -36.82
CA LYS A 241 -39.04 -9.31 -37.76
C LYS A 241 -37.52 -9.50 -37.67
N ASP A 242 -37.00 -9.58 -36.45
CA ASP A 242 -35.55 -9.66 -36.20
C ASP A 242 -34.90 -10.99 -36.57
N ILE A 243 -35.67 -12.10 -36.57
CA ILE A 243 -35.22 -13.42 -37.13
C ILE A 243 -34.86 -13.21 -38.61
N GLN A 244 -35.52 -12.25 -39.27
CA GLN A 244 -35.28 -11.97 -40.67
C GLN A 244 -34.07 -11.04 -40.85
N ASP A 245 -33.88 -10.10 -39.93
CA ASP A 245 -32.75 -9.17 -39.98
C ASP A 245 -31.40 -9.83 -39.59
N LEU A 246 -31.43 -10.64 -38.53
CA LEU A 246 -30.29 -11.47 -38.14
C LEU A 246 -29.89 -12.40 -39.27
N LYS A 247 -30.84 -12.84 -40.09
CA LYS A 247 -30.53 -13.72 -41.23
C LYS A 247 -29.91 -12.91 -42.37
N PHE A 248 -30.37 -11.66 -42.54
CA PHE A 248 -29.87 -10.76 -43.59
C PHE A 248 -28.40 -10.36 -43.32
N GLY A 249 -28.07 -10.14 -42.04
CA GLY A 249 -26.73 -9.73 -41.61
C GLY A 249 -25.68 -10.82 -41.80
N VAL A 250 -26.00 -12.06 -41.44
CA VAL A 250 -25.13 -13.25 -41.71
C VAL A 250 -24.83 -13.36 -43.21
N GLU A 251 -25.82 -13.10 -44.06
CA GLU A 251 -25.68 -13.14 -45.53
C GLU A 251 -24.87 -11.94 -46.04
N GLN A 252 -24.95 -10.81 -45.34
CA GLN A 252 -24.26 -9.58 -45.77
C GLN A 252 -22.86 -9.48 -45.15
N ASP A 253 -22.48 -10.45 -44.31
CA ASP A 253 -21.14 -10.55 -43.68
C ASP A 253 -20.74 -9.34 -42.77
N VAL A 254 -21.55 -9.13 -41.74
CA VAL A 254 -21.38 -8.00 -40.81
C VAL A 254 -20.39 -8.41 -39.72
N ASP A 255 -19.80 -7.43 -39.03
CA ASP A 255 -18.79 -7.79 -38.04
C ASP A 255 -19.31 -8.06 -36.67
N MET A 256 -20.38 -7.39 -36.29
CA MET A 256 -20.95 -7.58 -34.97
C MET A 256 -22.44 -7.23 -34.99
N VAL A 257 -23.21 -7.81 -34.05
CA VAL A 257 -24.67 -7.57 -33.95
C VAL A 257 -24.96 -6.91 -32.60
N PHE A 258 -25.64 -5.76 -32.61
CA PHE A 258 -26.16 -5.17 -31.38
C PHE A 258 -27.56 -5.70 -31.08
N ALA A 259 -27.69 -6.43 -29.96
CA ALA A 259 -28.94 -7.11 -29.57
C ALA A 259 -29.73 -6.26 -28.57
N SER A 260 -30.93 -5.85 -28.98
CA SER A 260 -31.80 -4.95 -28.20
C SER A 260 -32.57 -5.74 -27.13
N PHE A 261 -32.84 -5.05 -26.02
CA PHE A 261 -33.79 -5.47 -24.97
C PHE A 261 -33.44 -6.86 -24.39
N ILE A 262 -32.16 -7.05 -24.06
CA ILE A 262 -31.68 -8.25 -23.38
C ILE A 262 -32.14 -8.19 -21.93
N ARG A 263 -32.71 -9.28 -21.39
CA ARG A 263 -33.24 -9.26 -20.00
C ARG A 263 -32.65 -10.39 -19.16
N LYS A 264 -32.18 -11.45 -19.80
CA LYS A 264 -31.64 -12.65 -19.09
C LYS A 264 -30.60 -13.36 -19.96
N ALA A 265 -29.86 -14.28 -19.36
CA ALA A 265 -28.81 -15.00 -20.07
C ALA A 265 -29.40 -15.99 -21.09
N SER A 266 -30.68 -16.33 -20.95
CA SER A 266 -31.33 -17.21 -21.95
C SER A 266 -31.60 -16.47 -23.28
N ASP A 267 -31.85 -15.15 -23.21
CA ASP A 267 -32.12 -14.29 -24.40
C ASP A 267 -30.92 -14.22 -25.37
N VAL A 268 -29.73 -14.09 -24.78
CA VAL A 268 -28.45 -14.07 -25.48
C VAL A 268 -28.28 -15.42 -26.18
N HIS A 269 -28.49 -16.52 -25.48
CA HIS A 269 -28.42 -17.88 -26.07
C HIS A 269 -29.35 -18.06 -27.28
N GLU A 270 -30.53 -17.42 -27.26
CA GLU A 270 -31.51 -17.49 -28.35
C GLU A 270 -30.94 -16.89 -29.65
N VAL A 271 -30.34 -15.70 -29.55
CA VAL A 271 -29.74 -14.94 -30.68
C VAL A 271 -28.63 -15.78 -31.34
N ARG A 272 -27.85 -16.48 -30.51
CA ARG A 272 -26.71 -17.26 -30.92
C ARG A 272 -27.17 -18.45 -31.78
N LYS A 273 -28.38 -18.96 -31.52
CA LYS A 273 -28.96 -20.09 -32.29
C LYS A 273 -29.43 -19.61 -33.68
N VAL A 274 -29.89 -18.37 -33.78
CA VAL A 274 -30.46 -17.82 -35.01
C VAL A 274 -29.33 -17.44 -35.99
N LEU A 275 -28.19 -17.01 -35.47
CA LEU A 275 -26.99 -16.69 -36.29
C LEU A 275 -26.44 -18.00 -36.88
N GLY A 276 -26.72 -19.11 -36.19
CA GLY A 276 -26.46 -20.46 -36.68
C GLY A 276 -25.02 -20.90 -36.42
N GLU A 277 -24.44 -21.59 -37.39
CA GLU A 277 -23.05 -22.03 -37.35
C GLU A 277 -22.32 -21.46 -38.56
N LYS A 278 -22.93 -20.45 -39.18
CA LYS A 278 -22.38 -19.79 -40.35
C LYS A 278 -22.05 -18.33 -39.98
N GLY A 279 -22.63 -17.87 -38.86
CA GLY A 279 -22.28 -16.60 -38.27
C GLY A 279 -21.71 -16.76 -36.87
N LYS A 280 -20.97 -17.85 -36.66
CA LYS A 280 -20.47 -18.23 -35.34
C LYS A 280 -19.30 -17.33 -34.90
N ASN A 281 -18.81 -16.46 -35.78
CA ASN A 281 -17.70 -15.57 -35.44
C ASN A 281 -18.22 -14.17 -35.10
N ILE A 282 -19.48 -13.93 -35.45
CA ILE A 282 -20.06 -12.61 -35.31
C ILE A 282 -20.19 -12.26 -33.83
N LYS A 283 -19.64 -11.10 -33.41
CA LYS A 283 -19.65 -10.71 -31.98
C LYS A 283 -21.06 -10.26 -31.55
N ILE A 284 -21.64 -10.85 -30.48
CA ILE A 284 -22.96 -10.37 -29.90
C ILE A 284 -22.71 -9.38 -28.75
N ILE A 285 -23.21 -8.16 -28.94
CA ILE A 285 -23.17 -7.13 -27.91
C ILE A 285 -24.60 -6.97 -27.36
N SER A 286 -24.77 -7.18 -26.06
CA SER A 286 -26.07 -7.11 -25.39
C SER A 286 -26.37 -5.66 -24.99
N LYS A 287 -27.48 -5.08 -25.48
CA LYS A 287 -27.94 -3.75 -24.99
C LYS A 287 -28.68 -3.91 -23.64
N ILE A 288 -28.32 -3.11 -22.63
CA ILE A 288 -29.00 -3.13 -21.33
C ILE A 288 -29.94 -1.93 -21.27
N GLU A 289 -31.25 -2.16 -21.07
CA GLU A 289 -32.22 -1.05 -21.17
C GLU A 289 -33.50 -1.29 -20.35
N ASN A 290 -33.37 -1.84 -19.14
CA ASN A 290 -34.48 -1.89 -18.11
C ASN A 290 -33.95 -2.43 -16.77
N HIS A 291 -34.73 -2.22 -15.71
CA HIS A 291 -34.39 -2.59 -14.32
C HIS A 291 -33.93 -4.05 -14.23
N GLU A 292 -34.53 -4.93 -15.04
CA GLU A 292 -34.33 -6.38 -14.90
C GLU A 292 -32.94 -6.77 -15.39
N GLY A 293 -32.60 -6.35 -16.61
CA GLY A 293 -31.27 -6.54 -17.21
C GLY A 293 -30.15 -5.95 -16.36
N VAL A 294 -30.44 -4.86 -15.62
CA VAL A 294 -29.49 -4.30 -14.65
C VAL A 294 -29.34 -5.26 -13.46
N ARG A 295 -30.46 -5.77 -12.94
CA ARG A 295 -30.44 -6.61 -11.74
C ARG A 295 -29.80 -7.97 -12.05
N ARG A 296 -29.94 -8.43 -13.28
CA ARG A 296 -29.45 -9.75 -13.66
C ARG A 296 -28.18 -9.64 -14.51
N PHE A 297 -27.37 -8.59 -14.26
CA PHE A 297 -26.26 -8.15 -15.15
C PHE A 297 -25.20 -9.26 -15.31
N ASP A 298 -24.69 -9.74 -14.18
CA ASP A 298 -23.64 -10.76 -14.11
C ASP A 298 -23.86 -12.04 -14.90
N GLU A 299 -25.11 -12.47 -15.06
CA GLU A 299 -25.37 -13.69 -15.88
C GLU A 299 -25.33 -13.35 -17.38
N ILE A 300 -25.71 -12.13 -17.76
CA ILE A 300 -25.68 -11.67 -19.17
C ILE A 300 -24.22 -11.49 -19.63
N LEU A 301 -23.46 -10.67 -18.91
CA LEU A 301 -22.02 -10.44 -19.15
C LEU A 301 -21.33 -11.74 -19.56
N GLU A 302 -21.50 -12.79 -18.75
CA GLU A 302 -20.88 -14.11 -18.99
C GLU A 302 -21.30 -14.71 -20.34
N ALA A 303 -22.57 -14.57 -20.72
CA ALA A 303 -23.06 -15.18 -21.99
C ALA A 303 -22.67 -14.35 -23.23
N SER A 304 -22.29 -13.07 -23.06
CA SER A 304 -22.16 -12.09 -24.19
C SER A 304 -20.70 -11.98 -24.69
N ASP A 305 -20.50 -11.27 -25.79
CA ASP A 305 -19.14 -10.87 -26.20
C ASP A 305 -18.74 -9.43 -25.80
N GLY A 306 -19.69 -8.67 -25.28
CA GLY A 306 -19.49 -7.27 -24.85
C GLY A 306 -20.82 -6.63 -24.50
N ILE A 307 -20.78 -5.48 -23.81
CA ILE A 307 -22.00 -4.80 -23.34
C ILE A 307 -22.11 -3.42 -23.99
N MET A 308 -23.36 -2.95 -24.18
CA MET A 308 -23.61 -1.55 -24.53
C MET A 308 -24.59 -0.97 -23.51
N VAL A 309 -24.22 0.18 -22.96
CA VAL A 309 -24.99 0.92 -21.95
C VAL A 309 -25.80 2.01 -22.68
N ALA A 310 -26.99 1.61 -23.11
CA ALA A 310 -27.87 2.46 -23.92
C ALA A 310 -28.48 3.55 -23.03
N ARG A 311 -27.82 4.71 -22.96
CA ARG A 311 -28.08 5.66 -21.88
C ARG A 311 -29.41 6.41 -22.07
N GLY A 312 -29.83 6.64 -23.32
CA GLY A 312 -31.14 7.24 -23.60
C GLY A 312 -32.28 6.35 -23.13
N ASP A 313 -32.32 5.14 -23.69
CA ASP A 313 -33.30 4.08 -23.34
C ASP A 313 -33.43 3.75 -21.83
N LEU A 314 -32.30 3.66 -21.13
CA LEU A 314 -32.25 3.31 -19.72
C LEU A 314 -32.85 4.43 -18.87
N GLY A 315 -32.86 5.65 -19.40
CA GLY A 315 -33.31 6.84 -18.66
C GLY A 315 -34.82 7.12 -18.78
N ILE A 316 -35.53 6.27 -19.52
CA ILE A 316 -37.01 6.31 -19.54
C ILE A 316 -37.54 5.44 -18.39
N GLU A 317 -36.96 4.25 -18.23
CA GLU A 317 -37.44 3.26 -17.27
C GLU A 317 -36.91 3.56 -15.86
N ILE A 318 -35.63 3.90 -15.74
CA ILE A 318 -34.97 4.19 -14.45
C ILE A 318 -35.03 5.70 -14.20
N PRO A 319 -35.20 6.17 -12.93
CA PRO A 319 -35.11 7.62 -12.59
C PRO A 319 -33.74 8.22 -12.96
N ALA A 320 -33.75 9.49 -13.34
CA ALA A 320 -32.63 10.18 -14.02
C ALA A 320 -31.32 10.14 -13.21
N GLU A 321 -31.43 10.31 -11.90
CA GLU A 321 -30.28 10.43 -10.99
C GLU A 321 -29.73 9.05 -10.58
N LYS A 322 -30.40 7.97 -10.99
CA LYS A 322 -29.92 6.62 -10.71
C LYS A 322 -29.18 6.06 -11.93
N VAL A 323 -29.45 6.62 -13.11
CA VAL A 323 -28.86 6.12 -14.37
C VAL A 323 -27.35 6.36 -14.31
N PHE A 324 -27.00 7.49 -13.73
CA PHE A 324 -25.64 7.90 -13.43
C PHE A 324 -24.84 6.77 -12.75
N LEU A 325 -25.39 6.15 -11.71
CA LEU A 325 -24.69 5.10 -10.93
C LEU A 325 -24.67 3.78 -11.69
N ALA A 326 -25.73 3.47 -12.44
CA ALA A 326 -25.90 2.18 -13.13
C ALA A 326 -24.87 2.02 -14.27
N GLN A 327 -24.72 3.04 -15.14
CA GLN A 327 -23.46 3.24 -15.89
C GLN A 327 -22.36 3.40 -14.82
N LYS A 328 -21.11 3.10 -14.92
CA LYS A 328 -20.18 3.14 -13.73
C LYS A 328 -20.16 1.76 -13.09
N MET A 329 -21.29 1.28 -12.58
CA MET A 329 -21.30 -0.11 -12.07
C MET A 329 -21.02 -1.06 -13.25
N MET A 330 -21.65 -0.84 -14.40
CA MET A 330 -21.49 -1.75 -15.52
C MET A 330 -20.11 -1.56 -16.20
N ILE A 331 -19.58 -0.34 -16.32
CA ILE A 331 -18.24 -0.17 -16.92
C ILE A 331 -17.19 -0.82 -16.00
N GLY A 332 -17.35 -0.63 -14.70
CA GLY A 332 -16.48 -1.26 -13.71
C GLY A 332 -16.40 -2.77 -13.87
N ARG A 333 -17.54 -3.43 -14.08
CA ARG A 333 -17.60 -4.91 -14.06
C ARG A 333 -17.02 -5.45 -15.37
N CYS A 334 -17.26 -4.75 -16.47
CA CYS A 334 -16.70 -5.06 -17.80
C CYS A 334 -15.16 -4.90 -17.83
N ASN A 335 -14.59 -3.95 -17.08
CA ASN A 335 -13.13 -3.82 -17.02
C ASN A 335 -12.53 -5.01 -16.25
N ARG A 336 -13.21 -5.45 -15.19
CA ARG A 336 -12.71 -6.49 -14.30
C ARG A 336 -12.79 -7.86 -14.99
N ALA A 337 -13.70 -8.02 -15.95
CA ALA A 337 -13.90 -9.34 -16.59
C ALA A 337 -13.07 -9.44 -17.89
N GLY A 338 -12.43 -8.34 -18.29
CA GLY A 338 -11.70 -8.24 -19.56
C GLY A 338 -12.62 -8.32 -20.77
N LYS A 339 -13.76 -7.62 -20.73
CA LYS A 339 -14.74 -7.62 -21.83
C LYS A 339 -15.06 -6.19 -22.22
N PRO A 340 -15.13 -5.90 -23.54
CA PRO A 340 -15.38 -4.52 -24.05
C PRO A 340 -16.81 -4.00 -23.78
N VAL A 341 -16.87 -2.70 -23.48
CA VAL A 341 -18.08 -2.01 -23.14
C VAL A 341 -18.17 -0.68 -23.92
N ILE A 342 -19.12 -0.66 -24.86
CA ILE A 342 -19.51 0.52 -25.67
C ILE A 342 -20.41 1.40 -24.82
N CYS A 343 -20.33 2.70 -25.00
CA CYS A 343 -21.24 3.56 -24.24
C CYS A 343 -21.84 4.63 -25.17
N ALA A 344 -23.18 4.67 -25.25
CA ALA A 344 -23.84 5.50 -26.28
C ALA A 344 -24.19 6.90 -25.73
N THR A 345 -23.59 7.91 -26.34
CA THR A 345 -23.54 9.28 -25.80
C THR A 345 -24.34 10.24 -26.69
N GLN A 346 -24.24 11.54 -26.39
CA GLN A 346 -24.83 12.60 -27.21
C GLN A 346 -24.03 13.91 -27.04
N MET A 347 -24.28 14.84 -27.96
CA MET A 347 -23.87 16.21 -27.81
C MET A 347 -24.92 16.97 -26.99
N LEU A 348 -24.46 17.83 -26.07
CA LEU A 348 -25.33 18.68 -25.24
C LEU A 348 -25.07 20.16 -25.57
N GLU A 349 -26.05 21.01 -25.30
CA GLU A 349 -25.93 22.48 -25.39
C GLU A 349 -26.46 23.11 -24.09
N SER A 350 -26.10 24.38 -23.85
CA SER A 350 -26.53 25.14 -22.65
C SER A 350 -28.05 25.38 -22.69
N MET A 351 -28.69 25.36 -21.52
CA MET A 351 -30.17 25.44 -21.41
C MET A 351 -30.65 26.88 -21.71
N ILE A 352 -30.10 27.87 -21.01
CA ILE A 352 -30.38 29.30 -21.29
C ILE A 352 -29.45 29.73 -22.43
N LYS A 353 -30.03 29.99 -23.61
CA LYS A 353 -29.27 30.32 -24.82
C LYS A 353 -29.65 31.71 -25.36
N LYS A 354 -28.76 32.67 -25.10
CA LYS A 354 -28.84 34.02 -25.66
C LYS A 354 -27.88 34.14 -26.85
N PRO A 355 -26.61 33.64 -26.75
CA PRO A 355 -25.66 33.74 -27.88
C PRO A 355 -26.04 32.85 -29.08
N ARG A 356 -25.47 33.19 -30.24
CA ARG A 356 -25.80 32.55 -31.53
C ARG A 356 -25.09 31.19 -31.67
N PRO A 357 -23.80 31.05 -31.25
CA PRO A 357 -23.10 29.75 -31.39
C PRO A 357 -23.75 28.61 -30.58
N THR A 358 -23.67 27.40 -31.13
CA THR A 358 -24.28 26.20 -30.53
C THR A 358 -23.49 25.79 -29.27
N ARG A 359 -22.17 25.98 -29.30
CA ARG A 359 -21.24 25.64 -28.21
C ARG A 359 -21.43 24.17 -27.79
N ALA A 360 -21.14 23.27 -28.72
CA ALA A 360 -21.34 21.83 -28.55
C ALA A 360 -20.55 21.33 -27.33
N GLU A 361 -21.29 21.12 -26.23
CA GLU A 361 -20.73 20.76 -24.91
C GLU A 361 -20.55 19.23 -24.83
N GLY A 362 -19.29 18.80 -24.74
CA GLY A 362 -18.95 17.37 -24.79
C GLY A 362 -18.49 16.82 -23.45
N SER A 363 -19.12 17.27 -22.36
CA SER A 363 -18.86 16.73 -21.02
C SER A 363 -19.33 15.28 -20.91
N ASP A 364 -20.49 14.98 -21.51
CA ASP A 364 -21.06 13.63 -21.65
C ASP A 364 -20.10 12.57 -22.22
N VAL A 365 -19.35 12.97 -23.25
CA VAL A 365 -18.38 12.15 -23.99
C VAL A 365 -17.12 11.93 -23.13
N ALA A 366 -16.56 13.03 -22.60
CA ALA A 366 -15.35 13.00 -21.74
C ALA A 366 -15.57 12.14 -20.49
N ASN A 367 -16.80 12.15 -19.97
CA ASN A 367 -17.14 11.40 -18.74
C ASN A 367 -16.86 9.92 -18.96
N ALA A 368 -17.47 9.38 -20.01
CA ALA A 368 -17.40 7.97 -20.37
C ALA A 368 -15.93 7.55 -20.61
N VAL A 369 -15.14 8.36 -21.34
CA VAL A 369 -13.73 8.01 -21.58
C VAL A 369 -13.04 7.79 -20.22
N LEU A 370 -13.38 8.60 -19.22
CA LEU A 370 -12.71 8.58 -17.93
C LEU A 370 -13.18 7.37 -17.12
N ASP A 371 -14.49 7.08 -17.21
CA ASP A 371 -15.09 5.92 -16.51
C ASP A 371 -14.46 4.61 -16.95
N GLY A 372 -13.84 4.61 -18.15
CA GLY A 372 -13.13 3.45 -18.66
C GLY A 372 -13.90 2.68 -19.73
N ALA A 373 -14.77 3.38 -20.47
CA ALA A 373 -15.38 2.87 -21.71
C ALA A 373 -14.30 2.53 -22.75
N ASP A 374 -14.62 1.55 -23.62
CA ASP A 374 -13.76 1.12 -24.74
C ASP A 374 -14.04 1.81 -26.10
N CYS A 375 -15.31 1.97 -26.50
CA CYS A 375 -15.65 2.86 -27.63
C CYS A 375 -16.77 3.81 -27.21
N ILE A 376 -16.93 4.92 -27.92
CA ILE A 376 -18.08 5.81 -27.67
C ILE A 376 -18.91 5.91 -28.96
N MET A 377 -20.21 6.14 -28.81
CA MET A 377 -21.12 6.17 -29.98
C MET A 377 -21.82 7.53 -30.11
N LEU A 378 -22.00 7.98 -31.36
CA LEU A 378 -22.83 9.15 -31.70
C LEU A 378 -23.93 8.77 -32.70
N SER A 379 -25.20 8.92 -32.26
CA SER A 379 -26.41 8.49 -33.00
C SER A 379 -26.83 9.55 -34.02
N GLY A 380 -27.74 10.45 -33.61
CA GLY A 380 -28.44 11.40 -34.51
C GLY A 380 -27.50 12.30 -35.29
N GLU A 381 -26.48 12.83 -34.60
CA GLU A 381 -25.51 13.83 -35.10
C GLU A 381 -24.87 13.41 -36.42
N THR A 382 -24.90 12.11 -36.75
CA THR A 382 -24.18 11.59 -37.92
C THR A 382 -25.16 10.98 -38.94
N ALA A 383 -26.39 10.71 -38.49
CA ALA A 383 -27.37 10.02 -39.33
C ALA A 383 -28.18 11.04 -40.17
N LYS A 384 -28.77 12.04 -39.51
CA LYS A 384 -29.74 12.95 -40.13
C LYS A 384 -29.29 14.41 -39.97
N GLY A 385 -28.36 14.67 -39.04
CA GLY A 385 -27.85 16.04 -38.73
C GLY A 385 -27.20 16.72 -39.93
N ASP A 386 -26.95 18.02 -39.79
CA ASP A 386 -26.46 18.86 -40.90
C ASP A 386 -24.94 18.91 -41.09
N TYR A 387 -24.18 18.72 -40.00
CA TYR A 387 -22.72 18.79 -40.03
C TYR A 387 -22.11 17.47 -39.53
N PRO A 388 -22.13 16.39 -40.34
CA PRO A 388 -21.61 15.09 -39.84
C PRO A 388 -20.09 15.10 -39.57
N LEU A 389 -19.26 15.54 -40.52
CA LEU A 389 -17.79 15.60 -40.35
C LEU A 389 -17.41 16.31 -39.04
N GLU A 390 -18.11 17.41 -38.71
CA GLU A 390 -17.76 18.24 -37.56
C GLU A 390 -17.92 17.43 -36.26
N ALA A 391 -18.88 16.52 -36.25
CA ALA A 391 -19.21 15.73 -35.07
C ALA A 391 -18.15 14.65 -34.84
N VAL A 392 -17.71 13.98 -35.91
CA VAL A 392 -16.61 12.98 -35.81
C VAL A 392 -15.33 13.68 -35.36
N ARG A 393 -15.08 14.89 -35.85
CA ARG A 393 -13.87 15.61 -35.48
C ARG A 393 -13.92 16.03 -34.00
N MET A 394 -15.12 16.12 -33.44
CA MET A 394 -15.27 16.54 -32.06
C MET A 394 -15.01 15.36 -31.11
N GLN A 395 -15.68 14.24 -31.37
CA GLN A 395 -15.49 12.96 -30.68
C GLN A 395 -13.98 12.64 -30.56
N HIS A 396 -13.26 12.73 -31.69
CA HIS A 396 -11.83 12.49 -31.77
C HIS A 396 -11.08 13.43 -30.80
N LEU A 397 -11.23 14.74 -30.97
CA LEU A 397 -10.44 15.72 -30.22
C LEU A 397 -10.67 15.59 -28.70
N ILE A 398 -11.94 15.38 -28.28
CA ILE A 398 -12.27 15.15 -26.85
C ILE A 398 -11.59 13.86 -26.36
N ALA A 399 -11.82 12.76 -27.08
CA ALA A 399 -11.38 11.42 -26.65
C ALA A 399 -9.88 11.42 -26.37
N ARG A 400 -9.11 11.99 -27.31
CA ARG A 400 -7.66 12.11 -27.24
C ARG A 400 -7.25 12.83 -25.95
N GLU A 401 -7.81 14.02 -25.74
CA GLU A 401 -7.37 14.92 -24.67
C GLU A 401 -7.70 14.33 -23.28
N ALA A 402 -8.83 13.64 -23.15
CA ALA A 402 -9.33 13.24 -21.81
C ALA A 402 -8.59 12.01 -21.27
N GLU A 403 -7.69 11.41 -22.06
CA GLU A 403 -6.86 10.30 -21.61
C GLU A 403 -5.74 10.83 -20.67
N ALA A 404 -5.47 12.13 -20.72
CA ALA A 404 -4.48 12.80 -19.86
C ALA A 404 -4.84 12.68 -18.37
N ALA A 405 -6.12 12.80 -18.02
CA ALA A 405 -6.59 12.94 -16.61
C ALA A 405 -6.73 11.60 -15.87
N ILE A 406 -6.69 10.45 -16.56
CA ILE A 406 -6.77 9.12 -15.90
C ILE A 406 -5.47 8.86 -15.12
N TYR A 407 -5.60 8.33 -13.91
CA TYR A 407 -4.43 7.83 -13.16
C TYR A 407 -4.20 6.36 -13.54
N HIS A 408 -3.47 6.20 -14.65
CA HIS A 408 -3.29 4.93 -15.38
C HIS A 408 -2.51 3.91 -14.55
N LEU A 409 -1.64 4.40 -13.67
CA LEU A 409 -0.81 3.55 -12.82
C LEU A 409 -1.70 2.80 -11.82
N GLN A 410 -2.59 3.52 -11.10
CA GLN A 410 -3.47 2.86 -10.12
C GLN A 410 -4.34 1.79 -10.78
N LEU A 411 -4.89 2.09 -11.97
CA LEU A 411 -5.72 1.16 -12.74
C LEU A 411 -4.96 -0.14 -13.05
N PHE A 412 -3.72 0.04 -13.50
CA PHE A 412 -2.88 -1.03 -14.06
C PHE A 412 -2.49 -2.05 -12.97
N GLU A 413 -1.95 -1.57 -11.85
CA GLU A 413 -1.68 -2.38 -10.65
C GLU A 413 -2.93 -3.17 -10.27
N GLU A 414 -4.07 -2.43 -10.16
CA GLU A 414 -5.35 -2.93 -9.68
C GLU A 414 -5.82 -4.14 -10.49
N LEU A 415 -5.67 -4.08 -11.83
CA LEU A 415 -6.09 -5.19 -12.74
C LEU A 415 -5.19 -6.41 -12.57
N ARG A 416 -3.93 -6.19 -12.19
CA ARG A 416 -2.94 -7.28 -12.08
C ARG A 416 -3.15 -8.08 -10.78
N ARG A 417 -3.65 -7.43 -9.73
CA ARG A 417 -3.93 -8.08 -8.45
C ARG A 417 -5.12 -9.05 -8.60
N LEU A 418 -6.19 -8.61 -9.27
CA LEU A 418 -7.38 -9.49 -9.45
C LEU A 418 -7.24 -10.37 -10.70
N ALA A 419 -6.09 -11.01 -10.82
CA ALA A 419 -5.82 -11.98 -11.87
C ALA A 419 -5.40 -13.32 -11.22
N PRO A 420 -6.03 -14.44 -11.65
CA PRO A 420 -5.78 -15.77 -11.07
C PRO A 420 -4.52 -16.47 -11.62
N ILE A 421 -3.80 -17.17 -10.73
CA ILE A 421 -2.71 -18.09 -11.12
C ILE A 421 -3.30 -19.22 -11.98
N THR A 422 -2.70 -19.45 -13.15
CA THR A 422 -3.10 -20.55 -14.07
C THR A 422 -1.82 -21.27 -14.53
N SER A 423 -1.98 -22.22 -15.46
CA SER A 423 -0.84 -22.89 -16.10
C SER A 423 -0.83 -22.62 -17.61
N ASP A 424 -1.80 -21.84 -18.11
CA ASP A 424 -1.87 -21.44 -19.52
C ASP A 424 -0.62 -20.62 -20.00
N PRO A 425 0.24 -21.23 -20.84
CA PRO A 425 1.42 -20.52 -21.36
C PRO A 425 1.13 -19.11 -21.89
N THR A 426 -0.03 -18.91 -22.51
CA THR A 426 -0.34 -17.66 -23.19
C THR A 426 -0.52 -16.49 -22.21
N GLU A 427 -1.28 -16.75 -21.14
CA GLU A 427 -1.50 -15.82 -20.03
C GLU A 427 -0.16 -15.38 -19.41
N ALA A 428 0.80 -16.28 -19.29
CA ALA A 428 2.07 -15.99 -18.68
C ALA A 428 2.92 -15.18 -19.68
N THR A 429 2.82 -15.49 -20.97
CA THR A 429 3.56 -14.70 -21.95
C THR A 429 3.11 -13.24 -21.83
N ALA A 430 1.79 -13.01 -21.67
CA ALA A 430 1.17 -11.66 -21.75
C ALA A 430 1.57 -10.76 -20.56
N VAL A 431 1.51 -11.35 -19.38
CA VAL A 431 1.98 -10.70 -18.15
C VAL A 431 3.47 -10.37 -18.25
N GLY A 432 4.31 -11.31 -18.66
CA GLY A 432 5.69 -11.00 -19.04
C GLY A 432 5.82 -9.80 -19.97
N ALA A 433 5.08 -9.79 -21.09
CA ALA A 433 5.25 -8.71 -22.10
C ALA A 433 4.97 -7.31 -21.49
N VAL A 434 3.99 -7.24 -20.61
CA VAL A 434 3.44 -5.98 -20.13
C VAL A 434 4.41 -5.38 -19.10
N GLU A 435 4.88 -6.20 -18.16
CA GLU A 435 5.94 -5.83 -17.23
C GLU A 435 7.23 -5.50 -17.97
N ALA A 436 7.72 -6.31 -18.90
CA ALA A 436 8.97 -5.92 -19.66
C ALA A 436 8.83 -4.47 -20.15
N SER A 437 7.60 -4.11 -20.56
CA SER A 437 7.36 -2.93 -21.37
C SER A 437 7.43 -1.67 -20.52
N PHE A 438 6.94 -1.72 -19.29
CA PHE A 438 7.19 -0.64 -18.30
C PHE A 438 8.70 -0.37 -18.23
N LYS A 439 9.43 -1.39 -17.82
CA LYS A 439 10.83 -1.32 -17.46
C LYS A 439 11.71 -0.72 -18.58
N CYS A 440 11.44 -1.02 -19.85
CA CYS A 440 12.34 -0.50 -20.90
C CYS A 440 11.74 0.76 -21.55
N CYS A 441 10.54 1.15 -21.09
CA CYS A 441 9.73 2.23 -21.68
C CYS A 441 9.53 2.00 -23.19
N SER A 442 9.22 0.76 -23.61
CA SER A 442 8.99 0.44 -25.05
C SER A 442 7.87 1.31 -25.66
N GLY A 443 7.99 1.51 -26.96
CA GLY A 443 7.06 2.32 -27.70
C GLY A 443 5.96 1.51 -28.36
N ALA A 444 6.07 0.17 -28.39
CA ALA A 444 4.97 -0.65 -28.93
C ALA A 444 5.12 -2.13 -28.52
N ILE A 445 3.98 -2.84 -28.48
CA ILE A 445 3.96 -4.31 -28.31
C ILE A 445 3.39 -4.96 -29.58
N ILE A 446 4.21 -5.60 -30.37
CA ILE A 446 3.70 -6.20 -31.63
C ILE A 446 3.13 -7.60 -31.33
N VAL A 447 1.94 -7.98 -31.76
CA VAL A 447 1.44 -9.35 -31.43
C VAL A 447 0.95 -10.04 -32.71
N LEU A 448 1.42 -11.24 -33.08
CA LEU A 448 0.82 -11.92 -34.29
C LEU A 448 -0.39 -12.69 -33.79
N THR A 449 -1.48 -12.66 -34.53
CA THR A 449 -2.75 -13.26 -34.07
C THR A 449 -3.59 -13.76 -35.26
N LYS A 450 -4.37 -14.82 -35.08
CA LYS A 450 -5.31 -15.26 -36.13
C LYS A 450 -6.75 -14.91 -35.70
N SER A 451 -7.18 -15.37 -34.52
CA SER A 451 -8.54 -15.12 -34.02
C SER A 451 -8.66 -13.77 -33.29
N GLY A 452 -7.53 -13.16 -32.93
CA GLY A 452 -7.50 -11.96 -32.15
C GLY A 452 -7.23 -12.24 -30.69
N ARG A 453 -7.33 -13.51 -30.26
CA ARG A 453 -7.32 -13.86 -28.83
C ARG A 453 -6.03 -13.42 -28.10
N SER A 454 -4.84 -13.57 -28.71
CA SER A 454 -3.56 -13.19 -28.05
C SER A 454 -3.45 -11.67 -27.80
N ALA A 455 -3.85 -10.84 -28.78
CA ALA A 455 -3.95 -9.39 -28.50
C ALA A 455 -4.98 -9.14 -27.41
N HIS A 456 -6.16 -9.80 -27.42
CA HIS A 456 -7.14 -9.54 -26.31
C HIS A 456 -6.49 -9.75 -24.94
N GLN A 457 -5.67 -10.78 -24.71
CA GLN A 457 -5.10 -11.03 -23.34
C GLN A 457 -4.14 -9.89 -22.91
N VAL A 458 -3.43 -9.29 -23.85
CA VAL A 458 -2.46 -8.25 -23.50
C VAL A 458 -3.23 -6.98 -23.08
N ALA A 459 -4.28 -6.66 -23.83
CA ALA A 459 -5.05 -5.43 -23.71
C ALA A 459 -5.86 -5.44 -22.41
N ARG A 460 -6.18 -6.60 -21.85
CA ARG A 460 -6.91 -6.59 -20.58
C ARG A 460 -6.07 -5.96 -19.44
N TYR A 461 -4.76 -5.82 -19.55
CA TYR A 461 -3.95 -5.15 -18.49
C TYR A 461 -3.93 -3.61 -18.63
N ARG A 462 -4.21 -3.10 -19.83
CA ARG A 462 -4.16 -1.62 -20.13
C ARG A 462 -2.72 -1.06 -20.04
N PRO A 463 -1.73 -1.71 -20.70
CA PRO A 463 -0.35 -1.15 -20.77
C PRO A 463 -0.29 0.28 -21.31
N ARG A 464 0.78 1.00 -21.06
CA ARG A 464 0.92 2.37 -21.59
C ARG A 464 1.16 2.31 -23.09
N ALA A 465 1.83 1.27 -23.55
CA ALA A 465 2.30 1.26 -24.94
C ALA A 465 1.16 0.79 -25.84
N PRO A 466 1.01 1.36 -27.05
CA PRO A 466 0.06 0.84 -28.09
C PRO A 466 0.32 -0.64 -28.45
N ILE A 467 -0.73 -1.41 -28.67
CA ILE A 467 -0.65 -2.84 -29.08
C ILE A 467 -0.97 -2.98 -30.56
N ILE A 468 0.02 -3.23 -31.40
CA ILE A 468 -0.18 -3.50 -32.85
C ILE A 468 -0.45 -4.99 -33.07
N ALA A 469 -1.58 -5.32 -33.68
CA ALA A 469 -1.95 -6.74 -33.97
C ALA A 469 -1.75 -7.00 -35.46
N VAL A 470 -1.02 -8.04 -35.84
CA VAL A 470 -0.73 -8.24 -37.24
C VAL A 470 -1.46 -9.51 -37.67
N THR A 471 -2.36 -9.38 -38.64
CA THR A 471 -3.19 -10.55 -39.00
C THR A 471 -3.31 -10.62 -40.52
N ARG A 472 -3.80 -11.76 -41.00
CA ARG A 472 -4.14 -11.97 -42.42
C ARG A 472 -5.66 -12.07 -42.57
N ASN A 473 -6.31 -12.56 -41.50
CA ASN A 473 -7.77 -12.67 -41.37
C ASN A 473 -8.40 -11.27 -41.42
N PRO A 474 -9.22 -10.96 -42.45
CA PRO A 474 -9.78 -9.57 -42.54
C PRO A 474 -10.91 -9.29 -41.54
N GLN A 475 -11.61 -10.34 -41.09
CA GLN A 475 -12.65 -10.14 -40.09
C GLN A 475 -12.05 -9.82 -38.71
N THR A 476 -10.90 -10.45 -38.41
CA THR A 476 -10.20 -10.22 -37.15
C THR A 476 -9.71 -8.77 -37.07
N ALA A 477 -9.18 -8.23 -38.17
CA ALA A 477 -8.73 -6.83 -38.13
C ALA A 477 -9.92 -5.88 -37.85
N ARG A 478 -11.14 -6.24 -38.25
CA ARG A 478 -12.31 -5.34 -38.06
C ARG A 478 -12.75 -5.33 -36.59
N GLN A 479 -12.86 -6.50 -35.97
CA GLN A 479 -13.44 -6.60 -34.60
C GLN A 479 -12.48 -6.01 -33.56
N ALA A 480 -11.22 -5.79 -33.93
CA ALA A 480 -10.18 -5.33 -33.02
C ALA A 480 -10.50 -3.91 -32.54
N HIS A 481 -11.42 -3.22 -33.21
CA HIS A 481 -11.71 -1.84 -32.81
C HIS A 481 -12.50 -1.82 -31.49
N LEU A 482 -13.15 -2.92 -31.12
CA LEU A 482 -13.88 -2.97 -29.85
C LEU A 482 -12.96 -2.86 -28.63
N TYR A 483 -11.72 -3.34 -28.65
CA TYR A 483 -10.88 -3.43 -27.44
C TYR A 483 -9.96 -2.21 -27.32
N ARG A 484 -9.89 -1.60 -26.13
CA ARG A 484 -9.23 -0.28 -25.94
C ARG A 484 -7.70 -0.42 -26.04
N GLY A 485 -7.11 0.33 -26.95
CA GLY A 485 -5.65 0.37 -27.06
C GLY A 485 -5.06 -0.56 -28.09
N ILE A 486 -5.84 -1.40 -28.80
CA ILE A 486 -5.33 -2.26 -29.94
C ILE A 486 -5.46 -1.51 -31.26
N PHE A 487 -4.39 -1.47 -32.06
CA PHE A 487 -4.35 -0.85 -33.44
C PHE A 487 -4.12 -1.95 -34.46
N PRO A 488 -5.17 -2.42 -35.15
CA PRO A 488 -4.97 -3.58 -36.09
C PRO A 488 -4.27 -3.16 -37.37
N VAL A 489 -3.44 -4.05 -37.92
CA VAL A 489 -2.83 -3.87 -39.27
C VAL A 489 -3.03 -5.16 -40.07
N LEU A 490 -3.63 -5.04 -41.25
CA LEU A 490 -3.87 -6.24 -42.06
C LEU A 490 -2.75 -6.40 -43.11
N CYS A 491 -2.31 -7.64 -43.26
CA CYS A 491 -1.19 -8.03 -44.11
C CYS A 491 -1.75 -8.80 -45.32
N LYS A 492 -1.32 -8.38 -46.52
CA LYS A 492 -1.95 -8.82 -47.76
C LYS A 492 -1.03 -9.76 -48.54
N ASP A 493 0.29 -9.63 -48.32
CA ASP A 493 1.35 -10.47 -48.93
C ASP A 493 1.09 -11.99 -49.02
N PRO A 494 1.72 -12.68 -50.00
CA PRO A 494 1.51 -14.13 -50.10
C PRO A 494 2.33 -14.90 -49.05
N VAL A 495 1.73 -15.95 -48.50
CA VAL A 495 2.38 -16.83 -47.52
C VAL A 495 3.67 -17.40 -48.13
N GLN A 496 4.81 -17.05 -47.51
CA GLN A 496 6.17 -17.52 -47.89
C GLN A 496 6.28 -19.04 -47.65
N GLU A 497 7.38 -19.64 -48.11
CA GLU A 497 7.55 -21.10 -48.10
C GLU A 497 7.92 -21.58 -46.69
N ALA A 498 9.06 -21.11 -46.18
CA ALA A 498 9.50 -21.44 -44.82
C ALA A 498 8.73 -20.58 -43.82
N TRP A 499 8.18 -21.24 -42.80
CA TRP A 499 7.32 -20.60 -41.81
C TRP A 499 8.11 -19.55 -41.02
N ALA A 500 9.24 -19.93 -40.47
CA ALA A 500 10.10 -18.98 -39.75
C ALA A 500 10.25 -17.67 -40.56
N GLU A 501 10.27 -17.77 -41.89
CA GLU A 501 10.53 -16.62 -42.79
C GLU A 501 9.27 -15.78 -43.01
N ASP A 502 8.12 -16.46 -43.00
CA ASP A 502 6.80 -15.81 -42.96
C ASP A 502 6.66 -14.92 -41.72
N VAL A 503 6.91 -15.50 -40.53
CA VAL A 503 6.86 -14.77 -39.25
C VAL A 503 7.74 -13.51 -39.32
N ASP A 504 8.93 -13.62 -39.90
CA ASP A 504 9.84 -12.46 -39.93
C ASP A 504 9.42 -11.38 -40.92
N LEU A 505 8.62 -11.77 -41.92
CA LEU A 505 8.05 -10.80 -42.84
C LEU A 505 6.95 -9.98 -42.13
N ARG A 506 5.99 -10.64 -41.44
CA ARG A 506 4.85 -9.95 -40.74
C ARG A 506 5.36 -9.05 -39.60
N VAL A 507 6.44 -9.45 -38.89
CA VAL A 507 7.03 -8.56 -37.86
C VAL A 507 7.53 -7.27 -38.52
N ASN A 508 8.28 -7.38 -39.63
CA ASN A 508 8.86 -6.22 -40.33
C ASN A 508 7.76 -5.30 -40.87
N PHE A 509 6.77 -5.88 -41.57
CA PHE A 509 5.60 -5.11 -42.02
C PHE A 509 5.12 -4.20 -40.89
N ALA A 510 4.85 -4.83 -39.74
CA ALA A 510 4.39 -4.16 -38.51
C ALA A 510 5.34 -3.02 -38.06
N MET A 511 6.66 -3.19 -38.17
CA MET A 511 7.63 -2.11 -37.85
C MET A 511 7.57 -0.97 -38.87
N ASN A 512 7.37 -1.26 -40.17
CA ASN A 512 7.20 -0.12 -41.13
C ASN A 512 5.94 0.66 -40.74
N VAL A 513 4.80 -0.04 -40.66
CA VAL A 513 3.51 0.62 -40.37
C VAL A 513 3.62 1.44 -39.08
N GLY A 514 4.38 0.97 -38.10
CA GLY A 514 4.60 1.68 -36.81
C GLY A 514 5.32 3.03 -36.96
N LYS A 515 6.35 3.06 -37.81
CA LYS A 515 7.19 4.27 -38.06
C LYS A 515 6.45 5.30 -38.93
N ALA A 516 5.81 4.84 -40.01
CA ALA A 516 4.91 5.65 -40.87
C ALA A 516 3.88 6.42 -40.02
N ARG A 517 3.16 5.73 -39.14
CA ARG A 517 2.11 6.34 -38.28
C ARG A 517 2.74 7.05 -37.07
N GLY A 518 4.06 6.94 -36.91
CA GLY A 518 4.85 7.75 -35.96
C GLY A 518 4.69 7.32 -34.50
N PHE A 519 4.83 6.02 -34.20
CA PHE A 519 4.65 5.51 -32.81
C PHE A 519 6.02 5.31 -32.14
N PHE A 520 7.07 5.30 -32.97
CA PHE A 520 8.45 5.03 -32.54
C PHE A 520 9.36 5.33 -33.75
N LYS A 521 10.63 5.67 -33.50
CA LYS A 521 11.57 5.91 -34.62
C LYS A 521 12.69 4.86 -34.56
N LYS A 522 13.72 5.05 -35.40
CA LYS A 522 14.82 4.10 -35.51
C LYS A 522 15.70 4.13 -34.25
N GLY A 523 16.12 2.94 -33.83
CA GLY A 523 16.93 2.77 -32.62
C GLY A 523 16.14 2.98 -31.33
N ASP A 524 14.83 2.69 -31.39
CA ASP A 524 13.96 2.57 -30.20
C ASP A 524 13.89 1.07 -29.86
N VAL A 525 13.14 0.74 -28.81
CA VAL A 525 13.00 -0.66 -28.33
C VAL A 525 11.54 -1.10 -28.47
N VAL A 526 11.27 -2.28 -29.06
CA VAL A 526 9.90 -2.84 -29.03
C VAL A 526 9.82 -4.25 -28.46
N ILE A 527 8.67 -4.63 -27.85
CA ILE A 527 8.39 -6.02 -27.43
C ILE A 527 7.64 -6.75 -28.55
N VAL A 528 8.01 -7.98 -28.90
CA VAL A 528 7.36 -8.71 -29.99
C VAL A 528 6.90 -10.05 -29.41
N LEU A 529 5.75 -10.54 -29.79
CA LEU A 529 5.15 -11.63 -29.08
C LEU A 529 4.65 -12.68 -30.10
N THR A 530 5.08 -13.94 -30.05
CA THR A 530 4.69 -14.94 -31.08
C THR A 530 4.71 -16.34 -30.49
N GLY A 531 4.45 -17.34 -31.36
CA GLY A 531 4.25 -18.75 -31.00
C GLY A 531 5.35 -19.63 -31.56
N TRP A 532 5.31 -20.92 -31.27
CA TRP A 532 6.40 -21.83 -31.64
C TRP A 532 6.06 -22.61 -32.92
N ARG A 533 4.78 -22.79 -33.20
CA ARG A 533 4.28 -23.49 -34.42
C ARG A 533 3.12 -22.68 -35.00
N PRO A 534 2.71 -22.96 -36.27
CA PRO A 534 1.50 -22.35 -36.90
C PRO A 534 0.19 -22.85 -36.26
N GLY A 535 -0.90 -22.09 -36.34
CA GLY A 535 -2.17 -22.49 -35.68
C GLY A 535 -2.65 -21.48 -34.64
N SER A 536 -3.81 -21.70 -34.04
CA SER A 536 -4.25 -20.83 -32.95
C SER A 536 -4.01 -21.51 -31.59
N GLY A 537 -3.51 -20.73 -30.63
CA GLY A 537 -3.45 -21.15 -29.26
C GLY A 537 -2.04 -21.51 -28.82
N PHE A 538 -1.01 -21.12 -29.58
CA PHE A 538 0.34 -21.54 -29.24
C PHE A 538 1.29 -20.36 -28.92
N THR A 539 0.81 -19.22 -28.38
CA THR A 539 1.67 -18.04 -28.19
C THR A 539 2.50 -18.28 -26.93
N ASN A 540 3.82 -18.10 -27.00
CA ASN A 540 4.70 -18.53 -25.88
C ASN A 540 6.05 -17.79 -25.87
N THR A 541 6.34 -16.95 -26.84
CA THR A 541 7.65 -16.34 -26.95
C THR A 541 7.54 -14.82 -26.85
N MET A 542 8.51 -14.17 -26.18
CA MET A 542 8.56 -12.73 -26.03
C MET A 542 10.00 -12.28 -26.32
N ARG A 543 10.27 -11.42 -27.31
CA ARG A 543 11.65 -10.92 -27.63
C ARG A 543 11.69 -9.39 -27.46
N VAL A 544 12.78 -8.82 -26.95
CA VAL A 544 12.89 -7.36 -26.83
C VAL A 544 13.83 -6.90 -27.94
N VAL A 545 13.36 -6.16 -28.94
CA VAL A 545 14.23 -5.90 -30.13
C VAL A 545 14.38 -4.39 -30.35
N PRO A 546 15.55 -3.97 -30.91
CA PRO A 546 15.79 -2.57 -31.38
C PRO A 546 15.06 -2.34 -32.73
N VAL A 547 14.54 -1.13 -32.94
CA VAL A 547 13.80 -0.86 -34.20
C VAL A 547 14.80 -0.63 -35.34
N PRO A 548 14.67 -1.41 -36.43
CA PRO A 548 15.58 -1.34 -37.59
C PRO A 548 15.24 -0.16 -38.51
N MET B 39 -15.77 0.20 2.22
CA MET B 39 -15.46 -1.18 2.72
C MET B 39 -14.59 -1.93 1.70
N ALA B 40 -14.48 -1.42 0.47
CA ALA B 40 -13.68 -2.07 -0.59
C ALA B 40 -12.18 -1.75 -0.40
N ASP B 41 -11.34 -2.71 -0.79
CA ASP B 41 -9.88 -2.59 -0.76
C ASP B 41 -9.33 -1.78 -1.94
N THR B 42 -10.08 -1.77 -3.04
CA THR B 42 -9.67 -1.11 -4.29
C THR B 42 -10.78 -0.14 -4.77
N PHE B 43 -10.41 0.66 -5.78
CA PHE B 43 -11.31 1.60 -6.44
C PHE B 43 -12.17 0.84 -7.45
N LEU B 44 -11.59 -0.18 -8.11
CA LEU B 44 -12.33 -1.01 -9.06
C LEU B 44 -13.40 -1.84 -8.33
N GLU B 45 -13.10 -2.42 -7.16
CA GLU B 45 -14.13 -3.15 -6.36
C GLU B 45 -15.28 -2.20 -5.97
N HIS B 46 -14.90 -1.05 -5.37
CA HIS B 46 -15.79 0.06 -5.00
C HIS B 46 -16.81 0.37 -6.12
N MET B 47 -16.37 0.52 -7.37
CA MET B 47 -17.29 0.87 -8.48
C MET B 47 -18.23 -0.30 -8.78
N CYS B 48 -17.72 -1.54 -8.67
CA CYS B 48 -18.45 -2.78 -9.04
C CYS B 48 -19.60 -3.08 -8.07
N ARG B 49 -19.56 -2.50 -6.86
CA ARG B 49 -20.52 -2.79 -5.78
C ARG B 49 -21.58 -1.69 -5.66
N LEU B 50 -21.68 -0.80 -6.66
CA LEU B 50 -22.69 0.27 -6.60
C LEU B 50 -24.07 -0.33 -6.92
N ASP B 51 -25.02 -0.06 -6.02
CA ASP B 51 -26.38 -0.59 -6.13
C ASP B 51 -27.39 0.53 -6.33
N ILE B 52 -28.37 0.27 -7.19
CA ILE B 52 -29.40 1.27 -7.55
C ILE B 52 -30.70 1.02 -6.77
N ASP B 53 -30.70 -0.03 -5.95
CA ASP B 53 -31.85 -0.35 -5.07
C ASP B 53 -31.46 -0.16 -3.58
N SER B 54 -30.95 1.03 -3.26
CA SER B 54 -30.58 1.40 -1.89
C SER B 54 -30.72 2.93 -1.71
N PRO B 55 -31.32 3.37 -0.57
CA PRO B 55 -31.58 4.81 -0.32
C PRO B 55 -30.37 5.57 0.24
N PRO B 56 -30.26 6.89 -0.04
CA PRO B 56 -29.18 7.76 0.46
C PRO B 56 -29.46 8.31 1.87
N ILE B 57 -28.45 8.90 2.49
CA ILE B 57 -28.59 9.58 3.80
C ILE B 57 -29.29 10.92 3.63
N THR B 58 -29.79 11.49 4.73
CA THR B 58 -30.54 12.76 4.72
C THR B 58 -29.57 13.94 4.52
N ALA B 59 -28.34 13.80 5.04
CA ALA B 59 -27.35 14.88 5.05
C ALA B 59 -26.78 15.10 3.65
N ARG B 60 -26.71 16.37 3.27
CA ARG B 60 -26.11 16.81 2.02
C ARG B 60 -24.90 17.69 2.32
N ASN B 61 -23.71 17.13 2.10
CA ASN B 61 -22.41 17.76 2.41
C ASN B 61 -22.14 19.06 1.62
N THR B 62 -22.59 19.17 0.36
CA THR B 62 -22.15 20.28 -0.55
C THR B 62 -23.07 21.50 -0.49
N GLY B 63 -22.48 22.69 -0.41
CA GLY B 63 -23.26 23.95 -0.38
C GLY B 63 -23.93 24.31 -1.71
N ILE B 64 -25.04 25.06 -1.63
CA ILE B 64 -25.87 25.51 -2.78
C ILE B 64 -26.01 27.04 -2.78
N ILE B 65 -25.42 27.68 -3.83
CA ILE B 65 -25.37 29.16 -4.03
C ILE B 65 -26.33 29.53 -5.18
N CYS B 66 -27.26 30.44 -4.91
CA CYS B 66 -28.25 30.84 -5.93
C CYS B 66 -28.10 32.32 -6.24
N THR B 67 -28.22 32.68 -7.52
CA THR B 67 -28.20 34.10 -7.90
C THR B 67 -29.62 34.66 -7.74
N ILE B 68 -29.72 35.90 -7.25
CA ILE B 68 -31.04 36.52 -7.07
C ILE B 68 -31.17 37.67 -8.08
N GLY B 69 -32.17 37.54 -8.97
CA GLY B 69 -32.61 38.60 -9.89
C GLY B 69 -34.10 38.87 -9.76
N PRO B 70 -34.75 39.40 -10.83
CA PRO B 70 -36.20 39.74 -10.85
C PRO B 70 -37.15 38.56 -10.62
N ALA B 71 -36.78 37.38 -11.14
CA ALA B 71 -37.59 36.14 -11.03
C ALA B 71 -37.77 35.69 -9.57
N SER B 72 -36.88 36.11 -8.66
CA SER B 72 -36.83 35.57 -7.30
C SER B 72 -36.34 36.62 -6.30
N ARG B 73 -36.82 37.85 -6.44
CA ARG B 73 -36.53 38.94 -5.50
C ARG B 73 -37.58 39.00 -4.37
N SER B 74 -38.60 38.13 -4.42
CA SER B 74 -39.81 38.34 -3.58
C SER B 74 -39.80 37.43 -2.36
N VAL B 75 -40.27 37.98 -1.24
CA VAL B 75 -40.24 37.37 0.12
C VAL B 75 -41.02 36.04 0.16
N GLU B 76 -41.74 35.70 -0.90
CA GLU B 76 -42.52 34.48 -0.96
C GLU B 76 -41.73 33.42 -1.75
N THR B 77 -41.01 33.87 -2.77
CA THR B 77 -40.16 33.01 -3.60
C THR B 77 -38.91 32.63 -2.79
N LEU B 78 -38.33 33.63 -2.11
CA LEU B 78 -37.18 33.47 -1.24
C LEU B 78 -37.48 32.44 -0.14
N LYS B 79 -38.53 32.66 0.68
CA LYS B 79 -38.97 31.70 1.72
C LYS B 79 -39.03 30.27 1.17
N GLU B 80 -39.41 30.12 -0.08
CA GLU B 80 -39.64 28.80 -0.66
C GLU B 80 -38.32 28.16 -1.08
N MET B 81 -37.34 28.97 -1.53
CA MET B 81 -36.02 28.43 -1.91
C MET B 81 -35.22 28.07 -0.65
N ILE B 82 -35.32 28.86 0.40
CA ILE B 82 -34.71 28.50 1.70
C ILE B 82 -35.15 27.09 2.15
N LYS B 83 -36.41 26.71 1.94
CA LYS B 83 -36.90 25.38 2.30
C LYS B 83 -36.35 24.33 1.34
N SER B 84 -36.00 24.73 0.12
CA SER B 84 -35.59 23.77 -0.89
C SER B 84 -34.11 23.39 -0.72
N GLY B 85 -33.34 24.28 -0.09
CA GLY B 85 -31.96 23.97 0.30
C GLY B 85 -30.95 25.01 -0.15
N MET B 86 -31.36 26.27 -0.18
CA MET B 86 -30.45 27.35 -0.54
C MET B 86 -29.70 27.86 0.70
N ASN B 87 -28.37 27.95 0.58
CA ASN B 87 -27.47 28.28 1.69
C ASN B 87 -26.89 29.69 1.52
N VAL B 88 -26.70 30.16 0.29
CA VAL B 88 -26.04 31.46 0.01
C VAL B 88 -26.86 32.18 -1.07
N ALA B 89 -27.06 33.49 -0.93
CA ALA B 89 -27.72 34.28 -2.01
C ALA B 89 -26.71 35.24 -2.64
N ARG B 90 -26.39 35.05 -3.94
CA ARG B 90 -25.37 35.88 -4.67
C ARG B 90 -26.04 37.12 -5.32
N LEU B 91 -25.45 38.30 -5.13
CA LEU B 91 -25.89 39.55 -5.80
C LEU B 91 -24.83 40.00 -6.82
N ASN B 92 -25.27 40.15 -8.07
CA ASN B 92 -24.40 40.47 -9.21
C ASN B 92 -24.38 41.98 -9.45
N PHE B 93 -23.24 42.62 -9.25
CA PHE B 93 -23.17 44.09 -9.27
C PHE B 93 -22.79 44.62 -10.66
N SER B 94 -23.03 43.82 -11.70
CA SER B 94 -23.02 44.28 -13.10
C SER B 94 -24.26 45.15 -13.34
N HIS B 95 -25.43 44.58 -13.05
CA HIS B 95 -26.74 45.21 -13.32
C HIS B 95 -27.21 45.98 -12.07
N GLY B 96 -28.32 46.70 -12.21
CA GLY B 96 -28.98 47.41 -11.09
C GLY B 96 -28.16 48.57 -10.53
N THR B 97 -28.78 49.31 -9.61
CA THR B 97 -28.12 50.40 -8.87
C THR B 97 -27.94 49.96 -7.39
N HIS B 98 -27.42 50.87 -6.57
CA HIS B 98 -27.21 50.61 -5.14
C HIS B 98 -28.54 50.63 -4.38
N GLU B 99 -29.53 51.34 -4.89
CA GLU B 99 -30.85 51.42 -4.26
C GLU B 99 -31.61 50.11 -4.48
N TYR B 100 -31.47 49.55 -5.69
CA TYR B 100 -32.19 48.36 -6.12
C TYR B 100 -31.68 47.13 -5.35
N HIS B 101 -30.36 47.05 -5.16
CA HIS B 101 -29.70 45.89 -4.52
C HIS B 101 -30.04 45.86 -3.02
N ALA B 102 -30.00 47.03 -2.37
CA ALA B 102 -30.32 47.22 -0.94
C ALA B 102 -31.73 46.70 -0.62
N GLU B 103 -32.60 46.62 -1.63
CA GLU B 103 -33.95 46.14 -1.45
C GLU B 103 -33.99 44.61 -1.60
N THR B 104 -33.06 44.05 -2.36
CA THR B 104 -32.93 42.59 -2.47
C THR B 104 -32.36 42.05 -1.15
N ILE B 105 -31.32 42.72 -0.62
CA ILE B 105 -30.71 42.33 0.65
C ILE B 105 -31.77 42.34 1.76
N LYS B 106 -32.54 43.43 1.85
CA LYS B 106 -33.63 43.56 2.84
C LYS B 106 -34.61 42.38 2.70
N ASN B 107 -34.90 41.97 1.48
CA ASN B 107 -35.88 40.91 1.25
C ASN B 107 -35.30 39.55 1.59
N VAL B 108 -33.99 39.39 1.42
CA VAL B 108 -33.29 38.12 1.72
C VAL B 108 -33.31 37.91 3.25
N ARG B 109 -33.04 38.99 3.99
CA ARG B 109 -33.02 38.95 5.45
C ARG B 109 -34.43 38.72 6.02
N THR B 110 -35.47 39.30 5.41
CA THR B 110 -36.84 39.12 5.92
C THR B 110 -37.26 37.65 5.85
N ALA B 111 -37.02 36.98 4.72
CA ALA B 111 -37.39 35.56 4.57
C ALA B 111 -36.58 34.68 5.53
N THR B 112 -35.28 34.96 5.67
CA THR B 112 -34.39 34.24 6.60
C THR B 112 -35.04 34.25 7.99
N GLU B 113 -35.26 35.46 8.53
CA GLU B 113 -35.73 35.70 9.92
C GLU B 113 -37.16 35.20 10.17
N SER B 114 -37.95 34.94 9.12
CA SER B 114 -39.29 34.33 9.24
C SER B 114 -39.25 33.05 10.10
N PHE B 115 -38.22 32.21 9.91
CA PHE B 115 -38.12 30.92 10.60
C PHE B 115 -37.42 31.04 11.96
N ALA B 116 -37.02 32.24 12.39
CA ALA B 116 -36.37 32.42 13.70
C ALA B 116 -37.42 32.51 14.83
N SER B 117 -38.31 31.53 14.89
CA SER B 117 -39.33 31.40 15.93
C SER B 117 -39.19 30.04 16.63
N ASP B 118 -38.94 29.00 15.84
CA ASP B 118 -38.51 27.68 16.33
C ASP B 118 -36.98 27.59 16.20
N PRO B 119 -36.24 27.91 17.30
CA PRO B 119 -34.78 28.10 17.26
C PRO B 119 -34.01 26.79 16.98
N ILE B 120 -34.74 25.69 16.88
CA ILE B 120 -34.16 24.39 16.55
C ILE B 120 -34.13 24.21 15.03
N LEU B 121 -35.13 24.76 14.33
CA LEU B 121 -35.28 24.51 12.89
C LEU B 121 -34.84 25.72 12.03
N TYR B 122 -34.41 26.80 12.68
CA TYR B 122 -33.76 27.96 12.01
C TYR B 122 -32.55 27.48 11.19
N ARG B 123 -32.36 28.08 10.02
CA ARG B 123 -31.22 27.77 9.14
C ARG B 123 -30.56 29.08 8.69
N PRO B 124 -29.26 29.28 8.96
CA PRO B 124 -28.67 30.58 8.56
C PRO B 124 -28.38 30.64 7.04
N VAL B 125 -28.39 31.86 6.47
CA VAL B 125 -28.28 32.09 5.02
C VAL B 125 -27.33 33.26 4.75
N ALA B 126 -26.23 33.02 4.01
CA ALA B 126 -25.19 34.10 3.67
C ALA B 126 -25.63 34.97 2.48
N VAL B 127 -25.01 36.15 2.40
CA VAL B 127 -25.16 37.12 1.29
C VAL B 127 -23.75 37.39 0.74
N ALA B 128 -23.60 37.24 -0.57
CA ALA B 128 -22.31 37.45 -1.26
C ALA B 128 -22.49 38.52 -2.36
N LEU B 129 -21.37 38.96 -2.89
CA LEU B 129 -21.33 40.14 -3.70
C LEU B 129 -20.34 39.90 -4.83
N ASP B 130 -20.83 39.83 -6.05
CA ASP B 130 -19.92 39.63 -7.19
C ASP B 130 -19.63 41.00 -7.80
N THR B 131 -18.35 41.40 -7.79
CA THR B 131 -17.91 42.66 -8.43
C THR B 131 -18.16 42.56 -9.94
N LYS B 132 -18.34 43.70 -10.60
CA LYS B 132 -18.40 43.73 -12.07
C LYS B 132 -17.03 43.34 -12.63
N GLY B 133 -15.97 43.92 -12.08
CA GLY B 133 -14.58 43.62 -12.48
C GLY B 133 -14.16 44.41 -13.71
N PRO B 134 -12.85 44.80 -13.77
CA PRO B 134 -12.14 45.56 -14.84
C PRO B 134 -12.37 45.03 -16.27
N GLU B 135 -12.63 45.94 -17.21
CA GLU B 135 -13.17 45.60 -18.54
C GLU B 135 -12.53 46.47 -19.63
N ILE B 136 -12.54 45.95 -20.86
CA ILE B 136 -12.21 46.72 -22.10
C ILE B 136 -13.44 46.69 -23.03
N ARG B 137 -13.86 47.86 -23.50
CA ARG B 137 -15.07 47.96 -24.35
C ARG B 137 -14.79 48.79 -25.60
N THR B 138 -15.51 48.43 -26.69
CA THR B 138 -15.48 49.13 -27.98
C THR B 138 -16.32 50.40 -27.89
N GLY B 139 -16.15 51.29 -28.87
CA GLY B 139 -16.96 52.51 -29.00
C GLY B 139 -18.28 52.25 -29.71
N LEU B 140 -19.04 53.34 -29.91
CA LEU B 140 -20.36 53.31 -30.56
C LEU B 140 -20.20 53.10 -32.08
N ILE B 141 -21.02 52.22 -32.65
CA ILE B 141 -21.00 51.93 -34.09
C ILE B 141 -21.91 52.94 -34.81
N LYS B 142 -21.29 53.73 -35.71
CA LYS B 142 -21.96 54.69 -36.62
C LYS B 142 -22.73 55.77 -35.84
N GLY B 143 -22.30 56.04 -34.61
CA GLY B 143 -22.85 57.15 -33.81
C GLY B 143 -24.09 56.76 -33.01
N SER B 144 -24.99 55.99 -33.63
CA SER B 144 -26.31 55.68 -33.07
C SER B 144 -26.20 54.81 -31.80
N GLY B 145 -25.55 53.65 -31.93
CA GLY B 145 -25.43 52.70 -30.82
C GLY B 145 -26.30 51.47 -31.02
N THR B 146 -27.32 51.60 -31.89
CA THR B 146 -28.23 50.50 -32.21
C THR B 146 -27.91 49.94 -33.61
N ALA B 147 -27.06 50.64 -34.34
CA ALA B 147 -26.62 50.23 -35.69
C ALA B 147 -25.58 49.11 -35.59
N GLU B 148 -25.66 48.17 -36.53
CA GLU B 148 -24.75 47.02 -36.58
C GLU B 148 -24.08 46.95 -37.96
N VAL B 149 -22.76 46.84 -37.97
CA VAL B 149 -21.99 46.70 -39.22
C VAL B 149 -21.33 45.31 -39.26
N GLU B 150 -21.65 44.57 -40.33
CA GLU B 150 -21.19 43.18 -40.50
C GLU B 150 -19.85 43.19 -41.28
N LEU B 151 -18.93 42.35 -40.82
CA LEU B 151 -17.59 42.27 -41.40
C LEU B 151 -17.31 40.83 -41.88
N LYS B 152 -16.63 40.74 -43.04
CA LYS B 152 -16.35 39.46 -43.69
C LYS B 152 -14.89 39.08 -43.44
N LYS B 153 -14.57 37.81 -43.67
CA LYS B 153 -13.22 37.25 -43.42
C LYS B 153 -12.21 37.84 -44.42
N GLY B 154 -11.05 38.23 -43.89
CA GLY B 154 -9.94 38.75 -44.70
C GLY B 154 -9.71 40.25 -44.49
N ALA B 155 -10.81 41.00 -44.39
CA ALA B 155 -10.81 42.47 -44.36
C ALA B 155 -9.93 43.01 -43.24
N THR B 156 -8.86 43.72 -43.61
CA THR B 156 -7.96 44.37 -42.64
C THR B 156 -8.64 45.63 -42.08
N LEU B 157 -8.64 45.74 -40.75
CA LEU B 157 -9.14 46.95 -40.09
C LEU B 157 -8.07 47.52 -39.15
N LYS B 158 -8.15 48.83 -38.94
CA LYS B 158 -7.29 49.54 -37.99
C LYS B 158 -7.99 49.66 -36.63
N ILE B 159 -7.21 49.52 -35.57
CA ILE B 159 -7.67 49.76 -34.21
C ILE B 159 -6.89 50.99 -33.68
N THR B 160 -7.63 52.00 -33.24
CA THR B 160 -7.05 53.29 -32.84
C THR B 160 -7.43 53.61 -31.40
N LEU B 161 -6.48 54.20 -30.66
CA LEU B 161 -6.64 54.50 -29.24
C LEU B 161 -7.07 55.97 -29.06
N ASP B 162 -6.93 56.75 -30.13
CA ASP B 162 -7.26 58.19 -30.13
C ASP B 162 -8.76 58.47 -30.06
N ASN B 163 -9.11 59.50 -29.27
CA ASN B 163 -10.48 59.70 -28.76
C ASN B 163 -11.38 60.39 -29.80
N ALA B 164 -10.85 60.62 -31.00
CA ALA B 164 -11.63 61.26 -32.08
C ALA B 164 -12.61 60.25 -32.70
N TYR B 165 -12.24 58.97 -32.71
CA TYR B 165 -12.97 57.92 -33.41
C TYR B 165 -13.94 57.19 -32.48
N MET B 166 -14.00 57.63 -31.21
CA MET B 166 -14.79 56.94 -30.16
C MET B 166 -16.31 57.13 -30.39
N GLU B 167 -16.66 58.09 -31.24
CA GLU B 167 -18.05 58.41 -31.55
C GLU B 167 -18.52 57.57 -32.76
N LYS B 168 -17.64 57.44 -33.75
CA LYS B 168 -17.97 56.77 -35.02
C LYS B 168 -16.95 55.65 -35.29
N CYS B 169 -17.41 54.41 -35.10
CA CYS B 169 -16.66 53.20 -35.45
C CYS B 169 -17.30 52.55 -36.67
N ASP B 170 -16.47 52.25 -37.67
CA ASP B 170 -16.92 51.67 -38.93
C ASP B 170 -16.21 50.32 -39.17
N GLU B 171 -16.50 49.69 -40.32
CA GLU B 171 -15.94 48.37 -40.67
C GLU B 171 -14.49 48.51 -41.18
N ASN B 172 -13.78 49.51 -40.64
CA ASN B 172 -12.38 49.78 -40.95
C ASN B 172 -11.65 50.32 -39.72
N ILE B 173 -12.35 51.06 -38.87
CA ILE B 173 -11.76 51.67 -37.67
C ILE B 173 -12.61 51.30 -36.45
N LEU B 174 -11.97 50.67 -35.46
CA LEU B 174 -12.55 50.38 -34.15
C LEU B 174 -11.78 51.12 -33.07
N TRP B 175 -12.49 51.78 -32.16
CA TRP B 175 -11.89 52.41 -30.98
C TRP B 175 -12.08 51.52 -29.75
N LEU B 176 -10.99 51.23 -29.05
CA LEU B 176 -11.00 50.47 -27.79
C LEU B 176 -10.60 51.37 -26.63
N ASP B 177 -11.24 51.12 -25.48
CA ASP B 177 -11.03 51.87 -24.24
C ASP B 177 -9.61 51.72 -23.65
N TYR B 178 -8.95 50.60 -23.97
CA TYR B 178 -7.62 50.27 -23.40
C TYR B 178 -6.53 51.06 -24.14
N LYS B 179 -5.75 51.81 -23.36
CA LYS B 179 -4.78 52.77 -23.88
C LYS B 179 -3.38 52.13 -23.96
N ASN B 180 -3.24 50.91 -23.48
CA ASN B 180 -1.94 50.25 -23.40
C ASN B 180 -1.94 48.94 -24.20
N ILE B 181 -2.97 48.74 -25.04
CA ILE B 181 -3.17 47.46 -25.77
C ILE B 181 -1.94 47.15 -26.65
N CYS B 182 -1.37 48.20 -27.25
CA CYS B 182 -0.20 48.11 -28.14
C CYS B 182 1.01 47.47 -27.44
N LYS B 183 1.18 47.73 -26.13
CA LYS B 183 2.37 47.28 -25.38
C LYS B 183 2.19 45.83 -24.88
N VAL B 184 0.96 45.41 -24.63
CA VAL B 184 0.68 44.08 -24.06
C VAL B 184 0.52 43.04 -25.18
N VAL B 185 0.01 43.47 -26.33
CA VAL B 185 -0.21 42.61 -27.51
C VAL B 185 1.14 42.43 -28.26
N GLU B 186 1.28 41.30 -28.94
CA GLU B 186 2.44 41.00 -29.79
C GLU B 186 1.96 40.72 -31.22
N VAL B 187 2.90 40.56 -32.16
CA VAL B 187 2.57 40.19 -33.55
C VAL B 187 2.26 38.68 -33.58
N GLY B 188 1.05 38.34 -34.03
CA GLY B 188 0.57 36.95 -34.03
C GLY B 188 -0.43 36.66 -32.93
N SER B 189 -0.61 37.62 -32.02
CA SER B 189 -1.61 37.54 -30.93
C SER B 189 -3.02 37.71 -31.51
N LYS B 190 -3.98 37.01 -30.91
CA LYS B 190 -5.37 37.07 -31.34
C LYS B 190 -6.16 38.01 -30.41
N ILE B 191 -7.29 38.51 -30.93
CA ILE B 191 -8.19 39.39 -30.19
C ILE B 191 -9.63 38.88 -30.38
N TYR B 192 -10.39 38.79 -29.28
CA TYR B 192 -11.79 38.34 -29.32
C TYR B 192 -12.71 39.54 -29.01
N VAL B 193 -13.70 39.73 -29.88
CA VAL B 193 -14.66 40.84 -29.73
C VAL B 193 -16.07 40.25 -29.49
N ASP B 194 -16.66 40.62 -28.36
CA ASP B 194 -17.98 40.17 -27.90
C ASP B 194 -18.09 38.64 -27.74
N ASP B 195 -17.60 38.16 -26.59
CA ASP B 195 -17.67 36.76 -26.16
C ASP B 195 -17.17 35.71 -27.18
N GLY B 196 -16.17 36.11 -27.97
CA GLY B 196 -15.51 35.23 -28.93
C GLY B 196 -16.35 34.96 -30.18
N LEU B 197 -17.19 35.93 -30.56
CA LEU B 197 -17.96 35.83 -31.81
C LEU B 197 -17.06 36.17 -33.00
N ILE B 198 -16.35 37.29 -32.89
CA ILE B 198 -15.39 37.77 -33.88
C ILE B 198 -13.98 37.58 -33.30
N SER B 199 -13.07 37.08 -34.14
CA SER B 199 -11.64 37.00 -33.81
C SER B 199 -10.82 37.84 -34.78
N LEU B 200 -9.78 38.50 -34.27
CA LEU B 200 -8.86 39.30 -35.10
C LEU B 200 -7.42 38.83 -34.85
N GLN B 201 -6.74 38.46 -35.92
CA GLN B 201 -5.30 38.18 -35.91
C GLN B 201 -4.55 39.51 -36.03
N VAL B 202 -3.53 39.73 -35.20
CA VAL B 202 -2.68 40.94 -35.30
C VAL B 202 -1.69 40.71 -36.45
N LYS B 203 -1.74 41.63 -37.42
CA LYS B 203 -0.94 41.55 -38.64
C LYS B 203 0.23 42.54 -38.53
N GLN B 204 -0.07 43.84 -38.37
CA GLN B 204 0.94 44.90 -38.29
C GLN B 204 0.81 45.65 -36.96
N LYS B 205 1.92 45.74 -36.23
CA LYS B 205 1.97 46.44 -34.94
C LYS B 205 2.64 47.80 -35.13
N GLY B 206 1.92 48.86 -34.73
CA GLY B 206 2.42 50.23 -34.81
C GLY B 206 2.16 51.00 -33.53
N ALA B 207 2.73 52.21 -33.45
CA ALA B 207 2.53 53.10 -32.30
C ALA B 207 1.14 53.74 -32.40
N ASP B 208 0.31 53.46 -31.39
CA ASP B 208 -1.08 53.95 -31.26
C ASP B 208 -2.12 53.44 -32.28
N PHE B 209 -1.75 52.41 -33.05
CA PHE B 209 -2.66 51.79 -34.04
C PHE B 209 -2.28 50.31 -34.24
N LEU B 210 -3.29 49.49 -34.55
CA LEU B 210 -3.12 48.05 -34.81
C LEU B 210 -3.83 47.69 -36.12
N VAL B 211 -3.10 47.05 -37.05
CA VAL B 211 -3.68 46.58 -38.32
C VAL B 211 -3.90 45.08 -38.23
N THR B 212 -5.15 44.65 -38.41
CA THR B 212 -5.57 43.30 -38.04
C THR B 212 -6.38 42.63 -39.16
N GLU B 213 -5.97 41.40 -39.50
CA GLU B 213 -6.76 40.49 -40.35
C GLU B 213 -8.00 40.02 -39.58
N VAL B 214 -9.02 39.59 -40.31
CA VAL B 214 -10.25 39.06 -39.72
C VAL B 214 -10.25 37.54 -39.84
N GLU B 215 -10.39 36.87 -38.70
CA GLU B 215 -10.27 35.41 -38.56
C GLU B 215 -11.66 34.75 -38.57
N ASN B 216 -12.64 35.43 -37.98
CA ASN B 216 -14.04 34.97 -37.94
C ASN B 216 -14.98 36.12 -38.26
N GLY B 217 -16.08 35.81 -38.97
CA GLY B 217 -17.10 36.79 -39.34
C GLY B 217 -18.29 36.75 -38.40
N GLY B 218 -18.80 37.94 -38.06
CA GLY B 218 -20.00 38.11 -37.23
C GLY B 218 -20.58 39.51 -37.36
N SER B 219 -21.28 39.95 -36.33
CA SER B 219 -21.85 41.30 -36.27
C SER B 219 -21.25 42.09 -35.11
N LEU B 220 -20.68 43.25 -35.43
CA LEU B 220 -20.18 44.21 -34.45
C LEU B 220 -21.34 45.10 -33.98
N GLY B 221 -21.59 45.12 -32.68
CA GLY B 221 -22.52 46.09 -32.07
C GLY B 221 -21.77 47.19 -31.34
N SER B 222 -22.48 47.98 -30.54
CA SER B 222 -21.87 49.05 -29.74
C SER B 222 -21.63 48.59 -28.30
N LYS B 223 -20.46 48.96 -27.76
CA LYS B 223 -20.02 48.67 -26.38
C LYS B 223 -19.99 47.15 -26.14
N LYS B 224 -19.05 46.48 -26.81
CA LYS B 224 -18.88 45.03 -26.70
C LYS B 224 -17.50 44.74 -26.08
N GLY B 225 -17.46 43.71 -25.23
CA GLY B 225 -16.30 43.41 -24.39
C GLY B 225 -15.17 42.74 -25.16
N VAL B 226 -13.93 43.05 -24.77
CA VAL B 226 -12.73 42.60 -25.50
C VAL B 226 -11.90 41.65 -24.60
N ASN B 227 -11.48 40.52 -25.16
CA ASN B 227 -10.64 39.52 -24.46
C ASN B 227 -9.37 39.22 -25.29
N LEU B 228 -8.21 39.21 -24.61
CA LEU B 228 -6.87 39.16 -25.25
C LEU B 228 -6.11 37.90 -24.81
N PRO B 229 -6.39 36.70 -25.40
CA PRO B 229 -5.71 35.45 -24.96
C PRO B 229 -4.18 35.53 -24.90
N GLY B 230 -3.57 34.74 -24.01
CA GLY B 230 -2.12 34.73 -23.80
C GLY B 230 -1.61 35.96 -23.06
N ALA B 231 -2.21 37.13 -23.33
CA ALA B 231 -1.61 38.44 -22.99
C ALA B 231 -1.73 38.72 -21.49
N ALA B 232 -0.59 39.12 -20.90
CA ALA B 232 -0.48 39.49 -19.48
C ALA B 232 -0.90 40.95 -19.29
N VAL B 233 -2.23 41.15 -19.23
CA VAL B 233 -2.91 42.46 -19.24
C VAL B 233 -2.44 43.34 -18.06
N ASP B 234 -2.46 44.66 -18.25
CA ASP B 234 -1.98 45.65 -17.26
C ASP B 234 -3.05 46.51 -16.54
N LEU B 235 -4.33 46.21 -16.76
CA LEU B 235 -5.47 46.92 -16.12
C LEU B 235 -5.30 46.92 -14.59
N PRO B 236 -5.89 47.93 -13.89
CA PRO B 236 -5.73 47.98 -12.42
C PRO B 236 -6.44 46.79 -11.73
N ALA B 237 -6.17 46.56 -10.44
CA ALA B 237 -6.77 45.43 -9.71
C ALA B 237 -8.26 45.71 -9.45
N VAL B 238 -8.57 46.92 -9.03
CA VAL B 238 -9.95 47.34 -8.81
C VAL B 238 -10.21 48.56 -9.71
N SER B 239 -11.34 48.54 -10.41
CA SER B 239 -11.82 49.69 -11.19
C SER B 239 -12.35 50.78 -10.25
N GLU B 240 -12.60 51.97 -10.80
CA GLU B 240 -13.14 53.10 -10.05
C GLU B 240 -14.56 52.81 -9.57
N LYS B 241 -15.28 51.95 -10.29
CA LYS B 241 -16.66 51.58 -9.94
C LYS B 241 -16.67 50.63 -8.74
N ASP B 242 -15.77 49.63 -8.76
CA ASP B 242 -15.73 48.58 -7.72
C ASP B 242 -15.22 49.03 -6.35
N ILE B 243 -14.39 50.09 -6.31
CA ILE B 243 -14.01 50.78 -5.03
C ILE B 243 -15.29 51.27 -4.34
N GLN B 244 -16.32 51.59 -5.12
CA GLN B 244 -17.58 52.08 -4.60
C GLN B 244 -18.48 50.93 -4.16
N ASP B 245 -18.42 49.81 -4.88
CA ASP B 245 -19.23 48.63 -4.54
C ASP B 245 -18.69 47.84 -3.33
N LEU B 246 -17.37 47.68 -3.27
CA LEU B 246 -16.69 47.12 -2.11
C LEU B 246 -16.97 47.96 -0.86
N LYS B 247 -17.17 49.27 -1.02
CA LYS B 247 -17.47 50.15 0.11
C LYS B 247 -18.94 49.97 0.53
N PHE B 248 -19.81 49.75 -0.45
CA PHE B 248 -21.25 49.56 -0.20
C PHE B 248 -21.52 48.24 0.56
N GLY B 249 -20.76 47.20 0.21
CA GLY B 249 -20.88 45.87 0.83
C GLY B 249 -20.45 45.83 2.29
N VAL B 250 -19.33 46.47 2.62
CA VAL B 250 -18.86 46.64 4.03
C VAL B 250 -19.94 47.34 4.87
N GLU B 251 -20.61 48.35 4.29
CA GLU B 251 -21.69 49.10 4.95
C GLU B 251 -22.96 48.24 5.06
N GLN B 252 -23.18 47.34 4.12
CA GLN B 252 -24.39 46.51 4.09
C GLN B 252 -24.19 45.19 4.85
N ASP B 253 -22.98 44.95 5.37
CA ASP B 253 -22.63 43.77 6.19
C ASP B 253 -22.81 42.39 5.48
N VAL B 254 -22.07 42.23 4.38
CA VAL B 254 -22.15 41.04 3.53
C VAL B 254 -21.20 39.97 4.11
N ASP B 255 -21.41 38.70 3.74
CA ASP B 255 -20.58 37.65 4.32
C ASP B 255 -19.31 37.37 3.59
N MET B 256 -19.33 37.53 2.27
CA MET B 256 -18.15 37.25 1.48
C MET B 256 -18.19 38.07 0.19
N VAL B 257 -17.02 38.34 -0.40
CA VAL B 257 -16.90 39.11 -1.64
C VAL B 257 -16.28 38.23 -2.74
N PHE B 258 -16.97 38.10 -3.88
CA PHE B 258 -16.37 37.45 -5.04
C PHE B 258 -15.61 38.47 -5.90
N ALA B 259 -14.29 38.29 -5.99
CA ALA B 259 -13.37 39.22 -6.67
C ALA B 259 -13.08 38.75 -8.11
N SER B 260 -13.50 39.57 -9.07
CA SER B 260 -13.40 39.25 -10.52
C SER B 260 -11.98 39.55 -11.03
N PHE B 261 -11.58 38.76 -12.03
CA PHE B 261 -10.39 39.00 -12.88
C PHE B 261 -9.10 39.14 -12.03
N ILE B 262 -8.91 38.22 -11.11
CA ILE B 262 -7.68 38.12 -10.32
C ILE B 262 -6.57 37.56 -11.24
N ARG B 263 -5.39 38.19 -11.23
CA ARG B 263 -4.30 37.75 -12.15
C ARG B 263 -3.01 37.43 -11.38
N LYS B 264 -2.84 38.03 -10.19
CA LYS B 264 -1.61 37.88 -9.39
C LYS B 264 -1.93 38.05 -7.89
N ALA B 265 -0.97 37.68 -7.04
CA ALA B 265 -1.16 37.74 -5.60
C ALA B 265 -1.19 39.20 -5.12
N SER B 266 -0.70 40.14 -5.92
CA SER B 266 -0.77 41.57 -5.55
C SER B 266 -2.20 42.11 -5.67
N ASP B 267 -2.99 41.58 -6.63
CA ASP B 267 -4.40 42.00 -6.88
C ASP B 267 -5.32 41.72 -5.68
N VAL B 268 -5.13 40.55 -5.07
CA VAL B 268 -5.84 40.09 -3.89
C VAL B 268 -5.50 41.05 -2.74
N HIS B 269 -4.21 41.35 -2.53
CA HIS B 269 -3.77 42.32 -1.50
C HIS B 269 -4.44 43.70 -1.66
N GLU B 270 -4.67 44.13 -2.90
CA GLU B 270 -5.31 45.44 -3.18
C GLU B 270 -6.74 45.49 -2.63
N VAL B 271 -7.53 44.44 -2.89
CA VAL B 271 -8.95 44.30 -2.46
C VAL B 271 -9.03 44.36 -0.92
N ARG B 272 -8.06 43.74 -0.26
CA ARG B 272 -8.01 43.61 1.19
C ARG B 272 -7.79 44.99 1.82
N LYS B 273 -7.12 45.90 1.12
CA LYS B 273 -6.87 47.28 1.60
C LYS B 273 -8.14 48.13 1.50
N VAL B 274 -8.97 47.86 0.49
CA VAL B 274 -10.18 48.66 0.21
C VAL B 274 -11.31 48.28 1.19
N LEU B 275 -11.35 47.01 1.61
CA LEU B 275 -12.32 46.53 2.62
C LEU B 275 -11.98 47.15 3.97
N GLY B 276 -10.70 47.50 4.14
CA GLY B 276 -10.21 48.29 5.28
C GLY B 276 -9.92 47.41 6.49
N GLU B 277 -10.27 47.94 7.66
CA GLU B 277 -10.13 47.21 8.93
C GLU B 277 -11.51 47.13 9.60
N LYS B 278 -12.55 47.37 8.80
CA LYS B 278 -13.92 47.34 9.25
C LYS B 278 -14.64 46.18 8.54
N GLY B 279 -14.05 45.71 7.45
CA GLY B 279 -14.49 44.51 6.78
C GLY B 279 -13.42 43.42 6.79
N LYS B 280 -12.64 43.36 7.87
CA LYS B 280 -11.49 42.48 7.97
C LYS B 280 -11.91 41.01 8.18
N ASN B 281 -13.21 40.76 8.37
CA ASN B 281 -13.68 39.38 8.57
C ASN B 281 -14.29 38.84 7.27
N ILE B 282 -14.53 39.73 6.32
CA ILE B 282 -15.22 39.38 5.10
C ILE B 282 -14.32 38.45 4.27
N LYS B 283 -14.85 37.28 3.88
CA LYS B 283 -14.04 36.28 3.12
C LYS B 283 -13.84 36.75 1.67
N ILE B 284 -12.57 36.82 1.17
CA ILE B 284 -12.28 37.12 -0.28
C ILE B 284 -12.12 35.81 -1.08
N ILE B 285 -12.99 35.63 -2.07
CA ILE B 285 -12.91 34.52 -2.99
C ILE B 285 -12.42 35.06 -4.34
N SER B 286 -11.28 34.56 -4.82
CA SER B 286 -10.66 34.99 -6.06
C SER B 286 -11.27 34.23 -7.25
N LYS B 287 -11.87 34.94 -8.22
CA LYS B 287 -12.31 34.30 -9.50
C LYS B 287 -11.11 34.11 -10.45
N ILE B 288 -10.95 32.91 -11.00
CA ILE B 288 -9.86 32.63 -11.97
C ILE B 288 -10.49 32.61 -13.35
N GLU B 289 -10.02 33.48 -14.28
CA GLU B 289 -10.69 33.62 -15.58
C GLU B 289 -9.75 34.13 -16.69
N ASN B 290 -8.50 33.63 -16.74
CA ASN B 290 -7.56 33.80 -17.90
C ASN B 290 -6.29 32.97 -17.69
N HIS B 291 -5.54 32.78 -18.78
CA HIS B 291 -4.31 31.97 -18.82
C HIS B 291 -3.35 32.34 -17.69
N GLU B 292 -3.29 33.63 -17.35
CA GLU B 292 -2.26 34.14 -16.45
C GLU B 292 -2.55 33.71 -15.00
N GLY B 293 -3.77 33.96 -14.54
CA GLY B 293 -4.27 33.52 -13.23
C GLY B 293 -4.17 32.01 -13.05
N VAL B 294 -4.32 31.24 -14.14
CA VAL B 294 -4.09 29.79 -14.10
C VAL B 294 -2.59 29.50 -13.89
N ARG B 295 -1.72 30.19 -14.63
CA ARG B 295 -0.27 29.93 -14.58
C ARG B 295 0.30 30.36 -13.23
N ARG B 296 -0.29 31.37 -12.62
CA ARG B 296 0.23 31.93 -11.38
C ARG B 296 -0.65 31.52 -10.18
N PHE B 297 -1.27 30.32 -10.26
CA PHE B 297 -2.36 29.87 -9.36
C PHE B 297 -1.90 29.82 -7.90
N ASP B 298 -0.81 29.08 -7.65
CA ASP B 298 -0.23 28.87 -6.33
C ASP B 298 0.06 30.11 -5.49
N GLU B 299 0.39 31.24 -6.11
CA GLU B 299 0.61 32.46 -5.32
C GLU B 299 -0.72 33.12 -4.93
N ILE B 300 -1.76 32.97 -5.77
CA ILE B 300 -3.11 33.52 -5.48
C ILE B 300 -3.76 32.74 -4.33
N LEU B 301 -3.86 31.40 -4.50
CA LEU B 301 -4.40 30.49 -3.48
C LEU B 301 -3.93 30.91 -2.08
N GLU B 302 -2.61 31.09 -1.91
CA GLU B 302 -2.01 31.49 -0.61
C GLU B 302 -2.57 32.83 -0.09
N ALA B 303 -2.78 33.80 -0.98
CA ALA B 303 -3.24 35.14 -0.54
C ALA B 303 -4.76 35.16 -0.27
N SER B 304 -5.53 34.18 -0.76
CA SER B 304 -7.02 34.24 -0.79
C SER B 304 -7.66 33.50 0.39
N ASP B 305 -8.98 33.64 0.55
CA ASP B 305 -9.72 32.77 1.48
C ASP B 305 -10.43 31.57 0.82
N GLY B 306 -10.41 31.51 -0.51
CA GLY B 306 -11.03 30.44 -1.29
C GLY B 306 -11.03 30.79 -2.78
N ILE B 307 -11.27 29.80 -3.65
CA ILE B 307 -11.21 29.99 -5.10
C ILE B 307 -12.58 29.75 -5.73
N MET B 308 -12.87 30.45 -6.84
CA MET B 308 -14.01 30.10 -7.69
C MET B 308 -13.51 29.88 -9.11
N VAL B 309 -13.90 28.75 -9.68
CA VAL B 309 -13.54 28.32 -11.05
C VAL B 309 -14.68 28.71 -11.99
N ALA B 310 -14.59 29.94 -12.50
CA ALA B 310 -15.62 30.56 -13.34
C ALA B 310 -15.60 29.91 -14.72
N ARG B 311 -16.40 28.86 -14.91
CA ARG B 311 -16.17 27.94 -16.04
C ARG B 311 -16.65 28.53 -17.38
N GLY B 312 -17.66 29.40 -17.35
CA GLY B 312 -18.10 30.12 -18.57
C GLY B 312 -17.01 31.05 -19.08
N ASP B 313 -16.61 32.00 -18.23
CA ASP B 313 -15.53 32.98 -18.48
C ASP B 313 -14.18 32.38 -18.95
N LEU B 314 -13.76 31.29 -18.31
CA LEU B 314 -12.48 30.63 -18.59
C LEU B 314 -12.50 29.99 -19.98
N GLY B 315 -13.70 29.68 -20.48
CA GLY B 315 -13.87 28.96 -21.76
C GLY B 315 -13.94 29.89 -22.98
N ILE B 316 -13.84 31.20 -22.76
CA ILE B 316 -13.68 32.17 -23.87
C ILE B 316 -12.19 32.30 -24.20
N GLU B 317 -11.36 32.42 -23.17
CA GLU B 317 -9.93 32.70 -23.30
C GLU B 317 -9.16 31.40 -23.59
N ILE B 318 -9.47 30.33 -22.88
CA ILE B 318 -8.78 29.02 -23.03
C ILE B 318 -9.59 28.16 -24.02
N PRO B 319 -8.93 27.32 -24.86
CA PRO B 319 -9.64 26.35 -25.74
C PRO B 319 -10.49 25.35 -24.94
N ALA B 320 -11.61 24.93 -25.51
CA ALA B 320 -12.72 24.23 -24.82
C ALA B 320 -12.26 22.94 -24.11
N GLU B 321 -11.39 22.18 -24.78
CA GLU B 321 -10.94 20.85 -24.33
C GLU B 321 -9.82 20.96 -23.30
N LYS B 322 -9.31 22.17 -23.03
CA LYS B 322 -8.28 22.37 -22.01
C LYS B 322 -8.92 22.86 -20.70
N VAL B 323 -10.13 23.42 -20.78
CA VAL B 323 -10.82 23.99 -19.62
C VAL B 323 -11.12 22.84 -18.65
N PHE B 324 -11.48 21.71 -19.24
CA PHE B 324 -11.72 20.45 -18.56
C PHE B 324 -10.57 20.11 -17.58
N LEU B 325 -9.32 20.18 -18.03
CA LEU B 325 -8.15 19.81 -17.21
C LEU B 325 -7.87 20.88 -16.15
N ALA B 326 -7.97 22.15 -16.53
CA ALA B 326 -7.65 23.28 -15.66
C ALA B 326 -8.57 23.29 -14.43
N GLN B 327 -9.86 22.97 -14.65
CA GLN B 327 -10.80 22.72 -13.56
C GLN B 327 -10.29 21.63 -12.61
N LYS B 328 -9.99 20.42 -13.03
CA LYS B 328 -9.55 19.37 -12.08
C LYS B 328 -8.26 19.77 -11.35
N MET B 329 -7.33 20.45 -12.00
CA MET B 329 -6.06 20.84 -11.36
C MET B 329 -6.35 21.78 -10.17
N MET B 330 -7.26 22.74 -10.36
CA MET B 330 -7.50 23.72 -9.31
C MET B 330 -8.30 23.12 -8.14
N ILE B 331 -9.27 22.23 -8.39
CA ILE B 331 -10.00 21.60 -7.26
C ILE B 331 -9.03 20.72 -6.46
N GLY B 332 -8.17 20.00 -7.16
CA GLY B 332 -7.14 19.19 -6.52
C GLY B 332 -6.27 19.97 -5.55
N ARG B 333 -5.83 21.18 -5.95
CA ARG B 333 -4.85 21.95 -5.16
C ARG B 333 -5.53 22.56 -3.94
N CYS B 334 -6.78 23.00 -4.12
CA CYS B 334 -7.63 23.52 -3.05
C CYS B 334 -7.96 22.45 -1.98
N ASN B 335 -8.12 21.19 -2.36
CA ASN B 335 -8.36 20.13 -1.38
C ASN B 335 -7.09 19.89 -0.55
N ARG B 336 -5.92 19.97 -1.19
CA ARG B 336 -4.63 19.65 -0.56
C ARG B 336 -4.24 20.78 0.40
N ALA B 337 -4.72 22.00 0.18
CA ALA B 337 -4.31 23.16 1.00
C ALA B 337 -5.30 23.40 2.14
N GLY B 338 -6.42 22.65 2.14
CA GLY B 338 -7.52 22.83 3.09
C GLY B 338 -8.24 24.16 2.89
N LYS B 339 -8.52 24.53 1.65
CA LYS B 339 -9.20 25.78 1.32
C LYS B 339 -10.40 25.51 0.41
N PRO B 340 -11.56 26.14 0.68
CA PRO B 340 -12.80 25.92 -0.09
C PRO B 340 -12.76 26.44 -1.54
N VAL B 341 -13.38 25.65 -2.42
CA VAL B 341 -13.42 25.91 -3.85
C VAL B 341 -14.86 25.75 -4.37
N ILE B 342 -15.45 26.89 -4.74
CA ILE B 342 -16.77 27.02 -5.39
C ILE B 342 -16.59 26.69 -6.87
N CYS B 343 -17.58 26.07 -7.48
CA CYS B 343 -17.47 25.82 -8.92
C CYS B 343 -18.78 26.20 -9.63
N ALA B 344 -18.69 27.10 -10.62
CA ALA B 344 -19.91 27.70 -11.20
C ALA B 344 -20.37 26.93 -12.45
N THR B 345 -21.57 26.36 -12.34
CA THR B 345 -22.09 25.34 -13.27
C THR B 345 -23.27 25.89 -14.08
N GLN B 346 -23.91 25.00 -14.85
CA GLN B 346 -25.13 25.31 -15.59
C GLN B 346 -25.97 24.05 -15.79
N MET B 347 -27.24 24.26 -16.16
CA MET B 347 -28.09 23.21 -16.68
C MET B 347 -27.84 23.07 -18.19
N LEU B 348 -27.77 21.81 -18.67
CA LEU B 348 -27.60 21.49 -20.10
C LEU B 348 -28.86 20.77 -20.61
N GLU B 349 -29.08 20.84 -21.93
CA GLU B 349 -30.13 20.06 -22.63
C GLU B 349 -29.51 19.37 -23.85
N SER B 350 -30.20 18.37 -24.40
CA SER B 350 -29.76 17.59 -25.57
C SER B 350 -29.75 18.48 -26.81
N MET B 351 -28.77 18.25 -27.71
CA MET B 351 -28.56 19.13 -28.89
C MET B 351 -29.66 18.90 -29.94
N ILE B 352 -29.86 17.64 -30.36
CA ILE B 352 -30.97 17.27 -31.25
C ILE B 352 -32.24 17.08 -30.40
N LYS B 353 -33.20 18.00 -30.54
CA LYS B 353 -34.41 18.01 -29.72
C LYS B 353 -35.66 17.87 -30.59
N LYS B 354 -36.22 16.66 -30.58
CA LYS B 354 -37.52 16.35 -31.18
C LYS B 354 -38.62 16.33 -30.10
N PRO B 355 -38.37 15.69 -28.92
CA PRO B 355 -39.41 15.65 -27.85
C PRO B 355 -39.67 17.02 -27.21
N ARG B 356 -40.83 17.14 -26.55
CA ARG B 356 -41.31 18.39 -25.96
C ARG B 356 -40.63 18.69 -24.61
N PRO B 357 -40.39 17.67 -23.74
CA PRO B 357 -39.74 17.94 -22.43
C PRO B 357 -38.31 18.49 -22.57
N THR B 358 -37.92 19.36 -21.64
CA THR B 358 -36.61 20.01 -21.62
C THR B 358 -35.51 19.00 -21.28
N ARG B 359 -35.84 18.05 -20.39
CA ARG B 359 -34.93 16.98 -19.90
C ARG B 359 -33.63 17.62 -19.38
N ALA B 360 -33.76 18.40 -18.30
CA ALA B 360 -32.66 19.16 -17.71
C ALA B 360 -31.53 18.20 -17.29
N GLU B 361 -30.48 18.17 -18.11
CA GLU B 361 -29.34 17.25 -17.97
C GLU B 361 -28.30 17.85 -17.01
N GLY B 362 -28.12 17.19 -15.87
CA GLY B 362 -27.26 17.70 -14.80
C GLY B 362 -25.97 16.92 -14.63
N SER B 363 -25.37 16.50 -15.74
CA SER B 363 -24.05 15.83 -15.74
C SER B 363 -22.96 16.83 -15.31
N ASP B 364 -23.05 18.06 -15.79
CA ASP B 364 -22.19 19.20 -15.40
C ASP B 364 -22.05 19.42 -13.87
N VAL B 365 -23.18 19.31 -13.17
CA VAL B 365 -23.32 19.50 -11.72
C VAL B 365 -22.70 18.29 -10.98
N ALA B 366 -23.10 17.07 -11.38
CA ALA B 366 -22.62 15.80 -10.78
C ALA B 366 -21.09 15.68 -10.91
N ASN B 367 -20.54 16.20 -12.02
CA ASN B 367 -19.10 16.10 -12.29
C ASN B 367 -18.32 16.78 -11.17
N ALA B 368 -18.66 18.05 -10.94
CA ALA B 368 -18.02 18.90 -9.96
C ALA B 368 -18.12 18.29 -8.54
N VAL B 369 -19.29 17.77 -8.16
CA VAL B 369 -19.43 17.16 -6.81
C VAL B 369 -18.37 16.05 -6.68
N LEU B 370 -18.12 15.31 -7.75
CA LEU B 370 -17.24 14.15 -7.72
C LEU B 370 -15.78 14.60 -7.69
N ASP B 371 -15.48 15.66 -8.45
CA ASP B 371 -14.12 16.24 -8.51
C ASP B 371 -13.66 16.73 -7.13
N GLY B 372 -14.63 17.00 -6.24
CA GLY B 372 -14.35 17.40 -4.87
C GLY B 372 -14.54 18.90 -4.62
N ALA B 373 -15.43 19.53 -5.40
CA ALA B 373 -15.93 20.89 -5.11
C ALA B 373 -16.61 20.94 -3.73
N ASP B 374 -16.57 22.12 -3.10
CA ASP B 374 -17.23 22.40 -1.81
C ASP B 374 -18.67 23.02 -1.91
N CYS B 375 -18.90 23.99 -2.80
CA CYS B 375 -20.27 24.40 -3.15
C CYS B 375 -20.44 24.43 -4.67
N ILE B 376 -21.67 24.37 -5.15
CA ILE B 376 -21.92 24.55 -6.59
C ILE B 376 -22.84 25.76 -6.79
N MET B 377 -22.70 26.42 -7.94
CA MET B 377 -23.46 27.67 -8.20
C MET B 377 -24.36 27.52 -9.43
N LEU B 378 -25.56 28.11 -9.37
CA LEU B 378 -26.46 28.26 -10.53
C LEU B 378 -26.81 29.74 -10.77
N SER B 379 -26.40 30.24 -11.95
CA SER B 379 -26.51 31.67 -12.33
C SER B 379 -27.91 31.99 -12.87
N GLY B 380 -28.08 31.92 -14.20
CA GLY B 380 -29.28 32.40 -14.93
C GLY B 380 -30.57 31.76 -14.45
N GLU B 381 -30.54 30.45 -14.24
CA GLU B 381 -31.70 29.59 -13.91
C GLU B 381 -32.50 30.13 -12.71
N THR B 382 -31.88 30.98 -11.89
CA THR B 382 -32.51 31.43 -10.64
C THR B 382 -32.73 32.95 -10.65
N ALA B 383 -32.05 33.65 -11.56
CA ALA B 383 -32.08 35.11 -11.61
C ALA B 383 -33.27 35.59 -12.46
N LYS B 384 -33.36 35.11 -13.70
CA LYS B 384 -34.29 35.65 -14.71
C LYS B 384 -35.19 34.53 -15.26
N GLY B 385 -34.80 33.26 -15.06
CA GLY B 385 -35.53 32.07 -15.55
C GLY B 385 -36.96 31.97 -15.03
N ASP B 386 -37.75 31.07 -15.62
CA ASP B 386 -39.19 30.96 -15.33
C ASP B 386 -39.56 30.05 -14.16
N TYR B 387 -38.72 29.04 -13.88
CA TYR B 387 -38.99 28.05 -12.83
C TYR B 387 -37.83 28.02 -11.82
N PRO B 388 -37.72 29.05 -10.93
CA PRO B 388 -36.58 29.07 -9.99
C PRO B 388 -36.58 27.92 -8.97
N LEU B 389 -37.68 27.69 -8.26
CA LEU B 389 -37.79 26.58 -7.26
C LEU B 389 -37.35 25.24 -7.86
N GLU B 390 -37.72 24.97 -9.11
CA GLU B 390 -37.47 23.67 -9.74
C GLU B 390 -35.95 23.46 -9.88
N ALA B 391 -35.21 24.54 -10.08
CA ALA B 391 -33.78 24.48 -10.32
C ALA B 391 -33.04 24.20 -9.00
N VAL B 392 -33.44 24.86 -7.91
CA VAL B 392 -32.87 24.57 -6.57
C VAL B 392 -33.17 23.12 -6.17
N ARG B 393 -34.36 22.63 -6.50
CA ARG B 393 -34.72 21.26 -6.13
C ARG B 393 -33.88 20.26 -6.95
N MET B 394 -33.37 20.68 -8.09
CA MET B 394 -32.60 19.79 -8.95
C MET B 394 -31.16 19.68 -8.43
N GLN B 395 -30.52 20.83 -8.20
CA GLN B 395 -29.20 20.96 -7.59
C GLN B 395 -29.10 20.06 -6.34
N HIS B 396 -30.10 20.18 -5.45
CA HIS B 396 -30.19 19.39 -4.22
C HIS B 396 -30.19 17.89 -4.54
N LEU B 397 -31.16 17.42 -5.33
CA LEU B 397 -31.35 15.99 -5.58
C LEU B 397 -30.11 15.36 -6.22
N ILE B 398 -29.48 16.05 -7.19
CA ILE B 398 -28.23 15.59 -7.84
C ILE B 398 -27.11 15.51 -6.79
N ALA B 399 -26.88 16.62 -6.08
CA ALA B 399 -25.75 16.76 -5.16
C ALA B 399 -25.74 15.61 -4.14
N ARG B 400 -26.91 15.36 -3.55
CA ARG B 400 -27.14 14.30 -2.57
C ARG B 400 -26.71 12.95 -3.13
N GLU B 401 -27.25 12.60 -4.30
CA GLU B 401 -27.11 11.26 -4.88
C GLU B 401 -25.66 10.98 -5.28
N ALA B 402 -24.95 11.99 -5.79
CA ALA B 402 -23.63 11.77 -6.42
C ALA B 402 -22.52 11.59 -5.38
N GLU B 403 -22.83 11.75 -4.09
CA GLU B 403 -21.88 11.50 -3.01
C GLU B 403 -21.68 9.98 -2.82
N ALA B 404 -22.61 9.18 -3.33
CA ALA B 404 -22.55 7.71 -3.29
C ALA B 404 -21.31 7.16 -4.03
N ALA B 405 -20.96 7.75 -5.18
CA ALA B 405 -19.95 7.20 -6.11
C ALA B 405 -18.49 7.55 -5.73
N ILE B 406 -18.26 8.48 -4.81
CA ILE B 406 -16.89 8.83 -4.35
C ILE B 406 -16.31 7.66 -3.53
N TYR B 407 -15.04 7.34 -3.76
CA TYR B 407 -14.32 6.39 -2.90
C TYR B 407 -13.66 7.19 -1.76
N HIS B 408 -14.48 7.42 -0.72
CA HIS B 408 -14.21 8.34 0.39
C HIS B 408 -13.02 7.88 1.25
N LEU B 409 -12.80 6.56 1.30
CA LEU B 409 -11.73 5.98 2.07
C LEU B 409 -10.38 6.36 1.48
N GLN B 410 -10.20 6.19 0.15
CA GLN B 410 -8.92 6.55 -0.50
C GLN B 410 -8.59 8.03 -0.30
N LEU B 411 -9.60 8.90 -0.44
CA LEU B 411 -9.44 10.36 -0.25
C LEU B 411 -8.91 10.67 1.16
N PHE B 412 -9.55 10.03 2.15
CA PHE B 412 -9.37 10.32 3.57
C PHE B 412 -7.93 9.97 4.03
N GLU B 413 -7.49 8.74 3.76
CA GLU B 413 -6.11 8.29 3.98
C GLU B 413 -5.14 9.29 3.35
N GLU B 414 -5.39 9.61 2.06
CA GLU B 414 -4.54 10.43 1.21
C GLU B 414 -4.29 11.81 1.85
N LEU B 415 -5.33 12.42 2.41
CA LEU B 415 -5.23 13.77 3.05
C LEU B 415 -4.41 13.69 4.34
N ARG B 416 -4.45 12.55 5.01
CA ARG B 416 -3.78 12.38 6.32
C ARG B 416 -2.27 12.19 6.14
N ARG B 417 -1.85 11.60 5.02
CA ARG B 417 -0.43 11.40 4.72
C ARG B 417 0.25 12.75 4.44
N LEU B 418 -0.39 13.61 3.64
CA LEU B 418 0.22 14.92 3.32
C LEU B 418 -0.15 15.98 4.37
N ALA B 419 0.03 15.61 5.63
CA ALA B 419 -0.15 16.51 6.75
C ALA B 419 1.15 16.54 7.59
N PRO B 420 1.66 17.76 7.90
CA PRO B 420 2.93 17.94 8.63
C PRO B 420 2.81 17.76 10.15
N ILE B 421 3.83 17.15 10.76
CA ILE B 421 4.00 17.10 12.23
C ILE B 421 4.19 18.54 12.74
N THR B 422 3.40 18.93 13.74
CA THR B 422 3.48 20.25 14.40
C THR B 422 3.45 20.04 15.93
N SER B 423 3.41 21.13 16.68
CA SER B 423 3.22 21.08 18.14
C SER B 423 1.92 21.79 18.54
N ASP B 424 1.16 22.32 17.57
CA ASP B 424 -0.14 22.96 17.82
C ASP B 424 -1.21 22.01 18.44
N PRO B 425 -1.54 22.22 19.73
CA PRO B 425 -2.55 21.38 20.39
C PRO B 425 -3.84 21.16 19.58
N THR B 426 -4.26 22.16 18.83
CA THR B 426 -5.55 22.12 18.15
C THR B 426 -5.56 21.10 17.00
N GLU B 427 -4.50 21.14 16.19
CA GLU B 427 -4.25 20.19 15.10
C GLU B 427 -4.27 18.74 15.61
N ALA B 428 -3.71 18.49 16.80
CA ALA B 428 -3.62 17.17 17.35
C ALA B 428 -5.01 16.76 17.90
N THR B 429 -5.75 17.71 18.46
CA THR B 429 -7.10 17.38 18.92
C THR B 429 -7.91 16.88 17.72
N ALA B 430 -7.76 17.54 16.55
CA ALA B 430 -8.63 17.33 15.37
C ALA B 430 -8.39 15.94 14.72
N VAL B 431 -7.12 15.61 14.57
CA VAL B 431 -6.70 14.29 14.11
C VAL B 431 -7.19 13.19 15.07
N GLY B 432 -6.98 13.33 16.37
CA GLY B 432 -7.66 12.49 17.35
C GLY B 432 -9.16 12.34 17.12
N ALA B 433 -9.88 13.43 16.97
CA ALA B 433 -11.37 13.35 16.85
C ALA B 433 -11.80 12.50 15.64
N VAL B 434 -11.06 12.61 14.55
CA VAL B 434 -11.46 12.07 13.25
C VAL B 434 -11.22 10.55 13.26
N GLU B 435 -10.05 10.12 13.73
CA GLU B 435 -9.75 8.72 13.97
C GLU B 435 -10.68 8.12 15.02
N ALA B 436 -10.91 8.73 16.16
CA ALA B 436 -11.90 8.13 17.14
C ALA B 436 -13.19 7.77 16.40
N SER B 437 -13.57 8.64 15.45
CA SER B 437 -14.92 8.67 14.90
C SER B 437 -15.13 7.50 13.93
N PHE B 438 -14.10 7.15 13.15
CA PHE B 438 -14.12 5.90 12.37
C PHE B 438 -14.44 4.73 13.30
N LYS B 439 -13.58 4.53 14.28
CA LYS B 439 -13.55 3.36 15.14
C LYS B 439 -14.88 3.12 15.87
N CYS B 440 -15.59 4.16 16.30
CA CYS B 440 -16.84 3.91 17.05
C CYS B 440 -18.06 4.04 16.13
N CYS B 441 -17.81 4.36 14.86
CA CYS B 441 -18.85 4.69 13.87
C CYS B 441 -19.79 5.79 14.40
N SER B 442 -19.25 6.85 15.02
CA SER B 442 -20.08 7.98 15.56
C SER B 442 -20.95 8.61 14.46
N GLY B 443 -22.06 9.17 14.91
CA GLY B 443 -23.01 9.79 14.03
C GLY B 443 -22.83 11.29 13.92
N ALA B 444 -21.99 11.91 14.76
CA ALA B 444 -21.70 13.35 14.61
C ALA B 444 -20.45 13.76 15.39
N ILE B 445 -19.80 14.84 14.94
CA ILE B 445 -18.69 15.49 15.68
C ILE B 445 -19.14 16.91 16.09
N ILE B 446 -19.41 17.14 17.34
CA ILE B 446 -19.88 18.48 17.78
C ILE B 446 -18.66 19.39 18.02
N VAL B 447 -18.58 20.61 17.51
CA VAL B 447 -17.36 21.43 17.80
C VAL B 447 -17.79 22.81 18.29
N LEU B 448 -17.34 23.32 19.44
CA LEU B 448 -17.71 24.74 19.82
C LEU B 448 -16.67 25.64 19.17
N THR B 449 -17.10 26.76 18.62
CA THR B 449 -16.19 27.63 17.85
C THR B 449 -16.63 29.10 17.95
N LYS B 450 -15.70 30.05 17.89
CA LYS B 450 -16.05 31.47 17.83
C LYS B 450 -15.77 32.00 16.41
N SER B 451 -14.53 31.85 15.91
CA SER B 451 -14.15 32.34 14.59
C SER B 451 -14.48 31.33 13.47
N GLY B 452 -14.76 30.09 13.83
CA GLY B 452 -14.99 29.02 12.89
C GLY B 452 -13.75 28.16 12.72
N ARG B 453 -12.59 28.62 13.20
CA ARG B 453 -11.29 27.98 12.89
C ARG B 453 -11.21 26.51 13.33
N SER B 454 -11.73 26.14 14.52
CA SER B 454 -11.66 24.74 15.01
C SER B 454 -12.49 23.76 14.15
N ALA B 455 -13.70 24.16 13.74
CA ALA B 455 -14.44 23.34 12.75
C ALA B 455 -13.66 23.28 11.44
N HIS B 456 -13.08 24.39 10.94
CA HIS B 456 -12.29 24.29 9.66
C HIS B 456 -11.22 23.18 9.77
N GLN B 457 -10.48 23.04 10.87
CA GLN B 457 -9.39 22.02 10.94
C GLN B 457 -9.93 20.57 10.86
N VAL B 458 -11.12 20.33 11.38
CA VAL B 458 -11.68 18.98 11.39
C VAL B 458 -12.09 18.61 9.96
N ALA B 459 -12.72 19.56 9.27
CA ALA B 459 -13.34 19.39 7.97
C ALA B 459 -12.26 19.19 6.89
N ARG B 460 -11.04 19.67 7.10
CA ARG B 460 -10.01 19.43 6.09
C ARG B 460 -9.69 17.92 5.94
N TYR B 461 -10.04 17.05 6.89
CA TYR B 461 -9.81 15.58 6.72
C TYR B 461 -10.93 14.88 5.92
N ARG B 462 -12.11 15.49 5.85
CA ARG B 462 -13.30 14.88 5.16
C ARG B 462 -13.80 13.61 5.88
N PRO B 463 -14.00 13.64 7.23
CA PRO B 463 -14.60 12.51 7.96
C PRO B 463 -15.96 12.05 7.40
N ARG B 464 -16.38 10.83 7.70
CA ARG B 464 -17.69 10.37 7.22
C ARG B 464 -18.80 11.08 7.97
N ALA B 465 -18.55 11.42 9.23
CA ALA B 465 -19.64 11.89 10.09
C ALA B 465 -19.85 13.39 9.84
N PRO B 466 -21.10 13.88 9.84
CA PRO B 466 -21.39 15.35 9.81
C PRO B 466 -20.72 16.12 10.97
N ILE B 467 -20.24 17.33 10.72
CA ILE B 467 -19.61 18.22 11.72
C ILE B 467 -20.58 19.34 12.11
N ILE B 468 -21.17 19.28 13.28
CA ILE B 468 -22.04 20.36 13.82
C ILE B 468 -21.19 21.41 14.54
N ALA B 469 -21.27 22.66 14.11
CA ALA B 469 -20.52 23.77 14.73
C ALA B 469 -21.47 24.62 15.57
N VAL B 470 -21.17 24.87 16.83
CA VAL B 470 -22.10 25.57 17.68
C VAL B 470 -21.50 26.93 18.01
N THR B 471 -22.18 28.01 17.63
CA THR B 471 -21.57 29.33 17.80
C THR B 471 -22.63 30.31 18.29
N ARG B 472 -22.17 31.47 18.76
CA ARG B 472 -23.04 32.60 19.15
C ARG B 472 -22.88 33.72 18.12
N ASN B 473 -21.68 33.80 17.52
CA ASN B 473 -21.32 34.74 16.46
C ASN B 473 -22.19 34.49 15.22
N PRO B 474 -23.05 35.45 14.82
CA PRO B 474 -23.96 35.17 13.66
C PRO B 474 -23.24 35.21 12.30
N GLN B 475 -22.13 35.93 12.20
CA GLN B 475 -21.38 35.96 10.94
C GLN B 475 -20.64 34.64 10.72
N THR B 476 -20.15 34.02 11.80
CA THR B 476 -19.47 32.73 11.74
C THR B 476 -20.44 31.65 11.25
N ALA B 477 -21.67 31.64 11.74
CA ALA B 477 -22.63 30.62 11.27
C ALA B 477 -22.88 30.77 9.75
N ARG B 478 -22.78 31.99 9.20
CA ARG B 478 -23.07 32.20 7.76
C ARG B 478 -21.93 31.65 6.89
N GLN B 479 -20.68 31.96 7.24
CA GLN B 479 -19.53 31.62 6.37
C GLN B 479 -19.27 30.11 6.36
N ALA B 480 -19.85 29.39 7.30
CA ALA B 480 -19.63 27.95 7.49
C ALA B 480 -20.16 27.18 6.29
N HIS B 481 -20.99 27.81 5.44
CA HIS B 481 -21.55 27.08 4.32
C HIS B 481 -20.49 26.86 3.24
N LEU B 482 -19.40 27.62 3.24
CA LEU B 482 -18.33 27.41 2.26
C LEU B 482 -17.62 26.07 2.44
N TYR B 483 -17.48 25.50 3.64
CA TYR B 483 -16.64 24.31 3.87
C TYR B 483 -17.47 23.03 3.83
N ARG B 484 -17.00 22.01 3.11
CA ARG B 484 -17.82 20.81 2.78
C ARG B 484 -18.00 19.93 4.03
N GLY B 485 -19.25 19.68 4.37
CA GLY B 485 -19.56 18.76 5.46
C GLY B 485 -19.79 19.42 6.81
N ILE B 486 -19.66 20.76 6.97
CA ILE B 486 -20.00 21.48 8.23
C ILE B 486 -21.46 21.95 8.20
N PHE B 487 -22.23 21.68 9.27
CA PHE B 487 -23.66 22.11 9.44
C PHE B 487 -23.73 23.09 10.62
N PRO B 488 -23.79 24.40 10.35
CA PRO B 488 -23.75 25.38 11.48
C PRO B 488 -25.07 25.43 12.25
N VAL B 489 -25.01 25.63 13.57
CA VAL B 489 -26.21 25.91 14.40
C VAL B 489 -25.92 27.14 15.28
N LEU B 490 -26.80 28.14 15.18
CA LEU B 490 -26.57 29.34 15.98
C LEU B 490 -27.41 29.29 17.28
N CYS B 491 -26.75 29.69 18.37
CA CYS B 491 -27.29 29.63 19.72
C CYS B 491 -27.60 31.07 20.18
N LYS B 492 -28.82 31.25 20.70
CA LYS B 492 -29.37 32.59 20.93
C LYS B 492 -29.45 32.90 22.44
N ASP B 493 -29.55 31.84 23.25
CA ASP B 493 -29.59 31.91 24.75
C ASP B 493 -28.62 32.89 25.44
N PRO B 494 -28.98 33.37 26.65
CA PRO B 494 -28.08 34.30 27.35
C PRO B 494 -26.91 33.54 28.01
N VAL B 495 -25.72 34.16 27.95
CA VAL B 495 -24.51 33.62 28.57
C VAL B 495 -24.76 33.40 30.07
N GLN B 496 -24.68 32.13 30.49
CA GLN B 496 -24.83 31.69 31.91
C GLN B 496 -23.68 32.24 32.75
N GLU B 497 -23.77 32.07 34.07
CA GLU B 497 -22.82 32.69 35.02
C GLU B 497 -21.51 31.89 35.05
N ALA B 498 -21.59 30.62 35.44
CA ALA B 498 -20.43 29.72 35.46
C ALA B 498 -20.14 29.24 34.04
N TRP B 499 -18.88 29.36 33.63
CA TRP B 499 -18.46 29.05 32.27
C TRP B 499 -18.66 27.56 31.98
N ALA B 500 -18.16 26.68 32.84
CA ALA B 500 -18.37 25.25 32.67
C ALA B 500 -19.84 24.95 32.34
N GLU B 501 -20.78 25.74 32.89
CA GLU B 501 -22.23 25.50 32.78
C GLU B 501 -22.77 26.03 31.44
N ASP B 502 -22.16 27.12 30.97
CA ASP B 502 -22.38 27.64 29.61
C ASP B 502 -22.03 26.59 28.55
N VAL B 503 -20.80 26.04 28.63
CA VAL B 503 -20.33 24.99 27.71
C VAL B 503 -21.32 23.81 27.68
N ASP B 504 -21.84 23.42 28.84
CA ASP B 504 -22.75 22.26 28.88
C ASP B 504 -24.14 22.55 28.32
N LEU B 505 -24.51 23.83 28.31
CA LEU B 505 -25.75 24.24 27.68
C LEU B 505 -25.62 24.15 26.14
N ARG B 506 -24.55 24.72 25.54
CA ARG B 506 -24.32 24.73 24.06
C ARG B 506 -24.14 23.31 23.52
N VAL B 507 -23.51 22.40 24.28
CA VAL B 507 -23.40 20.98 23.84
C VAL B 507 -24.80 20.37 23.73
N ASN B 508 -25.65 20.56 24.75
CA ASN B 508 -27.02 20.00 24.78
C ASN B 508 -27.87 20.56 23.65
N PHE B 509 -27.87 21.89 23.49
CA PHE B 509 -28.56 22.53 22.36
C PHE B 509 -28.25 21.75 21.08
N ALA B 510 -26.95 21.60 20.81
CA ALA B 510 -26.42 20.86 19.65
C ALA B 510 -26.97 19.42 19.54
N MET B 511 -27.11 18.71 20.66
CA MET B 511 -27.71 17.35 20.65
C MET B 511 -29.21 17.40 20.35
N ASN B 512 -29.96 18.41 20.83
CA ASN B 512 -31.39 18.48 20.42
C ASN B 512 -31.45 18.71 18.90
N VAL B 513 -30.78 19.76 18.41
CA VAL B 513 -30.82 20.11 16.98
C VAL B 513 -30.41 18.90 16.13
N GLY B 514 -29.48 18.08 16.60
CA GLY B 514 -29.03 16.86 15.88
C GLY B 514 -30.10 15.80 15.72
N LYS B 515 -30.91 15.58 16.77
CA LYS B 515 -32.00 14.55 16.81
C LYS B 515 -33.22 15.02 15.99
N ALA B 516 -33.64 16.28 16.17
CA ALA B 516 -34.68 16.95 15.36
C ALA B 516 -34.43 16.76 13.85
N ARG B 517 -33.22 17.08 13.39
CA ARG B 517 -32.84 16.98 11.96
C ARG B 517 -32.50 15.53 11.59
N GLY B 518 -32.48 14.62 12.57
CA GLY B 518 -32.41 13.17 12.35
C GLY B 518 -31.03 12.66 11.94
N PHE B 519 -29.96 13.07 12.66
CA PHE B 519 -28.58 12.65 12.31
C PHE B 519 -28.14 11.48 13.20
N PHE B 520 -28.88 11.26 14.28
CA PHE B 520 -28.58 10.24 15.30
C PHE B 520 -29.78 10.17 16.25
N LYS B 521 -30.01 9.03 16.90
CA LYS B 521 -31.11 8.92 17.88
C LYS B 521 -30.54 8.68 19.29
N LYS B 522 -31.41 8.37 20.25
CA LYS B 522 -31.02 8.20 21.64
C LYS B 522 -30.23 6.88 21.81
N GLY B 523 -29.18 6.97 22.64
CA GLY B 523 -28.28 5.84 22.90
C GLY B 523 -27.36 5.53 21.71
N ASP B 524 -27.04 6.57 20.93
CA ASP B 524 -25.96 6.54 19.94
C ASP B 524 -24.72 7.14 20.59
N VAL B 525 -23.62 7.22 19.83
CA VAL B 525 -22.33 7.73 20.36
C VAL B 525 -21.94 9.00 19.56
N VAL B 526 -21.58 10.10 20.25
CA VAL B 526 -21.00 11.27 19.52
C VAL B 526 -19.63 11.69 20.06
N ILE B 527 -18.78 12.30 19.19
CA ILE B 527 -17.51 12.94 19.62
C ILE B 527 -17.77 14.43 19.88
N VAL B 528 -17.27 15.00 20.98
CA VAL B 528 -17.50 16.41 21.31
C VAL B 528 -16.13 17.05 21.51
N LEU B 529 -15.94 18.27 21.06
CA LEU B 529 -14.61 18.81 20.97
C LEU B 529 -14.61 20.24 21.56
N THR B 530 -13.81 20.57 22.57
CA THR B 530 -13.88 21.90 23.22
C THR B 530 -12.51 22.26 23.82
N GLY B 531 -12.47 23.42 24.51
CA GLY B 531 -11.24 24.05 25.02
C GLY B 531 -11.22 24.08 26.53
N TRP B 532 -10.15 24.60 27.12
CA TRP B 532 -9.98 24.55 28.57
C TRP B 532 -10.36 25.88 29.23
N ARG B 533 -10.29 26.97 28.48
CA ARG B 533 -10.66 28.33 28.95
C ARG B 533 -11.48 29.03 27.84
N PRO B 534 -12.18 30.14 28.15
CA PRO B 534 -12.88 30.99 27.15
C PRO B 534 -11.91 31.75 26.22
N GLY B 535 -12.32 32.12 25.01
CA GLY B 535 -11.39 32.78 24.06
C GLY B 535 -11.23 32.01 22.75
N SER B 536 -10.48 32.55 21.80
CA SER B 536 -10.18 31.78 20.59
C SER B 536 -8.76 31.21 20.65
N GLY B 537 -8.63 29.95 20.23
CA GLY B 537 -7.33 29.34 20.02
C GLY B 537 -6.96 28.34 21.11
N PHE B 538 -7.93 27.91 21.92
CA PHE B 538 -7.59 27.04 23.04
C PHE B 538 -8.24 25.63 22.96
N THR B 539 -8.53 25.08 21.77
CA THR B 539 -9.27 23.81 21.68
C THR B 539 -8.30 22.68 21.97
N ASN B 540 -8.64 21.75 22.87
CA ASN B 540 -7.65 20.76 23.36
C ASN B 540 -8.31 19.50 23.95
N THR B 541 -9.61 19.43 24.03
CA THR B 541 -10.27 18.33 24.70
C THR B 541 -11.19 17.59 23.72
N MET B 542 -11.25 16.25 23.84
CA MET B 542 -12.09 15.40 23.01
C MET B 542 -12.79 14.40 23.93
N ARG B 543 -14.13 14.35 24.00
CA ARG B 543 -14.89 13.37 24.86
C ARG B 543 -15.76 12.48 23.97
N VAL B 544 -15.91 11.19 24.27
CA VAL B 544 -16.78 10.32 23.49
C VAL B 544 -18.05 10.10 24.33
N VAL B 545 -19.21 10.60 23.93
CA VAL B 545 -20.38 10.57 24.85
C VAL B 545 -21.56 9.83 24.21
N PRO B 546 -22.40 9.17 25.04
CA PRO B 546 -23.70 8.58 24.60
C PRO B 546 -24.75 9.69 24.43
N VAL B 547 -25.63 9.55 23.43
CA VAL B 547 -26.64 10.61 23.19
C VAL B 547 -27.78 10.47 24.22
N PRO B 548 -28.05 11.57 24.96
CA PRO B 548 -29.08 11.59 26.02
C PRO B 548 -30.50 11.73 25.44
N MET C 39 1.31 -15.85 0.78
CA MET C 39 -0.15 -15.73 0.53
C MET C 39 -0.79 -14.71 1.50
N ALA C 40 -0.07 -14.33 2.56
CA ALA C 40 -0.58 -13.37 3.56
C ALA C 40 -0.45 -11.92 3.03
N ASP C 41 -1.40 -11.08 3.44
CA ASP C 41 -1.43 -9.65 3.11
C ASP C 41 -0.46 -8.83 3.97
N THR C 42 -0.17 -9.33 5.18
CA THR C 42 0.67 -8.65 6.16
C THR C 42 1.80 -9.57 6.63
N PHE C 43 2.74 -8.96 7.37
CA PHE C 43 3.88 -9.65 7.99
C PHE C 43 3.41 -10.33 9.28
N LEU C 44 2.48 -9.69 10.00
CA LEU C 44 1.92 -10.27 11.23
C LEU C 44 1.07 -11.51 10.90
N GLU C 45 0.26 -11.48 9.83
CA GLU C 45 -0.51 -12.70 9.40
C GLU C 45 0.46 -13.84 9.04
N HIS C 46 1.43 -13.53 8.17
CA HIS C 46 2.53 -14.41 7.76
C HIS C 46 3.15 -15.17 8.96
N MET C 47 3.49 -14.47 10.05
CA MET C 47 4.13 -15.13 11.22
C MET C 47 3.13 -16.05 11.92
N CYS C 48 1.85 -15.64 11.97
CA CYS C 48 0.78 -16.36 12.72
C CYS C 48 0.41 -17.69 12.06
N ARG C 49 0.74 -17.86 10.77
CA ARG C 49 0.35 -19.04 9.98
C ARG C 49 1.51 -20.03 9.83
N LEU C 50 2.58 -19.89 10.62
CA LEU C 50 3.72 -20.82 10.56
C LEU C 50 3.33 -22.14 11.24
N ASP C 51 3.51 -23.24 10.50
CA ASP C 51 3.14 -24.57 10.96
C ASP C 51 4.37 -25.45 11.11
N ILE C 52 4.39 -26.25 12.18
CA ILE C 52 5.52 -27.12 12.52
C ILE C 52 5.25 -28.57 12.07
N ASP C 53 4.07 -28.80 11.49
CA ASP C 53 3.71 -30.10 10.92
C ASP C 53 3.58 -30.03 9.39
N SER C 54 4.64 -29.54 8.73
CA SER C 54 4.71 -29.43 7.27
C SER C 54 6.17 -29.51 6.80
N PRO C 55 6.46 -30.31 5.75
CA PRO C 55 7.83 -30.52 5.25
C PRO C 55 8.36 -29.40 4.34
N PRO C 56 9.69 -29.17 4.32
CA PRO C 56 10.34 -28.16 3.45
C PRO C 56 10.64 -28.69 2.05
N ILE C 57 11.01 -27.79 1.12
CA ILE C 57 11.43 -28.16 -0.24
C ILE C 57 12.85 -28.74 -0.20
N THR C 58 13.24 -29.41 -1.28
CA THR C 58 14.56 -30.06 -1.40
C THR C 58 15.65 -29.01 -1.63
N ALA C 59 15.29 -27.92 -2.33
CA ALA C 59 16.25 -26.89 -2.74
C ALA C 59 16.68 -26.03 -1.55
N ARG C 60 17.99 -25.82 -1.45
CA ARG C 60 18.59 -24.96 -0.45
C ARG C 60 19.28 -23.77 -1.16
N ASN C 61 18.66 -22.60 -1.05
CA ASN C 61 19.10 -21.36 -1.72
C ASN C 61 20.48 -20.85 -1.26
N THR C 62 20.87 -21.03 0.00
CA THR C 62 22.08 -20.35 0.57
C THR C 62 23.35 -21.20 0.43
N GLY C 63 24.44 -20.56 0.01
CA GLY C 63 25.75 -21.26 -0.13
C GLY C 63 26.41 -21.62 1.19
N ILE C 64 27.24 -22.68 1.17
CA ILE C 64 27.98 -23.22 2.34
C ILE C 64 29.49 -23.28 2.06
N ILE C 65 30.24 -22.45 2.82
CA ILE C 65 31.73 -22.28 2.72
C ILE C 65 32.40 -22.95 3.91
N CYS C 66 33.33 -23.87 3.65
CA CYS C 66 34.00 -24.60 4.74
C CYS C 66 35.50 -24.31 4.71
N THR C 67 36.10 -24.14 5.88
CA THR C 67 37.55 -23.97 5.95
C THR C 67 38.21 -25.35 5.95
N ILE C 68 39.35 -25.49 5.25
CA ILE C 68 40.05 -26.78 5.20
C ILE C 68 41.38 -26.63 5.96
N GLY C 69 41.50 -27.43 7.03
CA GLY C 69 42.77 -27.60 7.78
C GLY C 69 43.14 -29.08 7.88
N PRO C 70 43.93 -29.46 8.92
CA PRO C 70 44.41 -30.85 9.13
C PRO C 70 43.30 -31.90 9.34
N ALA C 71 42.21 -31.50 10.01
CA ALA C 71 41.06 -32.38 10.31
C ALA C 71 40.36 -32.90 9.03
N SER C 72 40.50 -32.18 7.90
CA SER C 72 39.72 -32.44 6.69
C SER C 72 40.52 -32.09 5.43
N ARG C 73 41.79 -32.47 5.40
CA ARG C 73 42.65 -32.31 4.22
C ARG C 73 42.59 -33.57 3.33
N SER C 74 41.85 -34.60 3.74
CA SER C 74 42.03 -35.93 3.12
C SER C 74 40.90 -36.24 2.13
N VAL C 75 41.29 -36.89 1.03
CA VAL C 75 40.42 -37.17 -0.16
C VAL C 75 39.19 -38.02 0.22
N GLU C 76 39.14 -38.52 1.45
CA GLU C 76 38.02 -39.34 1.90
C GLU C 76 37.06 -38.48 2.71
N THR C 77 37.62 -37.54 3.48
CA THR C 77 36.86 -36.58 4.28
C THR C 77 36.20 -35.55 3.35
N LEU C 78 37.00 -35.07 2.39
CA LEU C 78 36.57 -34.13 1.36
C LEU C 78 35.38 -34.71 0.57
N LYS C 79 35.55 -35.88 -0.06
CA LYS C 79 34.46 -36.58 -0.79
C LYS C 79 33.16 -36.62 0.05
N GLU C 80 33.29 -36.74 1.35
CA GLU C 80 32.13 -36.93 2.22
C GLU C 80 31.46 -35.59 2.51
N MET C 81 32.24 -34.50 2.60
CA MET C 81 31.66 -33.15 2.82
C MET C 81 30.98 -32.65 1.53
N ILE C 82 31.58 -32.91 0.37
CA ILE C 82 30.91 -32.60 -0.92
C ILE C 82 29.49 -33.21 -0.97
N LYS C 83 29.30 -34.42 -0.46
CA LYS C 83 27.97 -35.05 -0.45
C LYS C 83 27.06 -34.38 0.59
N SER C 84 27.65 -33.77 1.61
CA SER C 84 26.87 -33.22 2.70
C SER C 84 26.32 -31.82 2.33
N GLY C 85 27.00 -31.14 1.40
CA GLY C 85 26.49 -29.90 0.84
C GLY C 85 27.49 -28.77 0.87
N MET C 86 28.78 -29.08 0.71
CA MET C 86 29.80 -28.06 0.68
C MET C 86 29.98 -27.55 -0.76
N ASN C 87 29.98 -26.21 -0.92
CA ASN C 87 30.00 -25.55 -2.21
C ASN C 87 31.35 -24.86 -2.45
N VAL C 88 32.02 -24.40 -1.40
CA VAL C 88 33.29 -23.61 -1.51
C VAL C 88 34.27 -24.15 -0.47
N ALA C 89 35.54 -24.30 -0.83
CA ALA C 89 36.58 -24.68 0.16
C ALA C 89 37.54 -23.50 0.39
N ARG C 90 37.57 -22.95 1.61
CA ARG C 90 38.42 -21.75 1.95
C ARG C 90 39.81 -22.21 2.45
N LEU C 91 40.88 -21.59 1.92
CA LEU C 91 42.27 -21.82 2.39
C LEU C 91 42.80 -20.54 3.08
N ASN C 92 43.23 -20.71 4.33
CA ASN C 92 43.66 -19.62 5.20
C ASN C 92 45.19 -19.47 5.13
N PHE C 93 45.66 -18.36 4.57
CA PHE C 93 47.10 -18.20 4.29
C PHE C 93 47.83 -17.51 5.45
N SER C 94 47.26 -17.57 6.66
CA SER C 94 47.98 -17.25 7.90
C SER C 94 48.99 -18.36 8.19
N HIS C 95 48.50 -19.60 8.25
CA HIS C 95 49.29 -20.78 8.63
C HIS C 95 49.85 -21.45 7.37
N GLY C 96 50.69 -22.48 7.55
CA GLY C 96 51.24 -23.31 6.45
C GLY C 96 52.19 -22.55 5.53
N THR C 97 52.81 -23.30 4.61
CA THR C 97 53.66 -22.74 3.55
C THR C 97 52.94 -22.89 2.20
N HIS C 98 53.62 -22.50 1.12
CA HIS C 98 53.08 -22.60 -0.24
C HIS C 98 53.08 -24.05 -0.73
N GLU C 99 53.98 -24.88 -0.19
CA GLU C 99 54.06 -26.29 -0.57
C GLU C 99 52.89 -27.06 0.05
N TYR C 100 52.56 -26.71 1.30
CA TYR C 100 51.55 -27.39 2.09
C TYR C 100 50.16 -27.12 1.51
N HIS C 101 49.91 -25.87 1.09
CA HIS C 101 48.60 -25.43 0.58
C HIS C 101 48.31 -26.07 -0.78
N ALA C 102 49.33 -26.09 -1.66
CA ALA C 102 49.27 -26.69 -3.00
C ALA C 102 48.85 -28.17 -2.94
N GLU C 103 49.05 -28.80 -1.79
CA GLU C 103 48.67 -30.20 -1.62
C GLU C 103 47.21 -30.30 -1.15
N THR C 104 46.71 -29.27 -0.47
CA THR C 104 45.30 -29.20 -0.11
C THR C 104 44.47 -28.93 -1.37
N ILE C 105 44.92 -28.00 -2.21
CA ILE C 105 44.24 -27.68 -3.47
C ILE C 105 44.15 -28.94 -4.35
N LYS C 106 45.27 -29.64 -4.50
CA LYS C 106 45.32 -30.91 -5.26
C LYS C 106 44.29 -31.90 -4.71
N ASN C 107 44.15 -31.97 -3.40
CA ASN C 107 43.25 -32.94 -2.78
C ASN C 107 41.79 -32.51 -2.95
N VAL C 108 41.54 -31.20 -3.00
CA VAL C 108 40.17 -30.67 -3.16
C VAL C 108 39.68 -31.01 -4.58
N ARG C 109 40.58 -30.83 -5.56
CA ARG C 109 40.27 -31.12 -6.96
C ARG C 109 40.06 -32.62 -7.19
N THR C 110 40.85 -33.47 -6.53
CA THR C 110 40.72 -34.92 -6.73
C THR C 110 39.32 -35.41 -6.28
N ALA C 111 38.87 -34.98 -5.10
CA ALA C 111 37.55 -35.39 -4.60
C ALA C 111 36.42 -34.86 -5.49
N THR C 112 36.54 -33.59 -5.93
CA THR C 112 35.58 -32.95 -6.85
C THR C 112 35.39 -33.87 -8.07
N GLU C 113 36.50 -34.12 -8.79
CA GLU C 113 36.52 -34.85 -10.09
C GLU C 113 36.11 -36.34 -9.95
N SER C 114 36.13 -36.91 -8.74
CA SER C 114 35.65 -38.28 -8.49
C SER C 114 34.23 -38.48 -9.06
N PHE C 115 33.35 -37.50 -8.89
CA PHE C 115 31.94 -37.61 -9.31
C PHE C 115 31.74 -37.19 -10.78
N ALA C 116 32.80 -36.83 -11.51
CA ALA C 116 32.65 -36.45 -12.93
C ALA C 116 32.65 -37.69 -13.84
N SER C 117 31.75 -38.63 -13.52
CA SER C 117 31.53 -39.84 -14.31
C SER C 117 30.05 -39.92 -14.74
N ASP C 118 29.16 -39.59 -13.80
CA ASP C 118 27.74 -39.34 -14.10
C ASP C 118 27.53 -37.82 -14.24
N PRO C 119 27.57 -37.30 -15.49
CA PRO C 119 27.61 -35.86 -15.77
C PRO C 119 26.31 -35.13 -15.37
N ILE C 120 25.32 -35.89 -14.92
CA ILE C 120 24.06 -35.33 -14.45
C ILE C 120 24.17 -35.01 -12.96
N LEU C 121 24.94 -35.80 -12.21
CA LEU C 121 24.98 -35.67 -10.74
C LEU C 121 26.27 -35.00 -10.25
N TYR C 122 27.17 -34.64 -11.17
CA TYR C 122 28.36 -33.81 -10.88
C TYR C 122 27.93 -32.49 -10.23
N ARG C 123 28.72 -32.03 -9.27
CA ARG C 123 28.46 -30.75 -8.57
C ARG C 123 29.77 -29.94 -8.52
N PRO C 124 29.80 -28.72 -9.07
CA PRO C 124 31.08 -27.97 -9.07
C PRO C 124 31.39 -27.39 -7.68
N VAL C 125 32.69 -27.19 -7.37
CA VAL C 125 33.17 -26.79 -6.04
C VAL C 125 34.28 -25.74 -6.20
N ALA C 126 34.08 -24.52 -5.65
CA ALA C 126 35.09 -23.38 -5.73
C ALA C 126 36.21 -23.51 -4.69
N VAL C 127 37.31 -22.82 -4.96
CA VAL C 127 38.49 -22.69 -4.06
C VAL C 127 38.72 -21.19 -3.85
N ALA C 128 38.80 -20.78 -2.59
CA ALA C 128 39.01 -19.37 -2.21
C ALA C 128 40.27 -19.25 -1.34
N LEU C 129 40.70 -18.02 -1.12
CA LEU C 129 42.01 -17.75 -0.60
C LEU C 129 41.89 -16.56 0.34
N ASP C 130 42.09 -16.80 1.63
CA ASP C 130 42.02 -15.70 2.59
C ASP C 130 43.45 -15.21 2.85
N THR C 131 43.71 -13.93 2.52
CA THR C 131 45.03 -13.31 2.79
C THR C 131 45.23 -13.25 4.30
N LYS C 132 46.49 -13.22 4.74
CA LYS C 132 46.81 -12.98 6.16
C LYS C 132 46.40 -11.55 6.52
N GLY C 133 46.75 -10.58 5.67
CA GLY C 133 46.40 -9.17 5.86
C GLY C 133 47.35 -8.46 6.80
N PRO C 134 47.63 -7.15 6.54
CA PRO C 134 48.50 -6.19 7.28
C PRO C 134 48.28 -6.16 8.80
N GLU C 135 49.37 -6.17 9.57
CA GLU C 135 49.33 -6.45 11.01
C GLU C 135 50.32 -5.54 11.77
N ILE C 136 50.05 -5.33 13.06
CA ILE C 136 51.00 -4.71 14.03
C ILE C 136 51.27 -5.72 15.15
N ARG C 137 52.55 -5.98 15.46
CA ARG C 137 52.91 -6.98 16.47
C ARG C 137 53.93 -6.40 17.47
N THR C 138 53.85 -6.90 18.71
CA THR C 138 54.78 -6.57 19.80
C THR C 138 56.10 -7.34 19.62
N GLY C 139 57.13 -6.92 20.35
CA GLY C 139 58.42 -7.62 20.37
C GLY C 139 58.43 -8.78 21.35
N LEU C 140 59.60 -9.41 21.48
CA LEU C 140 59.82 -10.58 22.36
C LEU C 140 59.89 -10.12 23.82
N ILE C 141 59.22 -10.86 24.70
CA ILE C 141 59.20 -10.56 26.14
C ILE C 141 60.41 -11.24 26.81
N LYS C 142 61.29 -10.41 27.39
CA LYS C 142 62.47 -10.83 28.20
C LYS C 142 63.46 -11.66 27.37
N GLY C 143 63.45 -11.50 26.05
CA GLY C 143 64.43 -12.12 25.15
C GLY C 143 64.02 -13.51 24.69
N SER C 144 63.46 -14.32 25.61
CA SER C 144 63.19 -15.74 25.40
C SER C 144 62.10 -15.94 24.33
N GLY C 145 60.92 -15.35 24.57
CA GLY C 145 59.77 -15.51 23.68
C GLY C 145 58.69 -16.40 24.28
N THR C 146 59.08 -17.20 25.29
CA THR C 146 58.16 -18.10 25.99
C THR C 146 57.83 -17.54 27.38
N ALA C 147 58.58 -16.51 27.80
CA ALA C 147 58.39 -15.84 29.09
C ALA C 147 57.17 -14.91 29.02
N GLU C 148 56.44 -14.84 30.13
CA GLU C 148 55.24 -14.01 30.24
C GLU C 148 55.37 -13.09 31.45
N VAL C 149 55.12 -11.79 31.24
CA VAL C 149 55.15 -10.79 32.32
C VAL C 149 53.74 -10.23 32.53
N GLU C 150 53.24 -10.36 33.76
CA GLU C 150 51.88 -9.95 34.12
C GLU C 150 51.89 -8.50 34.61
N LEU C 151 50.89 -7.73 34.18
CA LEU C 151 50.80 -6.31 34.50
C LEU C 151 49.46 -6.02 35.19
N LYS C 152 49.52 -5.13 36.19
CA LYS C 152 48.36 -4.79 37.02
C LYS C 152 47.80 -3.43 36.59
N LYS C 153 46.57 -3.15 37.01
CA LYS C 153 45.85 -1.93 36.64
C LYS C 153 46.51 -0.69 37.28
N GLY C 154 46.68 0.36 36.49
CA GLY C 154 47.24 1.63 36.94
C GLY C 154 48.64 1.90 36.39
N ALA C 155 49.46 0.85 36.36
CA ALA C 155 50.90 0.93 36.03
C ALA C 155 51.12 1.60 34.66
N THR C 156 51.79 2.76 34.68
CA THR C 156 52.15 3.47 33.45
C THR C 156 53.34 2.77 32.79
N LEU C 157 53.21 2.51 31.49
CA LEU C 157 54.30 1.96 30.70
C LEU C 157 54.59 2.84 29.48
N LYS C 158 55.83 2.79 29.01
CA LYS C 158 56.26 3.49 27.80
C LYS C 158 56.20 2.53 26.61
N ILE C 159 55.78 3.07 25.47
CA ILE C 159 55.81 2.36 24.20
C ILE C 159 56.83 3.09 23.29
N THR C 160 57.81 2.34 22.81
CA THR C 160 58.93 2.90 22.04
C THR C 160 59.02 2.25 20.66
N LEU C 161 59.36 3.07 19.67
CA LEU C 161 59.40 2.63 18.26
C LEU C 161 60.84 2.27 17.87
N ASP C 162 61.81 2.66 18.72
CA ASP C 162 63.24 2.43 18.48
C ASP C 162 63.65 0.96 18.64
N ASN C 163 64.53 0.52 17.74
CA ASN C 163 64.77 -0.91 17.46
C ASN C 163 65.72 -1.54 18.49
N ALA C 164 66.13 -0.77 19.50
CA ALA C 164 67.03 -1.27 20.55
C ALA C 164 66.26 -2.16 21.53
N TYR C 165 64.98 -1.86 21.73
CA TYR C 165 64.15 -2.49 22.77
C TYR C 165 63.36 -3.68 22.19
N MET C 166 63.56 -3.98 20.91
CA MET C 166 62.75 -5.00 20.19
C MET C 166 63.13 -6.42 20.65
N GLU C 167 64.26 -6.54 21.34
CA GLU C 167 64.76 -7.82 21.83
C GLU C 167 64.23 -8.07 23.24
N LYS C 168 64.20 -7.02 24.07
CA LYS C 168 63.81 -7.13 25.48
C LYS C 168 62.67 -6.14 25.79
N CYS C 169 61.46 -6.70 25.93
CA CYS C 169 60.27 -5.97 26.37
C CYS C 169 59.94 -6.39 27.81
N ASP C 170 59.76 -5.39 28.66
CA ASP C 170 59.45 -5.60 30.09
C ASP C 170 58.12 -4.95 30.46
N GLU C 171 57.74 -5.02 31.74
CA GLU C 171 56.46 -4.49 32.24
C GLU C 171 56.55 -2.96 32.42
N ASN C 172 57.36 -2.31 31.57
CA ASN C 172 57.54 -0.86 31.56
C ASN C 172 57.77 -0.37 30.13
N ILE C 173 58.41 -1.19 29.29
CA ILE C 173 58.72 -0.82 27.90
C ILE C 173 58.21 -1.92 26.97
N LEU C 174 57.35 -1.53 26.02
CA LEU C 174 56.88 -2.39 24.93
C LEU C 174 57.32 -1.80 23.59
N TRP C 175 57.86 -2.65 22.72
CA TRP C 175 58.20 -2.26 21.35
C TRP C 175 57.12 -2.75 20.38
N LEU C 176 56.60 -1.83 19.56
CA LEU C 176 55.62 -2.16 18.51
C LEU C 176 56.25 -1.96 17.13
N ASP C 177 55.84 -2.82 16.20
CA ASP C 177 56.32 -2.82 14.81
C ASP C 177 55.92 -1.56 14.02
N TYR C 178 54.83 -0.91 14.43
CA TYR C 178 54.27 0.24 13.70
C TYR C 178 55.08 1.50 14.04
N LYS C 179 55.58 2.15 13.00
CA LYS C 179 56.52 3.26 13.11
C LYS C 179 55.79 4.61 13.06
N ASN C 180 54.48 4.58 12.81
CA ASN C 180 53.70 5.81 12.64
C ASN C 180 52.57 5.87 13.67
N ILE C 181 52.64 5.04 14.71
CA ILE C 181 51.53 4.91 15.70
C ILE C 181 51.28 6.27 16.38
N CYS C 182 52.36 7.01 16.64
CA CYS C 182 52.33 8.33 17.30
C CYS C 182 51.45 9.34 16.52
N LYS C 183 51.45 9.25 15.19
CA LYS C 183 50.74 10.24 14.34
C LYS C 183 49.25 9.88 14.18
N VAL C 184 48.92 8.59 14.26
CA VAL C 184 47.53 8.12 14.03
C VAL C 184 46.75 8.14 15.35
N VAL C 185 47.44 7.89 16.47
CA VAL C 185 46.83 7.88 17.81
C VAL C 185 46.66 9.33 18.31
N GLU C 186 45.67 9.54 19.17
CA GLU C 186 45.43 10.83 19.84
C GLU C 186 45.47 10.64 21.35
N VAL C 187 45.40 11.74 22.11
CA VAL C 187 45.33 11.67 23.59
C VAL C 187 43.89 11.29 23.98
N GLY C 188 43.76 10.18 24.70
CA GLY C 188 42.44 9.64 25.09
C GLY C 188 42.06 8.41 24.27
N SER C 189 42.84 8.11 23.23
CA SER C 189 42.65 6.91 22.39
C SER C 189 43.07 5.66 23.18
N LYS C 190 42.36 4.56 22.93
CA LYS C 190 42.65 3.28 23.59
C LYS C 190 43.46 2.38 22.66
N ILE C 191 44.15 1.42 23.26
CA ILE C 191 44.96 0.43 22.54
C ILE C 191 44.65 -0.97 23.10
N TYR C 192 44.42 -1.93 22.20
CA TYR C 192 44.13 -3.33 22.59
C TYR C 192 45.33 -4.21 22.23
N VAL C 193 45.78 -5.01 23.21
CA VAL C 193 46.92 -5.91 23.01
C VAL C 193 46.44 -7.35 23.18
N ASP C 194 46.65 -8.15 22.12
CA ASP C 194 46.26 -9.56 22.02
C ASP C 194 44.74 -9.79 22.19
N ASP C 195 44.01 -9.56 21.10
CA ASP C 195 42.55 -9.81 20.98
C ASP C 195 41.69 -9.18 22.09
N GLY C 196 42.12 -8.01 22.57
CA GLY C 196 41.38 -7.23 23.55
C GLY C 196 41.44 -7.79 24.96
N LEU C 197 42.53 -8.49 25.29
CA LEU C 197 42.74 -9.00 26.66
C LEU C 197 43.21 -7.86 27.57
N ILE C 198 44.21 -7.12 27.09
CA ILE C 198 44.77 -5.95 27.77
C ILE C 198 44.34 -4.70 26.99
N SER C 199 43.92 -3.66 27.72
CA SER C 199 43.64 -2.34 27.15
C SER C 199 44.56 -1.29 27.76
N LEU C 200 45.02 -0.35 26.94
CA LEU C 200 45.86 0.77 27.40
C LEU C 200 45.22 2.10 26.98
N GLN C 201 44.99 2.97 27.97
CA GLN C 201 44.57 4.35 27.75
C GLN C 201 45.83 5.18 27.44
N VAL C 202 45.79 6.02 26.40
CA VAL C 202 46.90 6.94 26.12
C VAL C 202 46.80 8.14 27.06
N LYS C 203 47.89 8.34 27.82
CA LYS C 203 47.96 9.37 28.85
C LYS C 203 48.79 10.54 28.34
N GLN C 204 50.06 10.29 27.98
CA GLN C 204 50.98 11.33 27.49
C GLN C 204 51.48 10.97 26.08
N LYS C 205 51.33 11.91 25.15
CA LYS C 205 51.75 11.75 23.77
C LYS C 205 53.06 12.51 23.54
N GLY C 206 54.08 11.80 23.08
CA GLY C 206 55.40 12.37 22.78
C GLY C 206 55.94 11.90 21.45
N ALA C 207 57.03 12.51 21.01
CA ALA C 207 57.71 12.13 19.77
C ALA C 207 58.50 10.84 19.99
N ASP C 208 58.11 9.80 19.23
CA ASP C 208 58.72 8.44 19.27
C ASP C 208 58.51 7.61 20.56
N PHE C 209 57.60 8.07 21.44
CA PHE C 209 57.26 7.34 22.67
C PHE C 209 55.82 7.67 23.11
N LEU C 210 55.18 6.69 23.75
CA LEU C 210 53.80 6.83 24.27
C LEU C 210 53.77 6.40 25.74
N VAL C 211 53.24 7.25 26.62
CA VAL C 211 53.08 6.91 28.04
C VAL C 211 51.61 6.59 28.31
N THR C 212 51.35 5.38 28.79
CA THR C 212 50.00 4.81 28.79
C THR C 212 49.63 4.22 30.17
N GLU C 213 48.46 4.60 30.66
CA GLU C 213 47.80 3.96 31.80
C GLU C 213 47.32 2.57 31.40
N VAL C 214 47.15 1.68 32.38
CA VAL C 214 46.63 0.34 32.14
C VAL C 214 45.16 0.28 32.58
N GLU C 215 44.31 -0.13 31.64
CA GLU C 215 42.85 -0.13 31.79
C GLU C 215 42.35 -1.53 32.19
N ASN C 216 42.99 -2.57 31.66
CA ASN C 216 42.67 -3.97 31.98
C ASN C 216 43.96 -4.76 32.24
N GLY C 217 43.88 -5.70 33.18
CA GLY C 217 45.00 -6.57 33.54
C GLY C 217 44.90 -7.93 32.86
N GLY C 218 46.06 -8.42 32.38
CA GLY C 218 46.18 -9.75 31.78
C GLY C 218 47.63 -10.21 31.73
N SER C 219 47.94 -11.08 30.78
CA SER C 219 49.30 -11.57 30.56
C SER C 219 49.80 -11.18 29.17
N LEU C 220 50.93 -10.48 29.14
CA LEU C 220 51.65 -10.14 27.90
C LEU C 220 52.54 -11.32 27.50
N GLY C 221 52.34 -11.82 26.28
CA GLY C 221 53.26 -12.80 25.67
C GLY C 221 54.14 -12.14 24.61
N SER C 222 54.82 -12.96 23.81
CA SER C 222 55.65 -12.46 22.71
C SER C 222 54.91 -12.55 21.37
N LYS C 223 55.05 -11.49 20.56
CA LYS C 223 54.47 -11.36 19.21
C LYS C 223 52.94 -11.47 19.29
N LYS C 224 52.32 -10.46 19.89
CA LYS C 224 50.86 -10.39 20.04
C LYS C 224 50.33 -9.19 19.25
N GLY C 225 49.15 -9.39 18.64
CA GLY C 225 48.59 -8.43 17.68
C GLY C 225 47.97 -7.21 18.34
N VAL C 226 48.09 -6.06 17.67
CA VAL C 226 47.66 -4.77 18.23
C VAL C 226 46.49 -4.21 17.41
N ASN C 227 45.44 -3.74 18.09
CA ASN C 227 44.26 -3.12 17.46
C ASN C 227 43.99 -1.73 18.08
N LEU C 228 43.75 -0.74 17.22
CA LEU C 228 43.68 0.71 17.59
C LEU C 228 42.30 1.29 17.28
N PRO C 229 41.26 1.06 18.14
CA PRO C 229 39.89 1.57 17.85
C PRO C 229 39.81 3.06 17.49
N GLY C 230 38.82 3.43 16.69
CA GLY C 230 38.62 4.80 16.21
C GLY C 230 39.63 5.21 15.15
N ALA C 231 40.89 4.75 15.28
CA ALA C 231 42.04 5.34 14.58
C ALA C 231 42.05 4.94 13.10
N ALA C 232 42.22 5.95 12.24
CA ALA C 232 42.30 5.80 10.79
C ALA C 232 43.73 5.43 10.37
N VAL C 233 44.04 4.13 10.53
CA VAL C 233 45.40 3.54 10.40
C VAL C 233 45.98 3.82 9.01
N ASP C 234 47.32 3.90 8.92
CA ASP C 234 48.05 4.24 7.67
C ASP C 234 48.87 3.11 7.01
N LEU C 235 48.74 1.88 7.52
CA LEU C 235 49.42 0.67 6.98
C LEU C 235 49.12 0.53 5.48
N PRO C 236 50.02 -0.13 4.71
CA PRO C 236 49.78 -0.27 3.25
C PRO C 236 48.57 -1.18 2.97
N ALA C 237 48.08 -1.19 1.73
CA ALA C 237 46.89 -1.99 1.36
C ALA C 237 47.25 -3.49 1.34
N VAL C 238 48.39 -3.80 0.74
CA VAL C 238 48.89 -5.18 0.71
C VAL C 238 50.27 -5.17 1.37
N SER C 239 50.50 -6.13 2.26
CA SER C 239 51.82 -6.38 2.86
C SER C 239 52.76 -7.01 1.83
N GLU C 240 54.04 -7.08 2.18
CA GLU C 240 55.07 -7.69 1.32
C GLU C 240 54.83 -9.21 1.19
N LYS C 241 54.20 -9.81 2.20
CA LYS C 241 53.90 -11.25 2.20
C LYS C 241 52.74 -11.56 1.24
N ASP C 242 51.69 -10.75 1.28
CA ASP C 242 50.47 -10.98 0.49
C ASP C 242 50.60 -10.71 -1.00
N ILE C 243 51.54 -9.85 -1.42
CA ILE C 243 51.93 -9.70 -2.86
C ILE C 243 52.41 -11.07 -3.39
N GLN C 244 52.97 -11.89 -2.49
CA GLN C 244 53.48 -13.20 -2.87
C GLN C 244 52.36 -14.24 -2.89
N ASP C 245 51.39 -14.11 -1.98
CA ASP C 245 50.25 -15.03 -1.91
C ASP C 245 49.20 -14.80 -3.02
N LEU C 246 48.91 -13.53 -3.29
CA LEU C 246 48.07 -13.13 -4.43
C LEU C 246 48.69 -13.61 -5.75
N LYS C 247 50.02 -13.70 -5.82
CA LYS C 247 50.70 -14.17 -7.03
C LYS C 247 50.59 -15.70 -7.11
N PHE C 248 50.63 -16.37 -5.97
CA PHE C 248 50.54 -17.84 -5.89
C PHE C 248 49.15 -18.32 -6.31
N GLY C 249 48.11 -17.58 -5.91
CA GLY C 249 46.71 -17.89 -6.20
C GLY C 249 46.35 -17.77 -7.67
N VAL C 250 46.81 -16.71 -8.34
CA VAL C 250 46.66 -16.53 -9.81
C VAL C 250 47.30 -17.72 -10.56
N GLU C 251 48.45 -18.20 -10.08
CA GLU C 251 49.17 -19.34 -10.67
C GLU C 251 48.44 -20.65 -10.37
N GLN C 252 47.75 -20.73 -9.23
CA GLN C 252 47.07 -21.96 -8.81
C GLN C 252 45.61 -21.98 -9.30
N ASP C 253 45.17 -20.92 -9.98
CA ASP C 253 43.82 -20.81 -10.59
C ASP C 253 42.62 -20.93 -9.60
N VAL C 254 42.60 -20.00 -8.65
CA VAL C 254 41.60 -19.97 -7.58
C VAL C 254 40.36 -19.21 -8.09
N ASP C 255 39.21 -19.43 -7.44
CA ASP C 255 38.00 -18.79 -7.95
C ASP C 255 37.72 -17.42 -7.43
N MET C 256 38.13 -17.16 -6.19
CA MET C 256 37.89 -15.86 -5.59
C MET C 256 38.95 -15.59 -4.51
N VAL C 257 39.20 -14.31 -4.21
CA VAL C 257 40.19 -13.91 -3.20
C VAL C 257 39.46 -13.13 -2.08
N PHE C 258 39.62 -13.57 -0.84
CA PHE C 258 39.14 -12.79 0.30
C PHE C 258 40.23 -11.81 0.78
N ALA C 259 39.93 -10.51 0.66
CA ALA C 259 40.90 -9.43 0.95
C ALA C 259 40.67 -8.88 2.37
N SER C 260 41.69 -9.04 3.21
CA SER C 260 41.65 -8.66 4.64
C SER C 260 41.89 -7.17 4.81
N PHE C 261 41.28 -6.60 5.85
CA PHE C 261 41.55 -5.26 6.40
C PHE C 261 41.41 -4.17 5.32
N ILE C 262 40.30 -4.22 4.58
CA ILE C 262 39.95 -3.18 3.61
C ILE C 262 39.46 -1.95 4.39
N ARG C 263 39.96 -0.75 4.04
CA ARG C 263 39.59 0.47 4.81
C ARG C 263 39.02 1.55 3.89
N LYS C 264 39.37 1.51 2.60
CA LYS C 264 38.95 2.54 1.63
C LYS C 264 38.87 1.94 0.21
N ALA C 265 38.24 2.68 -0.71
CA ALA C 265 38.06 2.20 -2.07
C ALA C 265 39.40 2.17 -2.83
N SER C 266 40.42 2.87 -2.34
CA SER C 266 41.76 2.81 -2.98
C SER C 266 42.45 1.45 -2.69
N ASP C 267 42.18 0.85 -1.52
CA ASP C 267 42.77 -0.45 -1.11
C ASP C 267 42.36 -1.61 -2.03
N VAL C 268 41.08 -1.62 -2.41
CA VAL C 268 40.48 -2.58 -3.32
C VAL C 268 41.17 -2.43 -4.68
N HIS C 269 41.29 -1.19 -5.18
CA HIS C 269 42.01 -0.90 -6.45
C HIS C 269 43.45 -1.45 -6.46
N GLU C 270 44.14 -1.40 -5.31
CA GLU C 270 45.52 -1.89 -5.18
C GLU C 270 45.60 -3.40 -5.46
N VAL C 271 44.71 -4.17 -4.84
CA VAL C 271 44.63 -5.66 -4.96
C VAL C 271 44.41 -6.06 -6.43
N ARG C 272 43.59 -5.28 -7.13
CA ARG C 272 43.19 -5.53 -8.50
C ARG C 272 44.40 -5.37 -9.43
N LYS C 273 45.35 -4.50 -9.07
CA LYS C 273 46.57 -4.28 -9.86
C LYS C 273 47.55 -5.46 -9.70
N VAL C 274 47.56 -6.07 -8.52
CA VAL C 274 48.51 -7.15 -8.19
C VAL C 274 48.07 -8.46 -8.83
N LEU C 275 46.75 -8.67 -8.97
CA LEU C 275 46.19 -9.86 -9.66
C LEU C 275 46.50 -9.76 -11.16
N GLY C 276 46.70 -8.53 -11.63
CA GLY C 276 47.19 -8.23 -12.97
C GLY C 276 46.09 -8.25 -14.01
N GLU C 277 46.42 -8.79 -15.18
CA GLU C 277 45.45 -8.97 -16.27
C GLU C 277 45.38 -10.45 -16.65
N LYS C 278 45.87 -11.28 -15.74
CA LYS C 278 45.89 -12.73 -15.90
C LYS C 278 44.96 -13.35 -14.85
N GLY C 279 44.65 -12.57 -13.82
CA GLY C 279 43.63 -12.94 -12.84
C GLY C 279 42.47 -11.97 -12.83
N LYS C 280 42.13 -11.43 -14.00
CA LYS C 280 41.14 -10.36 -14.14
C LYS C 280 39.71 -10.91 -13.95
N ASN C 281 39.55 -12.23 -13.84
CA ASN C 281 38.22 -12.82 -13.67
C ASN C 281 37.99 -13.17 -12.21
N ILE C 282 39.07 -13.17 -11.42
CA ILE C 282 39.02 -13.61 -10.05
C ILE C 282 38.18 -12.62 -9.23
N LYS C 283 37.15 -13.13 -8.51
CA LYS C 283 36.24 -12.24 -7.74
C LYS C 283 36.94 -11.72 -6.47
N ILE C 284 37.00 -10.38 -6.25
CA ILE C 284 37.53 -9.78 -4.97
C ILE C 284 36.39 -9.53 -3.96
N ILE C 285 36.47 -10.20 -2.81
CA ILE C 285 35.56 -9.99 -1.72
C ILE C 285 36.29 -9.21 -0.63
N SER C 286 35.78 -8.03 -0.28
CA SER C 286 36.38 -7.15 0.71
C SER C 286 35.91 -7.55 2.12
N LYS C 287 36.86 -7.90 3.03
CA LYS C 287 36.52 -8.11 4.47
C LYS C 287 36.39 -6.75 5.19
N ILE C 288 35.29 -6.55 5.93
CA ILE C 288 35.11 -5.31 6.71
C ILE C 288 35.42 -5.64 8.17
N GLU C 289 36.38 -4.94 8.78
CA GLU C 289 36.83 -5.32 10.14
C GLU C 289 37.44 -4.14 10.93
N ASN C 290 36.84 -2.95 10.85
CA ASN C 290 37.13 -1.78 11.75
C ASN C 290 36.16 -0.62 11.48
N HIS C 291 36.10 0.32 12.42
CA HIS C 291 35.20 1.48 12.39
C HIS C 291 35.26 2.21 11.05
N GLU C 292 36.44 2.28 10.45
CA GLU C 292 36.68 3.13 9.28
C GLU C 292 36.01 2.53 8.04
N GLY C 293 36.29 1.24 7.78
CA GLY C 293 35.66 0.47 6.70
C GLY C 293 34.14 0.45 6.81
N VAL C 294 33.60 0.48 8.04
CA VAL C 294 32.16 0.61 8.26
C VAL C 294 31.70 2.01 7.84
N ARG C 295 32.42 3.05 8.24
CA ARG C 295 32.02 4.44 7.97
C ARG C 295 32.13 4.76 6.48
N ARG C 296 33.06 4.11 5.80
CA ARG C 296 33.32 4.40 4.39
C ARG C 296 32.78 3.27 3.49
N PHE C 297 31.68 2.62 3.93
CA PHE C 297 31.18 1.34 3.36
C PHE C 297 30.81 1.49 1.87
N ASP C 298 29.95 2.46 1.59
CA ASP C 298 29.43 2.75 0.25
C ASP C 298 30.45 2.94 -0.86
N GLU C 299 31.64 3.45 -0.55
CA GLU C 299 32.67 3.58 -1.61
C GLU C 299 33.37 2.23 -1.86
N ILE C 300 33.49 1.38 -0.83
CA ILE C 300 34.09 0.03 -0.96
C ILE C 300 33.17 -0.88 -1.78
N LEU C 301 31.92 -1.03 -1.33
CA LEU C 301 30.87 -1.81 -2.03
C LEU C 301 30.99 -1.61 -3.55
N GLU C 302 31.00 -0.35 -4.00
CA GLU C 302 31.09 -0.01 -5.44
C GLU C 302 32.35 -0.57 -6.10
N ALA C 303 33.49 -0.54 -5.41
CA ALA C 303 34.76 -1.01 -6.02
C ALA C 303 34.88 -2.55 -6.00
N SER C 304 34.09 -3.25 -5.18
CA SER C 304 34.29 -4.70 -4.88
C SER C 304 33.41 -5.61 -5.75
N ASP C 305 33.64 -6.92 -5.68
CA ASP C 305 32.69 -7.89 -6.26
C ASP C 305 31.72 -8.51 -5.25
N GLY C 306 31.91 -8.24 -3.96
CA GLY C 306 31.07 -8.75 -2.87
C GLY C 306 31.69 -8.41 -1.52
N ILE C 307 30.91 -8.53 -0.44
CA ILE C 307 31.37 -8.17 0.91
C ILE C 307 31.38 -9.40 1.82
N MET C 308 32.29 -9.41 2.80
CA MET C 308 32.24 -10.38 3.90
C MET C 308 32.24 -9.60 5.21
N VAL C 309 31.27 -9.94 6.07
CA VAL C 309 31.07 -9.33 7.40
C VAL C 309 31.75 -10.24 8.44
N ALA C 310 33.03 -9.97 8.66
CA ALA C 310 33.89 -10.77 9.53
C ALA C 310 33.51 -10.51 10.99
N ARG C 311 32.60 -11.31 11.54
CA ARG C 311 31.89 -10.92 12.77
C ARG C 311 32.78 -11.07 14.03
N GLY C 312 33.72 -12.02 14.01
CA GLY C 312 34.69 -12.16 15.11
C GLY C 312 35.59 -10.93 15.21
N ASP C 313 36.32 -10.66 14.13
CA ASP C 313 37.21 -9.49 13.96
C ASP C 313 36.60 -8.11 14.29
N LEU C 314 35.36 -7.90 13.82
CA LEU C 314 34.65 -6.63 13.98
C LEU C 314 34.29 -6.40 15.45
N GLY C 315 34.19 -7.50 16.22
CA GLY C 315 33.75 -7.45 17.63
C GLY C 315 34.88 -7.20 18.62
N ILE C 316 36.12 -7.08 18.13
CA ILE C 316 37.25 -6.64 18.96
C ILE C 316 37.29 -5.10 18.98
N GLU C 317 37.14 -4.50 17.80
CA GLU C 317 37.30 -3.06 17.60
C GLU C 317 36.01 -2.32 18.00
N ILE C 318 34.86 -2.83 17.59
CA ILE C 318 33.54 -2.21 17.87
C ILE C 318 32.97 -2.85 19.16
N PRO C 319 32.24 -2.08 20.00
CA PRO C 319 31.52 -2.65 21.18
C PRO C 319 30.48 -3.70 20.77
N ALA C 320 30.28 -4.70 21.63
CA ALA C 320 29.58 -5.97 21.31
C ALA C 320 28.14 -5.74 20.81
N GLU C 321 27.44 -4.80 21.44
CA GLU C 321 26.02 -4.53 21.20
C GLU C 321 25.82 -3.63 19.96
N LYS C 322 26.89 -3.12 19.37
CA LYS C 322 26.81 -2.31 18.15
C LYS C 322 27.10 -3.18 16.92
N VAL C 323 27.79 -4.31 17.12
CA VAL C 323 28.19 -5.18 16.00
C VAL C 323 26.91 -5.74 15.37
N PHE C 324 25.95 -6.04 16.23
CA PHE C 324 24.61 -6.48 15.88
C PHE C 324 23.99 -5.58 14.79
N LEU C 325 24.01 -4.26 14.97
CA LEU C 325 23.39 -3.31 14.04
C LEU C 325 24.21 -3.19 12.75
N ALA C 326 25.53 -3.14 12.88
CA ALA C 326 26.44 -2.93 11.75
C ALA C 326 26.31 -4.09 10.75
N GLN C 327 26.16 -5.32 11.26
CA GLN C 327 25.81 -6.47 10.44
C GLN C 327 24.51 -6.23 9.64
N LYS C 328 23.37 -5.93 10.25
CA LYS C 328 22.13 -5.74 9.46
C LYS C 328 22.26 -4.61 8.43
N MET C 329 22.96 -3.53 8.75
CA MET C 329 23.08 -2.40 7.82
C MET C 329 23.81 -2.87 6.54
N MET C 330 24.87 -3.66 6.69
CA MET C 330 25.67 -4.05 5.54
C MET C 330 24.93 -5.11 4.68
N ILE C 331 24.21 -6.05 5.28
CA ILE C 331 23.45 -7.04 4.46
C ILE C 331 22.34 -6.30 3.69
N GLY C 332 21.68 -5.36 4.35
CA GLY C 332 20.67 -4.53 3.71
C GLY C 332 21.18 -3.84 2.45
N ARG C 333 22.38 -3.26 2.50
CA ARG C 333 22.90 -2.41 1.41
C ARG C 333 23.34 -3.28 0.24
N CYS C 334 23.91 -4.44 0.56
CA CYS C 334 24.31 -5.46 -0.43
C CYS C 334 23.10 -6.07 -1.18
N ASN C 335 21.94 -6.22 -0.51
CA ASN C 335 20.74 -6.71 -1.20
C ASN C 335 20.24 -5.65 -2.19
N ARG C 336 20.32 -4.38 -1.81
CA ARG C 336 19.76 -3.27 -2.60
C ARG C 336 20.65 -3.01 -3.82
N ALA C 337 21.93 -3.37 -3.76
CA ALA C 337 22.87 -3.06 -4.86
C ALA C 337 22.98 -4.25 -5.82
N GLY C 338 22.36 -5.39 -5.46
CA GLY C 338 22.47 -6.64 -6.20
C GLY C 338 23.87 -7.23 -6.15
N LYS C 339 24.49 -7.23 -4.98
CA LYS C 339 25.86 -7.76 -4.78
C LYS C 339 25.86 -8.76 -3.63
N PRO C 340 26.55 -9.91 -3.80
CA PRO C 340 26.60 -10.98 -2.78
C PRO C 340 27.37 -10.61 -1.50
N VAL C 341 26.83 -11.10 -0.38
CA VAL C 341 27.35 -10.82 0.95
C VAL C 341 27.43 -12.13 1.75
N ILE C 342 28.68 -12.56 2.00
CA ILE C 342 29.05 -13.71 2.85
C ILE C 342 28.99 -13.26 4.29
N CYS C 343 28.60 -14.15 5.20
CA CYS C 343 28.61 -13.75 6.60
C CYS C 343 29.25 -14.87 7.46
N ALA C 344 30.30 -14.53 8.20
CA ALA C 344 31.13 -15.57 8.87
C ALA C 344 30.64 -15.81 10.30
N THR C 345 30.19 -17.04 10.54
CA THR C 345 29.41 -17.41 11.74
C THR C 345 30.21 -18.37 12.63
N GLN C 346 29.56 -18.88 13.67
CA GLN C 346 30.12 -19.92 14.56
C GLN C 346 29.00 -20.78 15.16
N MET C 347 29.41 -21.91 15.71
CA MET C 347 28.55 -22.70 16.58
C MET C 347 28.67 -22.17 18.02
N LEU C 348 27.53 -22.07 18.71
CA LEU C 348 27.46 -21.63 20.13
C LEU C 348 26.97 -22.80 21.00
N GLU C 349 27.31 -22.74 22.29
CA GLU C 349 26.79 -23.67 23.32
C GLU C 349 26.28 -22.86 24.52
N SER C 350 25.47 -23.49 25.38
CA SER C 350 24.89 -22.87 26.59
C SER C 350 25.99 -22.54 27.59
N MET C 351 25.85 -21.43 28.33
CA MET C 351 26.90 -20.92 29.23
C MET C 351 26.98 -21.79 30.50
N ILE C 352 25.86 -21.98 31.19
CA ILE C 352 25.77 -22.91 32.34
C ILE C 352 25.54 -24.33 31.79
N LYS C 353 26.56 -25.19 31.93
CA LYS C 353 26.54 -26.54 31.36
C LYS C 353 26.69 -27.59 32.46
N LYS C 354 25.56 -28.22 32.79
CA LYS C 354 25.49 -29.39 33.69
C LYS C 354 25.37 -30.67 32.86
N PRO C 355 24.51 -30.71 31.81
CA PRO C 355 24.36 -31.94 30.98
C PRO C 355 25.60 -32.25 30.13
N ARG C 356 25.71 -33.50 29.70
CA ARG C 356 26.87 -34.02 28.96
C ARG C 356 26.85 -33.60 27.48
N PRO C 357 25.67 -33.62 26.80
CA PRO C 357 25.62 -33.23 25.37
C PRO C 357 26.05 -31.77 25.12
N THR C 358 26.68 -31.54 23.98
CA THR C 358 27.18 -30.22 23.59
C THR C 358 26.02 -29.27 23.25
N ARG C 359 24.96 -29.83 22.65
CA ARG C 359 23.74 -29.11 22.23
C ARG C 359 24.13 -27.90 21.35
N ALA C 360 24.71 -28.21 20.19
CA ALA C 360 25.23 -27.21 19.25
C ALA C 360 24.12 -26.24 18.83
N GLU C 361 24.12 -25.05 19.43
CA GLU C 361 23.09 -24.02 19.28
C GLU C 361 23.40 -23.16 18.03
N GLY C 362 22.51 -23.25 17.03
CA GLY C 362 22.74 -22.61 15.74
C GLY C 362 21.82 -21.42 15.49
N SER C 363 21.55 -20.63 16.54
CA SER C 363 20.77 -19.38 16.42
C SER C 363 21.56 -18.34 15.60
N ASP C 364 22.87 -18.27 15.83
CA ASP C 364 23.81 -17.44 15.06
C ASP C 364 23.74 -17.59 13.52
N VAL C 365 23.60 -18.84 13.08
CA VAL C 365 23.53 -19.27 11.67
C VAL C 365 22.15 -18.89 11.10
N ALA C 366 21.07 -19.27 11.80
CA ALA C 366 19.68 -18.99 11.39
C ALA C 366 19.43 -17.48 11.26
N ASN C 367 20.08 -16.69 12.11
CA ASN C 367 19.90 -15.23 12.12
C ASN C 367 20.29 -14.66 10.76
N ALA C 368 21.51 -14.96 10.34
CA ALA C 368 22.10 -14.48 9.11
C ALA C 368 21.25 -14.91 7.89
N VAL C 369 20.79 -16.16 7.85
CA VAL C 369 19.95 -16.60 6.71
C VAL C 369 18.73 -15.66 6.60
N LEU C 370 18.18 -15.24 7.74
CA LEU C 370 16.95 -14.45 7.78
C LEU C 370 17.25 -13.00 7.38
N ASP C 371 18.40 -12.49 7.84
CA ASP C 371 18.85 -11.13 7.53
C ASP C 371 19.02 -10.93 6.01
N GLY C 372 19.22 -12.03 5.29
CA GLY C 372 19.32 -12.01 3.84
C GLY C 372 20.75 -12.16 3.32
N ALA C 373 21.61 -12.84 4.11
CA ALA C 373 22.93 -13.31 3.66
C ALA C 373 22.78 -14.26 2.45
N ASP C 374 23.82 -14.28 1.60
CA ASP C 374 23.92 -15.17 0.43
C ASP C 374 24.67 -16.52 0.66
N CYS C 375 25.82 -16.50 1.36
CA CYS C 375 26.41 -17.75 1.87
C CYS C 375 26.74 -17.60 3.36
N ILE C 376 26.90 -18.71 4.06
CA ILE C 376 27.36 -18.66 5.45
C ILE C 376 28.68 -19.44 5.57
N MET C 377 29.53 -19.04 6.52
CA MET C 377 30.86 -19.65 6.66
C MET C 377 31.04 -20.29 8.04
N LEU C 378 31.73 -21.43 8.08
CA LEU C 378 32.18 -22.07 9.34
C LEU C 378 33.70 -22.27 9.33
N SER C 379 34.37 -21.61 10.29
CA SER C 379 35.85 -21.56 10.39
C SER C 379 36.40 -22.80 11.10
N GLY C 380 36.60 -22.70 12.42
CA GLY C 380 37.32 -23.69 13.25
C GLY C 380 36.74 -25.09 13.17
N GLU C 381 35.41 -25.17 13.22
CA GLU C 381 34.62 -26.43 13.30
C GLU C 381 34.99 -27.42 12.19
N THR C 382 35.62 -26.93 11.11
CA THR C 382 35.88 -27.78 9.93
C THR C 382 37.39 -27.90 9.67
N ALA C 383 38.18 -27.01 10.28
CA ALA C 383 39.62 -26.95 10.04
C ALA C 383 40.37 -27.91 10.99
N LYS C 384 40.15 -27.76 12.29
CA LYS C 384 40.95 -28.44 13.32
C LYS C 384 40.05 -29.27 14.25
N GLY C 385 38.72 -29.01 14.24
CA GLY C 385 37.73 -29.69 15.10
C GLY C 385 37.67 -31.20 14.88
N ASP C 386 36.98 -31.90 15.78
CA ASP C 386 36.96 -33.37 15.79
C ASP C 386 35.89 -34.03 14.91
N TYR C 387 34.77 -33.34 14.70
CA TYR C 387 33.62 -33.87 13.95
C TYR C 387 33.30 -32.94 12.77
N PRO C 388 34.12 -32.95 11.68
CA PRO C 388 33.85 -32.02 10.56
C PRO C 388 32.53 -32.30 9.81
N LEU C 389 32.28 -33.54 9.38
CA LEU C 389 31.02 -33.91 8.67
C LEU C 389 29.79 -33.44 9.44
N GLU C 390 29.79 -33.56 10.76
CA GLU C 390 28.62 -33.25 11.58
C GLU C 390 28.28 -31.76 11.47
N ALA C 391 29.31 -30.93 11.32
CA ALA C 391 29.15 -29.49 11.27
C ALA C 391 28.56 -29.05 9.93
N VAL C 392 29.04 -29.63 8.82
CA VAL C 392 28.44 -29.36 7.49
C VAL C 392 26.98 -29.81 7.46
N ARG C 393 26.69 -30.94 8.10
CA ARG C 393 25.31 -31.43 8.09
C ARG C 393 24.41 -30.52 8.92
N MET C 394 24.99 -29.75 9.83
CA MET C 394 24.19 -28.89 10.70
C MET C 394 23.85 -27.59 9.95
N GLN C 395 24.87 -26.96 9.38
CA GLN C 395 24.76 -25.77 8.51
C GLN C 395 23.63 -25.97 7.47
N HIS C 396 23.68 -27.13 6.79
CA HIS C 396 22.69 -27.51 5.78
C HIS C 396 21.28 -27.54 6.39
N LEU C 397 21.06 -28.35 7.43
CA LEU C 397 19.74 -28.57 7.99
C LEU C 397 19.11 -27.26 8.51
N ILE C 398 19.92 -26.42 9.19
CA ILE C 398 19.45 -25.09 9.66
C ILE C 398 19.07 -24.21 8.46
N ALA C 399 20.00 -24.07 7.51
CA ALA C 399 19.86 -23.14 6.39
C ALA C 399 18.54 -23.41 5.63
N ARG C 400 18.30 -24.69 5.34
CA ARG C 400 17.10 -25.17 4.66
C ARG C 400 15.84 -24.71 5.39
N GLU C 401 15.77 -25.02 6.69
CA GLU C 401 14.56 -24.85 7.48
C GLU C 401 14.22 -23.36 7.66
N ALA C 402 15.24 -22.50 7.81
CA ALA C 402 15.01 -21.10 8.21
C ALA C 402 14.53 -20.24 7.04
N GLU C 403 14.47 -20.80 5.83
CA GLU C 403 13.94 -20.10 4.66
C GLU C 403 12.41 -20.03 4.75
N ALA C 404 11.80 -20.89 5.59
CA ALA C 404 10.35 -20.91 5.82
C ALA C 404 9.83 -19.59 6.41
N ALA C 405 10.59 -18.98 7.34
CA ALA C 405 10.12 -17.83 8.15
C ALA C 405 10.25 -16.47 7.44
N ILE C 406 10.97 -16.38 6.33
CA ILE C 406 11.09 -15.10 5.56
C ILE C 406 9.75 -14.78 4.89
N TYR C 407 9.35 -13.51 4.95
CA TYR C 407 8.19 -13.03 4.17
C TYR C 407 8.69 -12.58 2.80
N HIS C 408 8.80 -13.58 1.91
CA HIS C 408 9.46 -13.48 0.59
C HIS C 408 8.74 -12.52 -0.35
N LEU C 409 7.42 -12.40 -0.17
CA LEU C 409 6.59 -11.54 -1.00
C LEU C 409 6.96 -10.07 -0.77
N GLN C 410 7.02 -9.64 0.52
CA GLN C 410 7.36 -8.23 0.82
C GLN C 410 8.74 -7.87 0.27
N LEU C 411 9.72 -8.77 0.41
CA LEU C 411 11.09 -8.57 -0.09
C LEU C 411 11.08 -8.33 -1.61
N PHE C 412 10.32 -9.18 -2.31
CA PHE C 412 10.33 -9.28 -3.77
C PHE C 412 9.76 -7.99 -4.40
N GLU C 413 8.57 -7.58 -3.99
CA GLU C 413 7.95 -6.30 -4.36
C GLU C 413 8.95 -5.16 -4.14
N GLU C 414 9.53 -5.13 -2.92
CA GLU C 414 10.42 -4.08 -2.43
C GLU C 414 11.61 -3.88 -3.37
N LEU C 415 12.21 -4.97 -3.84
CA LEU C 415 13.39 -4.92 -4.75
C LEU C 415 13.00 -4.40 -6.13
N ARG C 416 11.75 -4.63 -6.54
CA ARG C 416 11.27 -4.26 -7.88
C ARG C 416 10.98 -2.75 -7.96
N ARG C 417 10.58 -2.15 -6.84
CA ARG C 417 10.29 -0.72 -6.77
C ARG C 417 11.59 0.09 -6.90
N LEU C 418 12.65 -0.31 -6.19
CA LEU C 418 13.94 0.42 -6.26
C LEU C 418 14.81 -0.11 -7.42
N ALA C 419 14.19 -0.20 -8.59
CA ALA C 419 14.89 -0.55 -9.82
C ALA C 419 14.64 0.55 -10.87
N PRO C 420 15.72 1.04 -11.51
CA PRO C 420 15.62 2.15 -12.49
C PRO C 420 15.18 1.72 -13.90
N ILE C 421 14.36 2.55 -14.55
CA ILE C 421 14.03 2.42 -15.98
C ILE C 421 15.32 2.58 -16.80
N THR C 422 15.59 1.63 -17.69
CA THR C 422 16.75 1.66 -18.61
C THR C 422 16.26 1.31 -20.03
N SER C 423 17.19 1.17 -20.97
CA SER C 423 16.88 0.69 -22.32
C SER C 423 17.63 -0.62 -22.61
N ASP C 424 18.40 -1.13 -21.64
CA ASP C 424 19.11 -2.42 -21.76
C ASP C 424 18.16 -3.64 -21.97
N PRO C 425 18.16 -4.22 -23.19
CA PRO C 425 17.31 -5.39 -23.47
C PRO C 425 17.38 -6.49 -22.40
N THR C 426 18.54 -6.70 -21.80
CA THR C 426 18.76 -7.83 -20.90
C THR C 426 17.97 -7.66 -19.58
N GLU C 427 18.06 -6.46 -19.01
CA GLU C 427 17.31 -6.05 -17.82
C GLU C 427 15.80 -6.25 -18.01
N ALA C 428 15.28 -5.96 -19.21
CA ALA C 428 13.88 -6.07 -19.48
C ALA C 428 13.52 -7.55 -19.66
N THR C 429 14.40 -8.34 -20.26
CA THR C 429 14.12 -9.77 -20.38
C THR C 429 13.94 -10.35 -18.97
N ALA C 430 14.79 -9.93 -18.01
CA ALA C 430 14.88 -10.54 -16.66
C ALA C 430 13.62 -10.26 -15.82
N VAL C 431 13.21 -9.01 -15.84
CA VAL C 431 11.96 -8.58 -15.21
C VAL C 431 10.76 -9.32 -15.81
N GLY C 432 10.64 -9.37 -17.13
CA GLY C 432 9.70 -10.28 -17.78
C GLY C 432 9.73 -11.71 -17.23
N ALA C 433 10.90 -12.33 -17.18
CA ALA C 433 10.99 -13.75 -16.78
C ALA C 433 10.43 -13.99 -15.35
N VAL C 434 10.68 -13.03 -14.47
CA VAL C 434 10.43 -13.20 -13.05
C VAL C 434 8.91 -13.05 -12.78
N GLU C 435 8.29 -12.02 -13.37
CA GLU C 435 6.85 -11.85 -13.36
C GLU C 435 6.16 -13.02 -14.07
N ALA C 436 6.56 -13.45 -15.27
CA ALA C 436 5.89 -14.64 -15.90
C ALA C 436 5.80 -15.78 -14.87
N SER C 437 6.86 -15.90 -14.05
CA SER C 437 7.12 -17.10 -13.28
C SER C 437 6.19 -17.18 -12.07
N PHE C 438 5.90 -16.04 -11.44
CA PHE C 438 4.82 -15.97 -10.43
C PHE C 438 3.53 -16.54 -11.03
N LYS C 439 3.07 -15.91 -12.10
CA LYS C 439 1.77 -16.12 -12.69
C LYS C 439 1.53 -17.58 -13.10
N CYS C 440 2.53 -18.31 -13.58
CA CYS C 440 2.26 -19.70 -14.02
C CYS C 440 2.67 -20.70 -12.93
N CYS C 441 3.21 -20.18 -11.82
CA CYS C 441 3.82 -20.97 -10.74
C CYS C 441 4.88 -21.93 -11.30
N SER C 442 5.75 -21.48 -12.22
CA SER C 442 6.83 -22.32 -12.80
C SER C 442 7.74 -22.91 -11.71
N GLY C 443 8.31 -24.05 -12.05
CA GLY C 443 9.17 -24.78 -11.15
C GLY C 443 10.65 -24.48 -11.38
N ALA C 444 11.01 -23.80 -12.47
CA ALA C 444 12.41 -23.40 -12.68
C ALA C 444 12.54 -22.31 -13.75
N ILE C 445 13.63 -21.52 -13.66
CA ILE C 445 14.02 -20.56 -14.71
C ILE C 445 15.36 -20.99 -15.31
N ILE C 446 15.38 -21.50 -16.51
CA ILE C 446 16.65 -21.97 -17.11
C ILE C 446 17.39 -20.78 -17.76
N VAL C 447 18.66 -20.52 -17.52
CA VAL C 447 19.30 -19.33 -18.20
C VAL C 447 20.60 -19.78 -18.87
N LEU C 448 20.84 -19.53 -20.17
CA LEU C 448 22.18 -19.89 -20.75
C LEU C 448 23.08 -18.70 -20.51
N THR C 449 24.33 -18.93 -20.13
CA THR C 449 25.23 -17.84 -19.72
C THR C 449 26.69 -18.20 -20.04
N LYS C 450 27.53 -17.22 -20.36
CA LYS C 450 28.99 -17.48 -20.52
C LYS C 450 29.74 -16.88 -19.32
N SER C 451 29.56 -15.58 -19.04
CA SER C 451 30.25 -14.91 -17.93
C SER C 451 29.51 -15.06 -16.60
N GLY C 452 28.25 -15.49 -16.64
CA GLY C 452 27.41 -15.57 -15.48
C GLY C 452 26.48 -14.39 -15.37
N ARG C 453 26.72 -13.32 -16.14
CA ARG C 453 26.04 -12.02 -15.95
C ARG C 453 24.50 -12.12 -16.09
N SER C 454 23.98 -12.88 -17.06
CA SER C 454 22.50 -13.00 -17.27
C SER C 454 21.79 -13.69 -16.08
N ALA C 455 22.38 -14.79 -15.55
CA ALA C 455 21.82 -15.34 -14.29
C ALA C 455 21.94 -14.32 -13.16
N HIS C 456 23.06 -13.58 -13.02
CA HIS C 456 23.12 -12.56 -11.92
C HIS C 456 21.92 -11.60 -11.99
N GLN C 457 21.50 -11.10 -13.16
CA GLN C 457 20.38 -10.12 -13.23
C GLN C 457 19.03 -10.72 -12.75
N VAL C 458 18.82 -12.00 -12.98
CA VAL C 458 17.56 -12.62 -12.61
C VAL C 458 17.50 -12.76 -11.08
N ALA C 459 18.62 -13.18 -10.50
CA ALA C 459 18.76 -13.53 -9.09
C ALA C 459 18.65 -12.26 -8.22
N ARG C 460 18.96 -11.09 -8.75
CA ARG C 460 18.82 -9.89 -7.93
C ARG C 460 17.35 -9.62 -7.54
N TYR C 461 16.35 -10.22 -8.19
CA TYR C 461 14.92 -10.04 -7.78
C TYR C 461 14.50 -11.01 -6.66
N ARG C 462 15.21 -12.12 -6.49
CA ARG C 462 14.87 -13.18 -5.49
C ARG C 462 13.54 -13.89 -5.83
N PRO C 463 13.34 -14.36 -7.09
CA PRO C 463 12.15 -15.15 -7.45
C PRO C 463 11.94 -16.40 -6.57
N ARG C 464 10.73 -16.94 -6.53
CA ARG C 464 10.50 -18.15 -5.72
C ARG C 464 11.17 -19.35 -6.38
N ALA C 465 11.23 -19.34 -7.71
CA ALA C 465 11.64 -20.55 -8.42
C ALA C 465 13.18 -20.61 -8.46
N PRO C 466 13.77 -21.81 -8.32
CA PRO C 466 15.24 -22.01 -8.53
C PRO C 466 15.71 -21.55 -9.93
N ILE C 467 16.89 -20.95 -10.03
CA ILE C 467 17.51 -20.49 -11.29
C ILE C 467 18.63 -21.45 -11.70
N ILE C 468 18.42 -22.26 -12.71
CA ILE C 468 19.45 -23.17 -13.29
C ILE C 468 20.27 -22.41 -14.34
N ALA C 469 21.58 -22.34 -14.17
CA ALA C 469 22.47 -21.65 -15.14
C ALA C 469 23.23 -22.72 -15.94
N VAL C 470 23.21 -22.65 -17.26
CA VAL C 470 23.82 -23.71 -18.04
C VAL C 470 25.03 -23.11 -18.74
N THR C 471 26.22 -23.63 -18.48
CA THR C 471 27.43 -22.98 -19.02
C THR C 471 28.39 -24.07 -19.49
N ARG C 472 29.39 -23.65 -20.27
CA ARG C 472 30.51 -24.51 -20.70
C ARG C 472 31.78 -24.08 -19.98
N ASN C 473 31.86 -22.79 -19.64
CA ASN C 473 32.94 -22.15 -18.88
C ASN C 473 33.01 -22.77 -17.47
N PRO C 474 34.11 -23.48 -17.12
CA PRO C 474 34.14 -24.14 -15.78
C PRO C 474 34.37 -23.16 -14.61
N GLN C 475 34.99 -22.00 -14.88
CA GLN C 475 35.17 -21.02 -13.81
C GLN C 475 33.84 -20.33 -13.46
N THR C 476 33.00 -20.12 -14.47
CA THR C 476 31.68 -19.51 -14.27
C THR C 476 30.81 -20.42 -13.41
N ALA C 477 30.84 -21.72 -13.65
CA ALA C 477 30.02 -22.61 -12.81
C ALA C 477 30.48 -22.55 -11.34
N ARG C 478 31.76 -22.26 -11.07
CA ARG C 478 32.26 -22.25 -9.67
C ARG C 478 31.77 -20.99 -8.95
N GLN C 479 31.89 -19.82 -9.57
CA GLN C 479 31.60 -18.54 -8.88
C GLN C 479 30.11 -18.37 -8.61
N ALA C 480 29.28 -19.18 -9.28
CA ALA C 480 27.82 -19.07 -9.20
C ALA C 480 27.35 -19.40 -7.78
N HIS C 481 28.20 -20.00 -6.95
CA HIS C 481 27.76 -20.36 -5.62
C HIS C 481 27.63 -19.12 -4.73
N LEU C 482 28.29 -18.00 -5.09
CA LEU C 482 28.16 -16.77 -4.31
C LEU C 482 26.74 -16.19 -4.34
N TYR C 483 25.95 -16.34 -5.39
CA TYR C 483 24.66 -15.63 -5.53
C TYR C 483 23.49 -16.52 -5.08
N ARG C 484 22.58 -15.97 -4.26
CA ARG C 484 21.56 -16.77 -3.55
C ARG C 484 20.48 -17.25 -4.53
N GLY C 485 20.29 -18.57 -4.59
CA GLY C 485 19.21 -19.13 -5.39
C GLY C 485 19.62 -19.59 -6.78
N ILE C 486 20.89 -19.42 -7.22
CA ILE C 486 21.41 -19.97 -8.53
C ILE C 486 22.00 -21.36 -8.32
N PHE C 487 21.61 -22.35 -9.14
CA PHE C 487 22.14 -23.75 -9.13
C PHE C 487 22.88 -24.01 -10.43
N PRO C 488 24.23 -23.94 -10.44
CA PRO C 488 24.96 -24.06 -11.74
C PRO C 488 24.99 -25.51 -12.24
N VAL C 489 24.95 -25.70 -13.55
CA VAL C 489 25.18 -27.02 -14.18
C VAL C 489 26.18 -26.86 -15.33
N LEU C 490 27.26 -27.64 -15.28
CA LEU C 490 28.27 -27.51 -16.33
C LEU C 490 28.05 -28.58 -17.42
N CYS C 491 28.17 -28.15 -18.67
CA CYS C 491 27.91 -28.95 -19.85
C CYS C 491 29.26 -29.26 -20.53
N LYS C 492 29.46 -30.54 -20.83
CA LYS C 492 30.78 -31.06 -21.22
C LYS C 492 30.81 -31.42 -22.72
N ASP C 493 29.64 -31.75 -23.27
CA ASP C 493 29.42 -32.10 -24.70
C ASP C 493 30.17 -31.23 -25.76
N PRO C 494 30.43 -31.80 -26.95
CA PRO C 494 31.12 -31.00 -27.98
C PRO C 494 30.15 -30.03 -28.68
N VAL C 495 30.65 -28.83 -28.98
CA VAL C 495 29.89 -27.80 -29.69
C VAL C 495 29.41 -28.36 -31.04
N GLN C 496 28.08 -28.45 -31.20
CA GLN C 496 27.40 -28.91 -32.44
C GLN C 496 27.66 -27.92 -33.58
N GLU C 497 27.26 -28.29 -34.80
CA GLU C 497 27.60 -27.51 -36.02
C GLU C 497 26.69 -26.28 -36.12
N ALA C 498 25.38 -26.51 -36.23
CA ALA C 498 24.39 -25.44 -36.29
C ALA C 498 24.15 -24.91 -34.87
N TRP C 499 24.21 -23.58 -34.74
CA TRP C 499 24.12 -22.91 -33.45
C TRP C 499 22.75 -23.14 -32.82
N ALA C 500 21.69 -22.86 -33.57
CA ALA C 500 20.34 -23.13 -33.08
C ALA C 500 20.25 -24.51 -32.42
N GLU C 501 21.00 -25.49 -32.94
CA GLU C 501 20.93 -26.91 -32.51
C GLU C 501 21.75 -27.12 -31.23
N ASP C 502 22.85 -26.38 -31.11
CA ASP C 502 23.64 -26.29 -29.87
C ASP C 502 22.76 -25.78 -28.71
N VAL C 503 22.10 -24.63 -28.90
CA VAL C 503 21.20 -24.05 -27.90
C VAL C 503 20.15 -25.08 -27.44
N ASP C 504 19.60 -25.85 -28.38
CA ASP C 504 18.55 -26.81 -28.01
C ASP C 504 19.07 -28.03 -27.27
N LEU C 505 20.36 -28.33 -27.46
CA LEU C 505 21.00 -29.39 -26.68
C LEU C 505 21.19 -28.95 -25.22
N ARG C 506 21.76 -27.74 -24.97
CA ARG C 506 22.02 -27.22 -23.58
C ARG C 506 20.72 -27.02 -22.80
N VAL C 507 19.62 -26.61 -23.48
CA VAL C 507 18.31 -26.50 -22.79
C VAL C 507 17.88 -27.87 -22.28
N ASN C 508 17.96 -28.90 -23.14
CA ASN C 508 17.53 -30.28 -22.81
C ASN C 508 18.37 -30.85 -21.67
N PHE C 509 19.70 -30.74 -21.79
CA PHE C 509 20.61 -31.15 -20.71
C PHE C 509 20.05 -30.63 -19.38
N ALA C 510 19.82 -29.31 -19.33
CA ALA C 510 19.28 -28.60 -18.16
C ALA C 510 17.95 -29.19 -17.66
N MET C 511 17.05 -29.61 -18.57
CA MET C 511 15.77 -30.27 -18.17
C MET C 511 16.02 -31.67 -17.61
N ASN C 512 16.99 -32.44 -18.13
CA ASN C 512 17.29 -33.75 -17.48
C ASN C 512 17.80 -33.49 -16.06
N VAL C 513 18.86 -32.67 -15.93
CA VAL C 513 19.47 -32.40 -14.63
C VAL C 513 18.41 -31.91 -13.63
N GLY C 514 17.43 -31.13 -14.09
CA GLY C 514 16.32 -30.62 -13.24
C GLY C 514 15.43 -31.71 -12.66
N LYS C 515 15.08 -32.71 -13.48
CA LYS C 515 14.19 -33.85 -13.10
C LYS C 515 14.91 -34.84 -12.18
N ALA C 516 16.15 -35.21 -12.53
CA ALA C 516 17.05 -36.03 -11.69
C ALA C 516 17.14 -35.48 -10.26
N ARG C 517 17.42 -34.18 -10.10
CA ARG C 517 17.55 -33.54 -8.77
C ARG C 517 16.17 -33.21 -8.19
N GLY C 518 15.10 -33.45 -8.95
CA GLY C 518 13.70 -33.42 -8.46
C GLY C 518 13.17 -32.01 -8.22
N PHE C 519 13.31 -31.10 -9.20
CA PHE C 519 12.84 -29.69 -9.04
C PHE C 519 11.48 -29.52 -9.73
N PHE C 520 11.14 -30.47 -10.59
CA PHE C 520 9.92 -30.45 -11.42
C PHE C 520 9.79 -31.82 -12.09
N LYS C 521 8.58 -32.23 -12.45
CA LYS C 521 8.39 -33.52 -13.15
C LYS C 521 7.84 -33.26 -14.57
N LYS C 522 7.44 -34.33 -15.25
CA LYS C 522 6.97 -34.24 -16.64
C LYS C 522 5.58 -33.57 -16.68
N GLY C 523 5.40 -32.72 -17.69
CA GLY C 523 4.17 -31.96 -17.87
C GLY C 523 4.00 -30.84 -16.86
N ASP C 524 5.12 -30.30 -16.37
CA ASP C 524 5.18 -29.05 -15.61
C ASP C 524 5.52 -27.93 -16.59
N VAL C 525 5.63 -26.70 -16.09
CA VAL C 525 5.91 -25.52 -16.94
C VAL C 525 7.25 -24.90 -16.50
N VAL C 526 8.17 -24.62 -17.46
CA VAL C 526 9.39 -23.83 -17.11
C VAL C 526 9.59 -22.57 -17.96
N ILE C 527 10.25 -21.54 -17.41
CA ILE C 527 10.67 -20.35 -18.20
C ILE C 527 12.10 -20.57 -18.70
N VAL C 528 12.41 -20.27 -19.96
CA VAL C 528 13.75 -20.48 -20.53
C VAL C 528 14.20 -19.15 -21.10
N LEU C 529 15.46 -18.79 -20.96
CA LEU C 529 15.88 -17.45 -21.23
C LEU C 529 17.16 -17.49 -22.09
N THR C 530 17.21 -16.88 -23.28
CA THR C 530 18.40 -17.00 -24.16
C THR C 530 18.51 -15.77 -25.06
N GLY C 531 19.50 -15.80 -25.97
CA GLY C 531 19.90 -14.67 -26.82
C GLY C 531 19.65 -14.96 -28.28
N TRP C 532 19.95 -14.00 -29.15
CA TRP C 532 19.60 -14.14 -30.57
C TRP C 532 20.82 -14.55 -31.41
N ARG C 533 22.02 -14.27 -30.92
CA ARG C 533 23.29 -14.66 -31.58
C ARG C 533 24.26 -15.18 -30.50
N PRO C 534 25.36 -15.87 -30.90
CA PRO C 534 26.45 -16.31 -29.97
C PRO C 534 27.27 -15.11 -29.42
N GLY C 535 27.89 -15.26 -28.25
CA GLY C 535 28.62 -14.11 -27.65
C GLY C 535 28.10 -13.74 -26.27
N SER C 536 28.73 -12.77 -25.60
CA SER C 536 28.18 -12.28 -24.34
C SER C 536 27.47 -10.94 -24.55
N GLY C 537 26.31 -10.80 -23.91
CA GLY C 537 25.63 -9.53 -23.82
C GLY C 537 24.42 -9.45 -24.73
N PHE C 538 23.93 -10.58 -25.25
CA PHE C 538 22.83 -10.52 -26.21
C PHE C 538 21.55 -11.22 -25.73
N THR C 539 21.25 -11.30 -24.42
CA THR C 539 20.10 -12.09 -23.93
C THR C 539 18.85 -11.25 -24.16
N ASN C 540 17.80 -11.83 -24.78
CA ASN C 540 16.66 -11.01 -25.23
C ASN C 540 15.37 -11.85 -25.42
N THR C 541 15.42 -13.15 -25.24
CA THR C 541 14.27 -13.99 -25.54
C THR C 541 13.82 -14.74 -24.27
N MET C 542 12.51 -14.89 -24.10
CA MET C 542 11.91 -15.59 -22.97
C MET C 542 10.82 -16.52 -23.52
N ARG C 543 10.89 -17.86 -23.33
CA ARG C 543 9.85 -18.83 -23.82
C ARG C 543 9.23 -19.55 -22.61
N VAL C 544 7.93 -19.83 -22.61
CA VAL C 544 7.31 -20.57 -21.52
C VAL C 544 7.07 -22.00 -22.05
N VAL C 545 7.74 -23.03 -21.55
CA VAL C 545 7.65 -24.35 -22.21
C VAL C 545 7.17 -25.42 -21.21
N PRO C 546 6.44 -26.45 -21.72
CA PRO C 546 6.07 -27.67 -20.93
C PRO C 546 7.29 -28.59 -20.80
N VAL C 547 7.44 -29.26 -19.65
CA VAL C 547 8.61 -30.14 -19.44
C VAL C 547 8.40 -31.46 -20.19
N PRO C 548 9.35 -31.82 -21.07
CA PRO C 548 9.27 -33.04 -21.90
C PRO C 548 9.66 -34.30 -21.11
N MET D 39 10.82 6.64 9.61
CA MET D 39 10.75 7.69 8.55
C MET D 39 10.88 7.05 7.16
N ALA D 40 11.33 5.79 7.09
CA ALA D 40 11.50 5.08 5.80
C ALA D 40 10.15 4.57 5.27
N ASP D 41 10.02 4.54 3.95
CA ASP D 41 8.84 4.02 3.24
C ASP D 41 8.81 2.49 3.18
N THR D 42 10.00 1.88 3.24
CA THR D 42 10.17 0.42 3.11
C THR D 42 10.97 -0.12 4.31
N PHE D 43 10.99 -1.46 4.39
CA PHE D 43 11.75 -2.21 5.39
C PHE D 43 13.21 -2.29 4.96
N LEU D 44 13.44 -2.41 3.65
CA LEU D 44 14.82 -2.43 3.12
C LEU D 44 15.51 -1.07 3.29
N GLU D 45 14.80 0.05 3.07
CA GLU D 45 15.38 1.41 3.34
C GLU D 45 15.74 1.54 4.83
N HIS D 46 14.76 1.24 5.70
CA HIS D 46 14.89 1.20 7.16
C HIS D 46 16.19 0.49 7.61
N MET D 47 16.50 -0.70 7.06
CA MET D 47 17.71 -1.44 7.49
C MET D 47 18.97 -0.72 7.01
N CYS D 48 18.91 -0.11 5.82
CA CYS D 48 20.08 0.52 5.15
C CYS D 48 20.52 1.81 5.87
N ARG D 49 19.63 2.40 6.68
CA ARG D 49 19.87 3.69 7.34
C ARG D 49 20.26 3.51 8.82
N LEU D 50 20.60 2.29 9.23
CA LEU D 50 21.01 2.04 10.62
C LEU D 50 22.44 2.58 10.83
N ASP D 51 22.59 3.43 11.86
CA ASP D 51 23.86 4.08 12.17
C ASP D 51 24.39 3.64 13.52
N ILE D 52 25.71 3.42 13.58
CA ILE D 52 26.37 2.92 14.80
C ILE D 52 27.02 4.08 15.58
N ASP D 53 26.90 5.30 15.05
CA ASP D 53 27.39 6.50 15.72
C ASP D 53 26.22 7.42 16.14
N SER D 54 25.27 6.84 16.88
CA SER D 54 24.10 7.56 17.41
C SER D 54 23.61 6.90 18.70
N PRO D 55 23.31 7.71 19.76
CA PRO D 55 22.91 7.20 21.07
C PRO D 55 21.42 6.81 21.17
N PRO D 56 21.08 5.81 22.03
CA PRO D 56 19.68 5.38 22.26
C PRO D 56 18.95 6.24 23.30
N ILE D 57 17.63 6.06 23.40
CA ILE D 57 16.79 6.74 24.41
C ILE D 57 17.01 6.07 25.78
N THR D 58 16.60 6.76 26.85
CA THR D 58 16.77 6.28 28.22
C THR D 58 15.76 5.16 28.53
N ALA D 59 14.57 5.25 27.92
CA ALA D 59 13.45 4.35 28.19
C ALA D 59 13.72 2.96 27.60
N ARG D 60 13.48 1.93 28.41
CA ARG D 60 13.57 0.54 28.00
C ARG D 60 12.18 -0.10 28.11
N ASN D 61 11.57 -0.34 26.95
CA ASN D 61 10.20 -0.88 26.81
C ASN D 61 10.02 -2.30 27.40
N THR D 62 11.02 -3.17 27.32
CA THR D 62 10.83 -4.63 27.63
C THR D 62 11.12 -4.97 29.10
N GLY D 63 10.25 -5.76 29.70
CA GLY D 63 10.42 -6.19 31.11
C GLY D 63 11.55 -7.19 31.32
N ILE D 64 12.12 -7.19 32.54
CA ILE D 64 13.24 -8.07 32.96
C ILE D 64 12.88 -8.88 34.22
N ILE D 65 12.79 -10.21 34.04
CA ILE D 65 12.40 -11.22 35.08
C ILE D 65 13.65 -11.99 35.53
N CYS D 66 13.93 -12.00 36.82
CA CYS D 66 15.13 -12.68 37.34
C CYS D 66 14.71 -13.79 38.30
N THR D 67 15.39 -14.93 38.22
CA THR D 67 15.13 -16.02 39.17
C THR D 67 15.95 -15.76 40.44
N ILE D 68 15.36 -16.04 41.61
CA ILE D 68 16.08 -15.82 42.88
C ILE D 68 16.37 -17.20 43.50
N GLY D 69 17.67 -17.49 43.66
CA GLY D 69 18.18 -18.65 44.42
C GLY D 69 19.17 -18.22 45.49
N PRO D 70 20.09 -19.12 45.91
CA PRO D 70 21.09 -18.86 46.98
C PRO D 70 22.08 -17.73 46.66
N ALA D 71 22.47 -17.58 45.39
CA ALA D 71 23.42 -16.55 44.92
C ALA D 71 22.91 -15.12 45.15
N SER D 72 21.58 -14.95 45.27
CA SER D 72 20.96 -13.62 45.28
C SER D 72 19.69 -13.59 46.13
N ARG D 73 19.74 -14.23 47.30
CA ARG D 73 18.65 -14.21 48.29
C ARG D 73 18.82 -13.04 49.27
N SER D 74 19.91 -12.27 49.16
CA SER D 74 20.30 -11.37 50.26
C SER D 74 19.91 -9.92 49.96
N VAL D 75 19.46 -9.22 51.01
CA VAL D 75 18.89 -7.85 50.96
C VAL D 75 19.89 -6.82 50.40
N GLU D 76 21.14 -7.23 50.18
CA GLU D 76 22.17 -6.34 49.66
C GLU D 76 22.34 -6.59 48.16
N THR D 77 22.21 -7.87 47.77
CA THR D 77 22.28 -8.30 46.38
C THR D 77 21.00 -7.86 45.64
N LEU D 78 19.86 -8.08 46.31
CA LEU D 78 18.53 -7.69 45.84
C LEU D 78 18.49 -6.17 45.57
N LYS D 79 18.77 -5.34 46.59
CA LYS D 79 18.83 -3.87 46.43
C LYS D 79 19.65 -3.46 45.20
N GLU D 80 20.69 -4.23 44.88
CA GLU D 80 21.61 -3.85 43.81
C GLU D 80 21.03 -4.25 42.45
N MET D 81 20.27 -5.35 42.39
CA MET D 81 19.64 -5.77 41.11
C MET D 81 18.44 -4.86 40.80
N ILE D 82 17.67 -4.46 41.82
CA ILE D 82 16.61 -3.46 41.62
C ILE D 82 17.15 -2.19 40.92
N LYS D 83 18.35 -1.74 41.27
CA LYS D 83 18.95 -0.57 40.64
C LYS D 83 19.41 -0.89 39.21
N SER D 84 19.67 -2.15 38.93
CA SER D 84 20.23 -2.53 37.64
C SER D 84 19.12 -2.65 36.58
N GLY D 85 17.90 -2.92 37.04
CA GLY D 85 16.72 -2.90 36.17
C GLY D 85 15.87 -4.14 36.26
N MET D 86 15.79 -4.73 37.45
CA MET D 86 14.94 -5.91 37.64
C MET D 86 13.52 -5.47 38.02
N ASN D 87 12.53 -6.05 37.33
CA ASN D 87 11.12 -5.66 37.44
C ASN D 87 10.31 -6.76 38.14
N VAL D 88 10.71 -8.03 38.00
CA VAL D 88 9.93 -9.19 38.53
C VAL D 88 10.93 -10.14 39.18
N ALA D 89 10.60 -10.71 40.35
CA ALA D 89 11.43 -11.76 40.97
C ALA D 89 10.70 -13.11 40.93
N ARG D 90 11.24 -14.09 40.20
CA ARG D 90 10.59 -15.45 40.03
C ARG D 90 11.08 -16.42 41.13
N LEU D 91 10.14 -17.13 41.78
CA LEU D 91 10.44 -18.19 42.75
C LEU D 91 10.05 -19.56 42.19
N ASN D 92 11.02 -20.47 42.14
CA ASN D 92 10.90 -21.79 41.53
C ASN D 92 10.53 -22.82 42.61
N PHE D 93 9.34 -23.38 42.53
CA PHE D 93 8.83 -24.24 43.61
C PHE D 93 9.14 -25.72 43.35
N SER D 94 10.15 -25.99 42.51
CA SER D 94 10.77 -27.34 42.42
C SER D 94 11.58 -27.61 43.69
N HIS D 95 12.51 -26.70 44.00
CA HIS D 95 13.45 -26.83 45.11
C HIS D 95 12.88 -26.15 46.37
N GLY D 96 13.58 -26.30 47.50
CA GLY D 96 13.23 -25.63 48.77
C GLY D 96 11.92 -26.11 49.39
N THR D 97 11.65 -25.62 50.60
CA THR D 97 10.38 -25.86 51.30
C THR D 97 9.57 -24.56 51.35
N HIS D 98 8.42 -24.59 52.03
CA HIS D 98 7.56 -23.42 52.17
C HIS D 98 8.15 -22.43 53.17
N GLU D 99 8.97 -22.89 54.11
CA GLU D 99 9.61 -22.03 55.10
C GLU D 99 10.74 -21.23 54.45
N TYR D 100 11.47 -21.88 53.55
CA TYR D 100 12.64 -21.32 52.89
C TYR D 100 12.23 -20.22 51.92
N HIS D 101 11.12 -20.45 51.19
CA HIS D 101 10.64 -19.52 50.15
C HIS D 101 10.08 -18.24 50.80
N ALA D 102 9.30 -18.42 51.87
CA ALA D 102 8.71 -17.32 52.67
C ALA D 102 9.78 -16.33 53.16
N GLU D 103 11.03 -16.79 53.24
CA GLU D 103 12.12 -15.95 53.69
C GLU D 103 12.73 -15.20 52.49
N THR D 104 12.61 -15.76 51.30
CA THR D 104 13.04 -15.07 50.07
C THR D 104 12.03 -13.95 49.76
N ILE D 105 10.74 -14.24 49.88
CA ILE D 105 9.69 -13.25 49.66
C ILE D 105 9.88 -12.07 50.62
N LYS D 106 10.08 -12.35 51.90
CA LYS D 106 10.33 -11.33 52.92
C LYS D 106 11.53 -10.45 52.53
N ASN D 107 12.57 -11.08 51.97
CA ASN D 107 13.79 -10.35 51.63
C ASN D 107 13.57 -9.51 50.37
N VAL D 108 12.71 -9.97 49.46
CA VAL D 108 12.43 -9.25 48.22
C VAL D 108 11.67 -7.96 48.56
N ARG D 109 10.70 -8.09 49.48
CA ARG D 109 9.89 -6.95 49.92
C ARG D 109 10.73 -5.93 50.70
N THR D 110 11.68 -6.40 51.52
CA THR D 110 12.51 -5.46 52.32
C THR D 110 13.34 -4.56 51.40
N ALA D 111 13.99 -5.14 50.39
CA ALA D 111 14.82 -4.35 49.45
C ALA D 111 13.95 -3.37 48.63
N THR D 112 12.78 -3.84 48.17
CA THR D 112 11.80 -3.01 47.43
C THR D 112 11.54 -1.74 48.26
N GLU D 113 11.01 -1.94 49.49
CA GLU D 113 10.53 -0.86 50.38
C GLU D 113 11.65 0.08 50.87
N SER D 114 12.92 -0.33 50.76
CA SER D 114 14.08 0.54 51.09
C SER D 114 13.99 1.90 50.36
N PHE D 115 13.57 1.89 49.08
CA PHE D 115 13.53 3.10 48.26
C PHE D 115 12.19 3.85 48.41
N ALA D 116 11.27 3.39 49.25
CA ALA D 116 9.99 4.09 49.45
C ALA D 116 10.12 5.23 50.48
N SER D 117 11.09 6.12 50.22
CA SER D 117 11.33 7.31 51.03
C SER D 117 11.28 8.55 50.14
N ASP D 118 11.87 8.45 48.94
CA ASP D 118 11.68 9.42 47.86
C ASP D 118 10.61 8.88 46.91
N PRO D 119 9.33 9.30 47.10
CA PRO D 119 8.16 8.71 46.42
C PRO D 119 8.15 8.97 44.90
N ILE D 120 9.13 9.74 44.42
CA ILE D 120 9.28 10.03 43.00
C ILE D 120 10.16 8.96 42.35
N LEU D 121 11.14 8.43 43.10
CA LEU D 121 12.12 7.52 42.52
C LEU D 121 11.88 6.05 42.93
N TYR D 122 10.84 5.79 43.72
CA TYR D 122 10.34 4.44 44.02
C TYR D 122 10.02 3.69 42.73
N ARG D 123 10.32 2.40 42.70
CA ARG D 123 10.04 1.53 41.55
C ARG D 123 9.36 0.24 42.05
N PRO D 124 8.15 -0.08 41.57
CA PRO D 124 7.49 -1.30 42.10
C PRO D 124 8.10 -2.59 41.50
N VAL D 125 8.03 -3.70 42.25
CA VAL D 125 8.68 -4.97 41.88
C VAL D 125 7.72 -6.14 42.17
N ALA D 126 7.36 -6.94 41.14
CA ALA D 126 6.41 -8.12 41.29
C ALA D 126 7.12 -9.38 41.80
N VAL D 127 6.32 -10.30 42.34
CA VAL D 127 6.74 -11.64 42.79
C VAL D 127 5.88 -12.66 42.05
N ALA D 128 6.54 -13.63 41.42
CA ALA D 128 5.86 -14.69 40.65
C ALA D 128 6.26 -16.07 41.20
N LEU D 129 5.55 -17.08 40.74
CA LEU D 129 5.59 -18.37 41.37
C LEU D 129 5.52 -19.42 40.26
N ASP D 130 6.60 -20.16 40.09
CA ASP D 130 6.60 -21.21 39.06
C ASP D 130 6.28 -22.54 39.75
N THR D 131 5.16 -23.16 39.35
CA THR D 131 4.77 -24.49 39.87
C THR D 131 5.83 -25.51 39.43
N LYS D 132 5.97 -26.59 40.19
CA LYS D 132 6.82 -27.72 39.77
C LYS D 132 6.21 -28.37 38.53
N GLY D 133 4.89 -28.62 38.58
CA GLY D 133 4.15 -29.19 37.44
C GLY D 133 4.25 -30.71 37.40
N PRO D 134 3.16 -31.40 36.96
CA PRO D 134 2.96 -32.87 36.80
C PRO D 134 4.10 -33.59 36.06
N GLU D 135 4.54 -34.74 36.60
CA GLU D 135 5.79 -35.39 36.19
C GLU D 135 5.62 -36.92 36.15
N ILE D 136 6.48 -37.58 35.37
CA ILE D 136 6.67 -39.05 35.36
C ILE D 136 8.13 -39.35 35.72
N ARG D 137 8.35 -40.23 36.71
CA ARG D 137 9.70 -40.54 37.17
C ARG D 137 9.93 -42.06 37.24
N THR D 138 11.19 -42.46 37.01
CA THR D 138 11.66 -43.85 37.10
C THR D 138 11.86 -44.23 38.58
N GLY D 139 11.98 -45.53 38.85
CA GLY D 139 12.28 -46.04 40.19
C GLY D 139 13.77 -46.02 40.49
N LEU D 140 14.13 -46.54 41.67
CA LEU D 140 15.51 -46.60 42.17
C LEU D 140 16.29 -47.69 41.43
N ILE D 141 17.52 -47.38 41.03
CA ILE D 141 18.39 -48.33 40.32
C ILE D 141 19.17 -49.16 41.36
N LYS D 142 18.94 -50.48 41.33
CA LYS D 142 19.65 -51.50 42.14
C LYS D 142 19.47 -51.26 43.66
N GLY D 143 18.37 -50.60 44.03
CA GLY D 143 17.99 -50.43 45.44
C GLY D 143 18.62 -49.20 46.09
N SER D 144 19.90 -48.95 45.80
CA SER D 144 20.72 -47.93 46.46
C SER D 144 20.20 -46.52 46.16
N GLY D 145 20.14 -46.17 44.86
CA GLY D 145 19.74 -44.84 44.43
C GLY D 145 20.92 -44.03 43.91
N THR D 146 22.14 -44.44 44.28
CA THR D 146 23.37 -43.78 43.85
C THR D 146 24.08 -44.64 42.79
N ALA D 147 23.61 -45.87 42.60
CA ALA D 147 24.15 -46.81 41.62
C ALA D 147 23.66 -46.44 40.21
N GLU D 148 24.53 -46.61 39.22
CA GLU D 148 24.23 -46.30 37.83
C GLU D 148 24.50 -47.53 36.96
N VAL D 149 23.53 -47.90 36.13
CA VAL D 149 23.68 -49.02 35.19
C VAL D 149 23.65 -48.50 33.75
N GLU D 150 24.71 -48.80 33.01
CA GLU D 150 24.89 -48.31 31.64
C GLU D 150 24.30 -49.32 30.65
N LEU D 151 23.61 -48.81 29.64
CA LEU D 151 22.92 -49.65 28.65
C LEU D 151 23.43 -49.30 27.24
N LYS D 152 23.57 -50.35 26.42
CA LYS D 152 24.13 -50.22 25.07
C LYS D 152 22.99 -50.29 24.05
N LYS D 153 23.28 -49.86 22.82
CA LYS D 153 22.29 -49.79 21.73
C LYS D 153 21.87 -51.21 21.29
N GLY D 154 20.57 -51.40 21.12
CA GLY D 154 19.99 -52.66 20.64
C GLY D 154 19.22 -53.41 21.73
N ALA D 155 19.77 -53.40 22.95
CA ALA D 155 19.28 -54.20 24.09
C ALA D 155 17.81 -53.91 24.37
N THR D 156 16.97 -54.94 24.21
CA THR D 156 15.53 -54.85 24.53
C THR D 156 15.35 -54.89 26.04
N LEU D 157 14.56 -53.95 26.56
CA LEU D 157 14.20 -53.95 27.97
C LEU D 157 12.68 -53.88 28.13
N LYS D 158 12.20 -54.42 29.25
CA LYS D 158 10.78 -54.37 29.63
C LYS D 158 10.54 -53.18 30.56
N ILE D 159 9.39 -52.54 30.36
CA ILE D 159 8.91 -51.48 31.24
C ILE D 159 7.64 -52.00 31.92
N THR D 160 7.63 -52.01 33.25
CA THR D 160 6.54 -52.59 34.04
C THR D 160 5.94 -51.54 34.97
N LEU D 161 4.61 -51.62 35.13
CA LEU D 161 3.85 -50.64 35.92
C LEU D 161 3.61 -51.19 37.33
N ASP D 162 3.86 -52.48 37.52
CA ASP D 162 3.63 -53.18 38.80
C ASP D 162 4.66 -52.80 39.87
N ASN D 163 4.17 -52.66 41.10
CA ASN D 163 4.86 -51.94 42.18
C ASN D 163 5.92 -52.84 42.87
N ALA D 164 6.11 -54.05 42.37
CA ALA D 164 7.09 -54.99 42.93
C ALA D 164 8.51 -54.59 42.51
N TYR D 165 8.64 -54.00 41.31
CA TYR D 165 9.94 -53.72 40.68
C TYR D 165 10.39 -52.29 40.97
N MET D 166 9.60 -51.54 41.76
CA MET D 166 9.85 -50.10 42.01
C MET D 166 11.07 -49.89 42.91
N GLU D 167 11.51 -50.96 43.56
CA GLU D 167 12.65 -50.94 44.48
C GLU D 167 13.94 -51.24 43.70
N LYS D 168 13.86 -52.22 42.79
CA LYS D 168 15.03 -52.70 42.04
C LYS D 168 14.76 -52.61 40.53
N CYS D 169 15.40 -51.63 39.91
CA CYS D 169 15.40 -51.46 38.45
C CYS D 169 16.79 -51.84 37.91
N ASP D 170 16.79 -52.70 36.90
CA ASP D 170 18.02 -53.20 36.28
C ASP D 170 18.06 -52.86 34.79
N GLU D 171 19.10 -53.30 34.08
CA GLU D 171 19.29 -53.01 32.64
C GLU D 171 18.41 -53.94 31.79
N ASN D 172 17.25 -54.31 32.33
CA ASN D 172 16.26 -55.15 31.66
C ASN D 172 14.84 -54.74 32.07
N ILE D 173 14.69 -54.27 33.31
CA ILE D 173 13.37 -53.89 33.84
C ILE D 173 13.46 -52.47 34.43
N LEU D 174 12.61 -51.57 33.91
CA LEU D 174 12.44 -50.22 34.44
C LEU D 174 11.00 -50.05 34.93
N TRP D 175 10.84 -49.48 36.12
CA TRP D 175 9.51 -49.13 36.65
C TRP D 175 9.27 -47.63 36.48
N LEU D 176 8.13 -47.28 35.88
CA LEU D 176 7.69 -45.89 35.71
C LEU D 176 6.45 -45.63 36.57
N ASP D 177 6.39 -44.41 37.10
CA ASP D 177 5.30 -43.94 37.96
C ASP D 177 3.93 -43.86 37.25
N TYR D 178 3.94 -43.70 35.92
CA TYR D 178 2.73 -43.50 35.12
C TYR D 178 2.04 -44.85 34.88
N LYS D 179 0.77 -44.92 35.27
CA LYS D 179 0.01 -46.16 35.30
C LYS D 179 -0.82 -46.32 34.02
N ASN D 180 -0.81 -45.31 33.16
CA ASN D 180 -1.64 -45.30 31.95
C ASN D 180 -0.77 -45.19 30.70
N ILE D 181 0.55 -45.40 30.84
CA ILE D 181 1.51 -45.17 29.73
C ILE D 181 1.16 -46.07 28.54
N CYS D 182 0.71 -47.29 28.82
CA CYS D 182 0.34 -48.30 27.82
C CYS D 182 -0.78 -47.80 26.88
N LYS D 183 -1.71 -47.00 27.41
CA LYS D 183 -2.90 -46.55 26.64
C LYS D 183 -2.58 -45.30 25.79
N VAL D 184 -1.63 -44.48 26.25
CA VAL D 184 -1.30 -43.21 25.57
C VAL D 184 -0.23 -43.43 24.49
N VAL D 185 0.67 -44.40 24.73
CA VAL D 185 1.75 -44.75 23.80
C VAL D 185 1.19 -45.65 22.69
N GLU D 186 1.83 -45.59 21.51
CA GLU D 186 1.50 -46.46 20.36
C GLU D 186 2.75 -47.24 19.95
N VAL D 187 2.61 -48.16 19.00
CA VAL D 187 3.75 -48.92 18.45
C VAL D 187 4.48 -48.00 17.45
N GLY D 188 5.77 -47.77 17.72
CA GLY D 188 6.58 -46.85 16.91
C GLY D 188 6.83 -45.52 17.61
N SER D 189 6.16 -45.30 18.74
CA SER D 189 6.35 -44.10 19.58
C SER D 189 7.70 -44.19 20.30
N LYS D 190 8.33 -43.03 20.50
CA LYS D 190 9.63 -42.96 21.18
C LYS D 190 9.42 -42.50 22.64
N ILE D 191 10.40 -42.82 23.47
CA ILE D 191 10.40 -42.45 24.89
C ILE D 191 11.79 -41.86 25.23
N TYR D 192 11.78 -40.72 25.93
CA TYR D 192 13.03 -40.05 26.37
C TYR D 192 13.18 -40.19 27.88
N VAL D 193 14.37 -40.64 28.31
CA VAL D 193 14.66 -40.83 29.73
C VAL D 193 15.80 -39.88 30.13
N ASP D 194 15.51 -39.03 31.12
CA ASP D 194 16.42 -38.00 31.66
C ASP D 194 16.90 -36.99 30.60
N ASP D 195 16.04 -36.00 30.33
CA ASP D 195 16.30 -34.86 29.43
C ASP D 195 16.82 -35.23 28.04
N GLY D 196 16.36 -36.37 27.52
CA GLY D 196 16.66 -36.83 26.17
C GLY D 196 18.08 -37.36 26.03
N LEU D 197 18.64 -37.92 27.10
CA LEU D 197 19.96 -38.58 27.05
C LEU D 197 19.82 -39.97 26.41
N ILE D 198 18.85 -40.73 26.92
CA ILE D 198 18.50 -42.08 26.43
C ILE D 198 17.16 -41.98 25.69
N SER D 199 17.07 -42.63 24.54
CA SER D 199 15.83 -42.78 23.78
C SER D 199 15.46 -44.27 23.65
N LEU D 200 14.17 -44.58 23.76
CA LEU D 200 13.67 -45.95 23.59
C LEU D 200 12.57 -45.96 22.51
N GLN D 201 12.76 -46.79 21.50
CA GLN D 201 11.74 -47.09 20.50
C GLN D 201 10.81 -48.17 21.06
N VAL D 202 9.49 -47.98 20.94
CA VAL D 202 8.52 -49.00 21.36
C VAL D 202 8.45 -50.07 20.26
N LYS D 203 8.74 -51.31 20.67
CA LYS D 203 8.82 -52.46 19.78
C LYS D 203 7.54 -53.30 19.92
N GLN D 204 7.28 -53.81 21.14
CA GLN D 204 6.11 -54.66 21.41
C GLN D 204 5.23 -54.01 22.49
N LYS D 205 3.95 -53.86 22.19
CA LYS D 205 2.97 -53.28 23.11
C LYS D 205 2.13 -54.40 23.73
N GLY D 206 2.12 -54.44 25.06
CA GLY D 206 1.35 -55.44 25.82
C GLY D 206 0.59 -54.79 26.97
N ALA D 207 -0.28 -55.58 27.59
CA ALA D 207 -1.05 -55.14 28.76
C ALA D 207 -0.14 -55.13 30.00
N ASP D 208 0.03 -53.93 30.57
CA ASP D 208 0.88 -53.65 31.77
C ASP D 208 2.41 -53.83 31.61
N PHE D 209 2.87 -53.97 30.36
CA PHE D 209 4.32 -54.08 30.07
C PHE D 209 4.62 -53.54 28.66
N LEU D 210 5.82 -52.98 28.49
CA LEU D 210 6.29 -52.44 27.21
C LEU D 210 7.68 -53.03 26.89
N VAL D 211 7.84 -53.60 25.70
CA VAL D 211 9.14 -54.14 25.26
C VAL D 211 9.74 -53.16 24.25
N THR D 212 10.94 -52.66 24.56
CA THR D 212 11.49 -51.47 23.88
C THR D 212 12.94 -51.72 23.44
N GLU D 213 13.22 -51.42 22.17
CA GLU D 213 14.58 -51.31 21.63
C GLU D 213 15.26 -50.06 22.21
N VAL D 214 16.59 -50.06 22.21
CA VAL D 214 17.37 -48.91 22.68
C VAL D 214 17.93 -48.16 21.47
N GLU D 215 17.61 -46.87 21.40
CA GLU D 215 17.91 -45.99 20.27
C GLU D 215 19.20 -45.19 20.52
N ASN D 216 19.41 -44.79 21.78
CA ASN D 216 20.61 -44.06 22.22
C ASN D 216 21.15 -44.65 23.53
N GLY D 217 22.47 -44.67 23.66
CA GLY D 217 23.16 -45.17 24.84
C GLY D 217 23.56 -44.04 25.78
N GLY D 218 23.38 -44.28 27.09
CA GLY D 218 23.79 -43.36 28.15
C GLY D 218 23.86 -44.05 29.50
N SER D 219 23.68 -43.27 30.57
CA SER D 219 23.67 -43.80 31.93
C SER D 219 22.30 -43.54 32.59
N LEU D 220 21.67 -44.62 33.05
CA LEU D 220 20.43 -44.57 33.84
C LEU D 220 20.79 -44.34 35.32
N GLY D 221 20.25 -43.26 35.89
CA GLY D 221 20.31 -43.03 37.35
C GLY D 221 18.98 -43.34 38.02
N SER D 222 18.83 -42.92 39.27
CA SER D 222 17.58 -43.12 40.01
C SER D 222 16.75 -41.83 40.00
N LYS D 223 15.43 -42.00 39.81
CA LYS D 223 14.42 -40.92 39.78
C LYS D 223 14.74 -39.90 38.69
N LYS D 224 14.61 -40.34 37.44
CA LYS D 224 14.87 -39.50 36.26
C LYS D 224 13.57 -39.30 35.48
N GLY D 225 13.40 -38.10 34.93
CA GLY D 225 12.14 -37.66 34.34
C GLY D 225 11.91 -38.24 32.95
N VAL D 226 10.65 -38.51 32.64
CA VAL D 226 10.26 -39.19 31.38
C VAL D 226 9.44 -38.24 30.50
N ASN D 227 9.78 -38.18 29.21
CA ASN D 227 9.07 -37.35 28.21
C ASN D 227 8.65 -38.22 27.01
N LEU D 228 7.40 -38.08 26.58
CA LEU D 228 6.73 -38.96 25.58
C LEU D 228 6.29 -38.17 24.34
N PRO D 229 7.23 -37.86 23.39
CA PRO D 229 6.86 -37.04 22.20
C PRO D 229 5.63 -37.55 21.43
N GLY D 230 4.92 -36.62 20.78
CA GLY D 230 3.69 -36.91 20.03
C GLY D 230 2.49 -37.20 20.94
N ALA D 231 2.73 -37.86 22.07
CA ALA D 231 1.68 -38.51 22.87
C ALA D 231 0.83 -37.48 23.63
N ALA D 232 -0.49 -37.62 23.50
CA ALA D 232 -1.48 -36.77 24.18
C ALA D 232 -1.74 -37.30 25.60
N VAL D 233 -0.81 -36.94 26.51
CA VAL D 233 -0.69 -37.47 27.88
C VAL D 233 -2.00 -37.20 28.67
N ASP D 234 -2.29 -38.08 29.64
CA ASP D 234 -3.54 -38.02 30.46
C ASP D 234 -3.39 -37.61 31.94
N LEU D 235 -2.18 -37.20 32.35
CA LEU D 235 -1.88 -36.74 33.73
C LEU D 235 -2.86 -35.63 34.14
N PRO D 236 -3.13 -35.45 35.46
CA PRO D 236 -4.08 -34.41 35.89
C PRO D 236 -3.53 -33.00 35.60
N ALA D 237 -4.37 -31.97 35.69
CA ALA D 237 -3.97 -30.58 35.40
C ALA D 237 -3.05 -30.06 36.52
N VAL D 238 -3.44 -30.32 37.76
CA VAL D 238 -2.63 -29.94 38.91
C VAL D 238 -2.32 -31.22 39.69
N SER D 239 -1.05 -31.38 40.09
CA SER D 239 -0.63 -32.47 40.97
C SER D 239 -1.10 -32.19 42.41
N GLU D 240 -0.97 -33.20 43.28
CA GLU D 240 -1.34 -33.08 44.69
C GLU D 240 -0.42 -32.09 45.41
N LYS D 241 0.82 -31.94 44.92
CA LYS D 241 1.80 -31.02 45.52
C LYS D 241 1.45 -29.57 45.18
N ASP D 242 1.08 -29.31 43.92
CA ASP D 242 0.82 -27.94 43.43
C ASP D 242 -0.48 -27.32 43.92
N ILE D 243 -1.49 -28.14 44.30
CA ILE D 243 -2.71 -27.65 45.02
C ILE D 243 -2.27 -27.00 46.34
N GLN D 244 -1.14 -27.44 46.89
CA GLN D 244 -0.62 -26.91 48.14
C GLN D 244 0.19 -25.65 47.90
N ASP D 245 0.92 -25.59 46.78
CA ASP D 245 1.73 -24.42 46.43
C ASP D 245 0.88 -23.21 45.93
N LEU D 246 -0.10 -23.50 45.09
CA LEU D 246 -1.10 -22.52 44.66
C LEU D 246 -1.84 -21.94 45.87
N LYS D 247 -2.02 -22.73 46.93
CA LYS D 247 -2.70 -22.26 48.14
C LYS D 247 -1.75 -21.37 48.95
N PHE D 248 -0.45 -21.71 48.95
CA PHE D 248 0.57 -20.95 49.68
C PHE D 248 0.77 -19.56 49.06
N GLY D 249 0.72 -19.48 47.74
CA GLY D 249 0.91 -18.23 46.98
C GLY D 249 -0.22 -17.23 47.19
N VAL D 250 -1.48 -17.70 47.18
CA VAL D 250 -2.67 -16.85 47.50
C VAL D 250 -2.53 -16.26 48.91
N GLU D 251 -2.02 -17.04 49.85
CA GLU D 251 -1.79 -16.61 51.25
C GLU D 251 -0.61 -15.65 51.34
N GLN D 252 0.38 -15.80 50.45
CA GLN D 252 1.58 -14.97 50.49
C GLN D 252 1.43 -13.72 49.61
N ASP D 253 0.29 -13.58 48.91
CA ASP D 253 -0.05 -12.40 48.09
C ASP D 253 0.92 -12.12 46.90
N VAL D 254 1.02 -13.11 46.01
CA VAL D 254 1.93 -13.07 44.87
C VAL D 254 1.22 -12.34 43.71
N ASP D 255 1.99 -11.84 42.74
CA ASP D 255 1.36 -11.08 41.66
C ASP D 255 0.88 -11.88 40.50
N MET D 256 1.57 -12.97 40.20
CA MET D 256 1.20 -13.81 39.08
C MET D 256 1.68 -15.25 39.31
N VAL D 257 1.02 -16.21 38.67
CA VAL D 257 1.38 -17.64 38.79
C VAL D 257 1.79 -18.18 37.42
N PHE D 258 2.99 -18.76 37.33
CA PHE D 258 3.38 -19.49 36.12
C PHE D 258 2.94 -20.96 36.20
N ALA D 259 2.05 -21.35 35.30
CA ALA D 259 1.42 -22.68 35.29
C ALA D 259 2.14 -23.61 34.31
N SER D 260 2.74 -24.68 34.84
CA SER D 260 3.56 -25.63 34.07
C SER D 260 2.66 -26.65 33.35
N PHE D 261 3.15 -27.10 32.20
CA PHE D 261 2.63 -28.27 31.45
C PHE D 261 1.13 -28.12 31.11
N ILE D 262 0.76 -26.95 30.59
CA ILE D 262 -0.59 -26.70 30.10
C ILE D 262 -0.76 -27.43 28.77
N ARG D 263 -1.87 -28.16 28.58
CA ARG D 263 -2.06 -28.96 27.35
C ARG D 263 -3.38 -28.62 26.66
N LYS D 264 -4.35 -28.09 27.41
CA LYS D 264 -5.69 -27.79 26.87
C LYS D 264 -6.33 -26.63 27.65
N ALA D 265 -7.42 -26.07 27.12
CA ALA D 265 -8.09 -24.95 27.75
C ALA D 265 -8.81 -25.38 29.04
N SER D 266 -9.04 -26.69 29.21
CA SER D 266 -9.66 -27.17 30.48
C SER D 266 -8.65 -27.11 31.64
N ASP D 267 -7.34 -27.29 31.36
CA ASP D 267 -6.26 -27.26 32.38
C ASP D 267 -6.12 -25.89 33.07
N VAL D 268 -6.22 -24.84 32.26
CA VAL D 268 -6.19 -23.44 32.68
C VAL D 268 -7.39 -23.21 33.61
N HIS D 269 -8.59 -23.63 33.19
CA HIS D 269 -9.82 -23.53 34.03
C HIS D 269 -9.66 -24.20 35.39
N GLU D 270 -8.93 -25.32 35.46
CA GLU D 270 -8.71 -26.05 36.71
C GLU D 270 -7.93 -25.20 37.74
N VAL D 271 -6.84 -24.56 37.28
CA VAL D 271 -5.94 -23.70 38.11
C VAL D 271 -6.75 -22.53 38.69
N ARG D 272 -7.67 -21.98 37.90
CA ARG D 272 -8.47 -20.82 38.24
C ARG D 272 -9.43 -21.17 39.39
N LYS D 273 -9.85 -22.43 39.48
CA LYS D 273 -10.74 -22.91 40.56
C LYS D 273 -9.98 -23.06 41.87
N VAL D 274 -8.70 -23.42 41.80
CA VAL D 274 -7.88 -23.68 42.99
C VAL D 274 -7.44 -22.37 43.64
N LEU D 275 -7.22 -21.33 42.83
CA LEU D 275 -6.88 -19.97 43.34
C LEU D 275 -8.09 -19.39 44.06
N GLY D 276 -9.28 -19.87 43.67
CA GLY D 276 -10.54 -19.59 44.38
C GLY D 276 -11.15 -18.27 43.94
N GLU D 277 -11.69 -17.55 44.91
CA GLU D 277 -12.28 -16.22 44.69
C GLU D 277 -11.56 -15.22 45.61
N LYS D 278 -10.41 -15.64 46.11
CA LYS D 278 -9.58 -14.83 47.00
C LYS D 278 -8.27 -14.50 46.28
N GLY D 279 -7.97 -15.26 45.23
CA GLY D 279 -6.87 -14.96 44.34
C GLY D 279 -7.35 -14.69 42.91
N LYS D 280 -8.52 -14.08 42.79
CA LYS D 280 -9.19 -13.89 41.51
C LYS D 280 -8.50 -12.77 40.68
N ASN D 281 -7.53 -12.07 41.27
CA ASN D 281 -6.84 -10.99 40.55
C ASN D 281 -5.50 -11.49 40.04
N ILE D 282 -5.06 -12.64 40.56
CA ILE D 282 -3.74 -13.17 40.27
C ILE D 282 -3.67 -13.57 38.79
N LYS D 283 -2.67 -13.05 38.05
CA LYS D 283 -2.55 -13.32 36.60
C LYS D 283 -2.05 -14.77 36.36
N ILE D 284 -2.77 -15.58 35.56
CA ILE D 284 -2.29 -16.96 35.15
C ILE D 284 -1.55 -16.90 33.80
N ILE D 285 -0.28 -17.27 33.82
CA ILE D 285 0.52 -17.39 32.62
C ILE D 285 0.72 -18.88 32.32
N SER D 286 0.28 -19.33 31.15
CA SER D 286 0.35 -20.73 30.74
C SER D 286 1.72 -21.02 30.12
N LYS D 287 2.50 -21.97 30.67
CA LYS D 287 3.74 -22.45 30.02
C LYS D 287 3.41 -23.45 28.90
N ILE D 288 3.97 -23.25 27.69
CA ILE D 288 3.76 -24.19 26.58
C ILE D 288 5.02 -25.04 26.45
N GLU D 289 4.88 -26.38 26.55
CA GLU D 289 6.08 -27.26 26.62
C GLU D 289 5.81 -28.68 26.11
N ASN D 290 5.04 -28.84 25.03
CA ASN D 290 4.90 -30.13 24.26
C ASN D 290 4.08 -29.91 22.99
N HIS D 291 4.16 -30.88 22.07
CA HIS D 291 3.50 -30.85 20.75
C HIS D 291 2.02 -30.50 20.87
N GLU D 292 1.38 -30.98 21.94
CA GLU D 292 -0.09 -30.90 22.06
C GLU D 292 -0.53 -29.46 22.35
N GLY D 293 0.08 -28.85 23.39
CA GLY D 293 -0.11 -27.45 23.74
C GLY D 293 0.18 -26.50 22.59
N VAL D 294 1.14 -26.85 21.72
CA VAL D 294 1.42 -26.09 20.49
C VAL D 294 0.25 -26.25 19.52
N ARG D 295 -0.24 -27.48 19.32
CA ARG D 295 -1.30 -27.76 18.34
C ARG D 295 -2.63 -27.14 18.79
N ARG D 296 -2.83 -27.05 20.10
CA ARG D 296 -4.10 -26.57 20.64
C ARG D 296 -3.95 -25.15 21.19
N PHE D 297 -3.05 -24.35 20.59
CA PHE D 297 -2.57 -23.05 21.15
C PHE D 297 -3.71 -22.06 21.33
N ASP D 298 -4.45 -21.81 20.25
CA ASP D 298 -5.56 -20.86 20.19
C ASP D 298 -6.66 -21.01 21.24
N GLU D 299 -6.91 -22.21 21.73
CA GLU D 299 -7.93 -22.37 22.80
C GLU D 299 -7.32 -22.00 24.17
N ILE D 300 -6.00 -22.23 24.36
CA ILE D 300 -5.31 -21.88 25.62
C ILE D 300 -5.19 -20.35 25.75
N LEU D 301 -4.59 -19.71 24.74
CA LEU D 301 -4.46 -18.24 24.66
C LEU D 301 -5.74 -17.56 25.19
N GLU D 302 -6.89 -17.95 24.65
CA GLU D 302 -8.20 -17.37 25.04
C GLU D 302 -8.48 -17.54 26.55
N ALA D 303 -8.14 -18.69 27.12
CA ALA D 303 -8.46 -18.95 28.54
C ALA D 303 -7.45 -18.27 29.50
N SER D 304 -6.27 -17.86 29.01
CA SER D 304 -5.12 -17.44 29.87
C SER D 304 -5.05 -15.92 30.04
N ASP D 305 -4.17 -15.45 30.92
CA ASP D 305 -3.84 -14.01 30.98
C ASP D 305 -2.55 -13.62 30.23
N GLY D 306 -1.81 -14.61 29.75
CA GLY D 306 -0.55 -14.42 29.01
C GLY D 306 0.16 -15.75 28.80
N ILE D 307 1.14 -15.79 27.89
CA ILE D 307 1.83 -17.03 27.54
C ILE D 307 3.32 -16.94 27.90
N MET D 308 3.92 -18.08 28.23
CA MET D 308 5.39 -18.18 28.33
C MET D 308 5.85 -19.30 27.41
N VAL D 309 6.84 -18.99 26.58
CA VAL D 309 7.46 -19.91 25.61
C VAL D 309 8.73 -20.48 26.24
N ALA D 310 8.54 -21.58 26.96
CA ALA D 310 9.60 -22.24 27.73
C ALA D 310 10.57 -22.94 26.76
N ARG D 311 11.62 -22.25 26.33
CA ARG D 311 12.37 -22.68 25.14
C ARG D 311 13.28 -23.89 25.43
N GLY D 312 13.77 -24.02 26.66
CA GLY D 312 14.55 -25.21 27.06
C GLY D 312 13.70 -26.48 27.00
N ASP D 313 12.61 -26.48 27.79
CA ASP D 313 11.61 -27.56 27.85
C ASP D 313 11.02 -28.03 26.50
N LEU D 314 10.70 -27.06 25.63
CA LEU D 314 10.07 -27.31 24.34
C LEU D 314 11.06 -28.02 23.40
N GLY D 315 12.37 -27.84 23.66
CA GLY D 315 13.44 -28.37 22.80
C GLY D 315 13.87 -29.80 23.13
N ILE D 316 13.25 -30.39 24.16
CA ILE D 316 13.43 -31.83 24.46
C ILE D 316 12.43 -32.63 23.62
N GLU D 317 11.18 -32.17 23.59
CA GLU D 317 10.07 -32.89 22.97
C GLU D 317 10.05 -32.64 21.45
N ILE D 318 10.23 -31.39 21.03
CA ILE D 318 10.21 -31.00 19.60
C ILE D 318 11.66 -31.02 19.07
N PRO D 319 11.88 -31.41 17.78
CA PRO D 319 13.23 -31.31 17.15
C PRO D 319 13.75 -29.87 17.12
N ALA D 320 15.07 -29.72 17.22
CA ALA D 320 15.76 -28.44 17.53
C ALA D 320 15.44 -27.33 16.52
N GLU D 321 15.37 -27.70 15.24
CA GLU D 321 15.21 -26.76 14.13
C GLU D 321 13.73 -26.38 13.92
N LYS D 322 12.81 -27.01 14.65
CA LYS D 322 11.39 -26.68 14.56
C LYS D 322 11.01 -25.75 15.71
N VAL D 323 11.80 -25.74 16.79
CA VAL D 323 11.49 -24.93 17.99
C VAL D 323 11.56 -23.45 17.59
N PHE D 324 12.53 -23.16 16.74
CA PHE D 324 12.74 -21.87 16.11
C PHE D 324 11.42 -21.29 15.54
N LEU D 325 10.68 -22.07 14.75
CA LEU D 325 9.45 -21.61 14.10
C LEU D 325 8.30 -21.48 15.10
N ALA D 326 8.19 -22.46 16.00
CA ALA D 326 7.09 -22.52 16.98
C ALA D 326 7.13 -21.29 17.90
N GLN D 327 8.34 -20.86 18.29
CA GLN D 327 8.54 -19.60 18.98
C GLN D 327 7.96 -18.42 18.16
N LYS D 328 8.36 -18.16 16.94
CA LYS D 328 7.83 -17.00 16.20
C LYS D 328 6.30 -17.06 16.03
N MET D 329 5.73 -18.24 15.83
CA MET D 329 4.28 -18.37 15.62
C MET D 329 3.54 -17.90 16.89
N MET D 330 4.03 -18.27 18.07
CA MET D 330 3.33 -17.95 19.30
C MET D 330 3.49 -16.46 19.66
N ILE D 331 4.64 -15.84 19.44
CA ILE D 331 4.79 -14.39 19.72
C ILE D 331 3.88 -13.60 18.77
N GLY D 332 3.84 -14.01 17.52
CA GLY D 332 2.96 -13.40 16.53
C GLY D 332 1.50 -13.37 16.97
N ARG D 333 1.00 -14.48 17.52
CA ARG D 333 -0.44 -14.63 17.82
C ARG D 333 -0.80 -13.83 19.07
N CYS D 334 0.13 -13.80 20.04
CA CYS D 334 0.02 -12.99 21.26
C CYS D 334 0.03 -11.48 20.97
N ASN D 335 0.76 -11.01 19.96
CA ASN D 335 0.74 -9.59 19.60
C ASN D 335 -0.62 -9.24 18.98
N ARG D 336 -1.19 -10.14 18.19
CA ARG D 336 -2.43 -9.89 17.44
C ARG D 336 -3.62 -9.90 18.40
N ALA D 337 -3.52 -10.61 19.53
CA ALA D 337 -4.65 -10.76 20.46
C ALA D 337 -4.60 -9.70 21.57
N GLY D 338 -3.51 -8.93 21.62
CA GLY D 338 -3.24 -7.95 22.67
C GLY D 338 -3.01 -8.60 24.02
N LYS D 339 -2.22 -9.67 24.05
CA LYS D 339 -1.92 -10.42 25.29
C LYS D 339 -0.40 -10.56 25.45
N PRO D 340 0.13 -10.34 26.66
CA PRO D 340 1.59 -10.41 26.91
C PRO D 340 2.19 -11.83 26.82
N VAL D 341 3.41 -11.86 26.28
CA VAL D 341 4.14 -13.08 26.04
C VAL D 341 5.59 -12.93 26.53
N ILE D 342 5.90 -13.68 27.61
CA ILE D 342 7.23 -13.82 28.23
C ILE D 342 8.02 -14.83 27.40
N CYS D 343 9.32 -14.63 27.28
CA CYS D 343 10.10 -15.63 26.55
C CYS D 343 11.38 -15.96 27.35
N ALA D 344 11.57 -17.25 27.67
CA ALA D 344 12.63 -17.65 28.61
C ALA D 344 13.93 -18.01 27.87
N THR D 345 14.98 -17.24 28.14
CA THR D 345 16.21 -17.21 27.33
C THR D 345 17.39 -17.76 28.14
N GLN D 346 18.59 -17.66 27.57
CA GLN D 346 19.85 -18.00 28.25
C GLN D 346 21.01 -17.18 27.67
N MET D 347 22.11 -17.17 28.42
CA MET D 347 23.39 -16.72 27.92
C MET D 347 24.09 -17.88 27.17
N LEU D 348 24.69 -17.57 26.02
CA LEU D 348 25.46 -18.53 25.21
C LEU D 348 26.95 -18.12 25.18
N GLU D 349 27.82 -19.10 24.93
CA GLU D 349 29.26 -18.87 24.70
C GLU D 349 29.69 -19.62 23.42
N SER D 350 30.85 -19.24 22.86
CA SER D 350 31.41 -19.86 21.63
C SER D 350 31.80 -21.32 21.90
N MET D 351 31.62 -22.19 20.91
CA MET D 351 31.82 -23.65 21.07
C MET D 351 33.33 -23.97 21.15
N ILE D 352 34.11 -23.53 20.17
CA ILE D 352 35.59 -23.65 20.21
C ILE D 352 36.14 -22.49 21.05
N LYS D 353 36.67 -22.81 22.24
CA LYS D 353 37.14 -21.79 23.19
C LYS D 353 38.64 -21.98 23.48
N LYS D 354 39.44 -21.12 22.88
CA LYS D 354 40.88 -20.99 23.16
C LYS D 354 41.13 -19.80 24.10
N PRO D 355 40.48 -18.62 23.86
CA PRO D 355 40.71 -17.44 24.75
C PRO D 355 40.11 -17.62 26.15
N ARG D 356 40.60 -16.82 27.10
CA ARG D 356 40.24 -16.91 28.52
C ARG D 356 38.87 -16.26 28.80
N PRO D 357 38.54 -15.10 28.19
CA PRO D 357 37.23 -14.46 28.45
C PRO D 357 36.02 -15.34 28.04
N THR D 358 34.93 -15.22 28.79
CA THR D 358 33.71 -15.99 28.58
C THR D 358 32.99 -15.52 27.30
N ARG D 359 33.06 -14.20 27.04
CA ARG D 359 32.43 -13.53 25.88
C ARG D 359 30.93 -13.89 25.82
N ALA D 360 30.20 -13.47 26.84
CA ALA D 360 28.78 -13.79 27.01
C ALA D 360 27.98 -13.29 25.79
N GLU D 361 27.64 -14.24 24.91
CA GLU D 361 26.98 -13.99 23.62
C GLU D 361 25.46 -13.92 23.81
N GLY D 362 24.89 -12.73 23.57
CA GLY D 362 23.48 -12.47 23.85
C GLY D 362 22.64 -12.33 22.58
N SER D 363 22.93 -13.13 21.56
CA SER D 363 22.13 -13.18 20.33
C SER D 363 20.73 -13.76 20.62
N ASP D 364 20.68 -14.78 21.48
CA ASP D 364 19.44 -15.39 21.98
C ASP D 364 18.41 -14.39 22.57
N VAL D 365 18.93 -13.44 23.34
CA VAL D 365 18.17 -12.38 24.04
C VAL D 365 17.67 -11.34 23.02
N ALA D 366 18.59 -10.83 22.17
CA ALA D 366 18.29 -9.82 21.14
C ALA D 366 17.24 -10.34 20.15
N ASN D 367 17.26 -11.65 19.87
CA ASN D 367 16.33 -12.27 18.91
C ASN D 367 14.90 -12.04 19.37
N ALA D 368 14.62 -12.46 20.60
CA ALA D 368 13.31 -12.39 21.22
C ALA D 368 12.80 -10.94 21.27
N VAL D 369 13.65 -9.98 21.66
CA VAL D 369 13.22 -8.57 21.69
C VAL D 369 12.68 -8.18 20.30
N LEU D 370 13.31 -8.67 19.24
CA LEU D 370 12.99 -8.28 17.87
C LEU D 370 11.70 -8.97 17.42
N ASP D 371 11.56 -10.25 17.82
CA ASP D 371 10.36 -11.05 17.50
C ASP D 371 9.09 -10.41 18.07
N GLY D 372 9.26 -9.57 19.10
CA GLY D 372 8.15 -8.83 19.69
C GLY D 372 7.68 -9.42 21.02
N ALA D 373 8.59 -10.07 21.76
CA ALA D 373 8.38 -10.45 23.17
C ALA D 373 8.13 -9.21 24.03
N ASP D 374 7.37 -9.39 25.12
CA ASP D 374 7.08 -8.35 26.13
C ASP D 374 8.04 -8.31 27.35
N CYS D 375 8.39 -9.46 27.94
CA CYS D 375 9.52 -9.52 28.90
C CYS D 375 10.47 -10.64 28.52
N ILE D 376 11.71 -10.59 29.01
CA ILE D 376 12.64 -11.71 28.81
C ILE D 376 13.06 -12.24 30.17
N MET D 377 13.39 -13.54 30.24
CA MET D 377 13.71 -14.18 31.52
C MET D 377 15.13 -14.76 31.50
N LEU D 378 15.83 -14.67 32.65
CA LEU D 378 17.12 -15.35 32.88
C LEU D 378 17.04 -16.23 34.13
N SER D 379 17.23 -17.55 33.91
CA SER D 379 17.07 -18.60 34.94
C SER D 379 18.34 -18.75 35.80
N GLY D 380 19.23 -19.67 35.39
CA GLY D 380 20.39 -20.11 36.18
C GLY D 380 21.33 -18.98 36.57
N GLU D 381 21.61 -18.09 35.61
CA GLU D 381 22.59 -16.99 35.70
C GLU D 381 22.36 -16.11 36.94
N THR D 382 21.16 -16.17 37.53
CA THR D 382 20.81 -15.24 38.62
C THR D 382 20.49 -16.03 39.91
N ALA D 383 20.27 -17.34 39.77
CA ALA D 383 19.85 -18.18 40.90
C ALA D 383 21.08 -18.72 41.65
N LYS D 384 21.98 -19.39 40.92
CA LYS D 384 23.09 -20.16 41.52
C LYS D 384 24.45 -19.66 40.98
N GLY D 385 24.43 -18.92 39.86
CA GLY D 385 25.65 -18.41 39.20
C GLY D 385 26.49 -17.49 40.08
N ASP D 386 27.71 -17.19 39.63
CA ASP D 386 28.69 -16.44 40.44
C ASP D 386 28.61 -14.92 40.34
N TYR D 387 28.15 -14.42 39.19
CA TYR D 387 28.09 -12.97 38.91
C TYR D 387 26.65 -12.55 38.59
N PRO D 388 25.75 -12.48 39.60
CA PRO D 388 24.34 -12.14 39.28
C PRO D 388 24.14 -10.72 38.73
N LEU D 389 24.67 -9.68 39.39
CA LEU D 389 24.56 -8.27 38.94
C LEU D 389 24.98 -8.13 37.47
N GLU D 390 26.04 -8.82 37.06
CA GLU D 390 26.61 -8.65 35.72
C GLU D 390 25.60 -9.13 34.67
N ALA D 391 24.79 -10.13 35.02
CA ALA D 391 23.83 -10.73 34.11
C ALA D 391 22.62 -9.80 33.91
N VAL D 392 22.12 -9.20 34.99
CA VAL D 392 21.04 -8.20 34.89
C VAL D 392 21.51 -6.99 34.08
N ARG D 393 22.76 -6.59 34.25
CA ARG D 393 23.27 -5.42 33.52
C ARG D 393 23.40 -5.77 32.03
N MET D 394 23.50 -7.05 31.70
CA MET D 394 23.67 -7.43 30.31
C MET D 394 22.32 -7.45 29.59
N GLN D 395 21.34 -8.12 30.19
CA GLN D 395 19.93 -8.15 29.76
C GLN D 395 19.45 -6.73 29.42
N HIS D 396 19.69 -5.78 30.35
CA HIS D 396 19.32 -4.37 30.21
C HIS D 396 19.98 -3.78 28.95
N LEU D 397 21.31 -3.81 28.87
CA LEU D 397 22.06 -3.14 27.80
C LEU D 397 21.67 -3.69 26.42
N ILE D 398 21.50 -5.02 26.29
CA ILE D 398 21.05 -5.65 25.02
C ILE D 398 19.63 -5.17 24.69
N ALA D 399 18.70 -5.31 25.65
CA ALA D 399 17.28 -5.04 25.43
C ALA D 399 17.08 -3.62 24.87
N ARG D 400 17.73 -2.66 25.52
CA ARG D 400 17.70 -1.25 25.16
C ARG D 400 18.12 -1.06 23.69
N GLU D 401 19.29 -1.59 23.36
CA GLU D 401 19.93 -1.33 22.05
C GLU D 401 19.13 -1.95 20.90
N ALA D 402 18.53 -3.13 21.13
CA ALA D 402 17.95 -3.92 20.02
C ALA D 402 16.57 -3.37 19.61
N GLU D 403 16.05 -2.37 20.33
CA GLU D 403 14.79 -1.70 19.96
C GLU D 403 15.03 -0.78 18.75
N ALA D 404 16.29 -0.43 18.48
CA ALA D 404 16.68 0.41 17.32
C ALA D 404 16.31 -0.25 15.98
N ALA D 405 16.50 -1.58 15.86
CA ALA D 405 16.41 -2.31 14.57
C ALA D 405 14.97 -2.68 14.15
N ILE D 406 13.98 -2.56 15.05
CA ILE D 406 12.56 -2.85 14.70
C ILE D 406 12.04 -1.75 13.76
N TYR D 407 11.29 -2.15 12.73
CA TYR D 407 10.56 -1.20 11.89
C TYR D 407 9.17 -0.98 12.51
N HIS D 408 9.15 -0.05 13.47
CA HIS D 408 8.03 0.20 14.39
C HIS D 408 6.80 0.73 13.66
N LEU D 409 7.02 1.44 12.54
CA LEU D 409 5.95 2.01 11.75
C LEU D 409 5.12 0.91 11.10
N GLN D 410 5.78 -0.07 10.44
CA GLN D 410 5.03 -1.17 9.79
C GLN D 410 4.20 -1.94 10.82
N LEU D 411 4.76 -2.22 12.00
CA LEU D 411 4.08 -2.93 13.08
C LEU D 411 2.79 -2.20 13.50
N PHE D 412 2.93 -0.88 13.66
CA PHE D 412 1.92 -0.02 14.25
C PHE D 412 0.68 0.08 13.35
N GLU D 413 0.88 0.42 12.07
CA GLU D 413 -0.17 0.39 11.03
C GLU D 413 -0.87 -0.97 11.06
N GLU D 414 -0.08 -2.05 11.02
CA GLU D 414 -0.52 -3.43 10.91
C GLU D 414 -1.51 -3.79 12.02
N LEU D 415 -1.22 -3.37 13.26
CA LEU D 415 -2.08 -3.66 14.44
C LEU D 415 -3.40 -2.89 14.35
N ARG D 416 -3.38 -1.72 13.71
CA ARG D 416 -4.56 -0.84 13.63
C ARG D 416 -5.56 -1.35 12.59
N ARG D 417 -5.08 -2.03 11.55
CA ARG D 417 -5.93 -2.59 10.51
C ARG D 417 -6.73 -3.79 11.07
N LEU D 418 -6.08 -4.68 11.82
CA LEU D 418 -6.79 -5.84 12.38
C LEU D 418 -7.42 -5.51 13.76
N ALA D 419 -8.14 -4.39 13.78
CA ALA D 419 -8.92 -3.98 14.93
C ALA D 419 -10.38 -3.78 14.51
N PRO D 420 -11.33 -4.37 15.27
CA PRO D 420 -12.78 -4.32 14.93
C PRO D 420 -13.48 -3.01 15.36
N ILE D 421 -14.40 -2.53 14.52
CA ILE D 421 -15.33 -1.44 14.87
C ILE D 421 -16.21 -1.91 16.04
N THR D 422 -16.28 -1.10 17.10
CA THR D 422 -17.14 -1.36 18.28
C THR D 422 -17.89 -0.07 18.63
N SER D 423 -18.62 -0.08 19.74
CA SER D 423 -19.27 1.12 20.28
C SER D 423 -18.72 1.45 21.68
N ASP D 424 -17.77 0.66 22.18
CA ASP D 424 -17.11 0.90 23.47
C ASP D 424 -16.33 2.26 23.54
N PRO D 425 -16.86 3.23 24.29
CA PRO D 425 -16.18 4.53 24.43
C PRO D 425 -14.68 4.44 24.71
N THR D 426 -14.25 3.44 25.48
CA THR D 426 -12.87 3.36 25.94
C THR D 426 -11.90 3.05 24.79
N GLU D 427 -12.27 2.07 23.97
CA GLU D 427 -11.57 1.68 22.74
C GLU D 427 -11.36 2.89 21.81
N ALA D 428 -12.37 3.76 21.70
CA ALA D 428 -12.32 4.89 20.82
C ALA D 428 -11.44 5.97 21.45
N THR D 429 -11.48 6.12 22.77
CA THR D 429 -10.59 7.09 23.40
C THR D 429 -9.15 6.71 23.08
N ALA D 430 -8.82 5.40 23.13
CA ALA D 430 -7.42 4.88 23.05
C ALA D 430 -6.81 5.09 21.65
N VAL D 431 -7.60 4.76 20.65
CA VAL D 431 -7.25 5.00 19.25
C VAL D 431 -7.05 6.50 18.99
N GLY D 432 -7.97 7.35 19.42
CA GLY D 432 -7.73 8.79 19.46
C GLY D 432 -6.40 9.18 20.10
N ALA D 433 -6.10 8.68 21.30
CA ALA D 433 -4.88 9.11 22.02
C ALA D 433 -3.59 8.79 21.21
N VAL D 434 -3.60 7.65 20.53
CA VAL D 434 -2.40 7.10 19.91
C VAL D 434 -2.10 7.88 18.62
N GLU D 435 -3.13 8.10 17.79
CA GLU D 435 -3.05 8.96 16.63
C GLU D 435 -2.71 10.40 17.03
N ALA D 436 -3.37 11.03 18.00
CA ALA D 436 -2.96 12.41 18.41
C ALA D 436 -1.44 12.46 18.62
N SER D 437 -0.90 11.37 19.17
CA SER D 437 0.44 11.36 19.76
C SER D 437 1.50 11.34 18.66
N PHE D 438 1.26 10.60 17.58
CA PHE D 438 2.11 10.71 16.37
C PHE D 438 2.22 12.18 15.96
N LYS D 439 1.07 12.76 15.65
CA LYS D 439 0.94 14.06 15.02
C LYS D 439 1.63 15.18 15.80
N CYS D 440 1.62 15.16 17.13
CA CYS D 440 2.24 16.28 17.88
C CYS D 440 3.65 15.89 18.36
N CYS D 441 4.06 14.66 18.05
CA CYS D 441 5.31 14.05 18.55
C CYS D 441 5.38 14.15 20.09
N SER D 442 4.28 13.86 20.80
CA SER D 442 4.26 13.90 22.30
C SER D 442 5.33 12.99 22.91
N GLY D 443 5.76 13.38 24.10
CA GLY D 443 6.78 12.67 24.82
C GLY D 443 6.22 11.68 25.83
N ALA D 444 4.91 11.72 26.11
CA ALA D 444 4.31 10.71 27.01
C ALA D 444 2.79 10.68 26.88
N ILE D 445 2.19 9.51 27.20
CA ILE D 445 0.72 9.37 27.34
C ILE D 445 0.39 9.04 28.79
N ILE D 446 -0.18 9.96 29.53
CA ILE D 446 -0.48 9.69 30.96
C ILE D 446 -1.85 8.98 31.07
N VAL D 447 -2.01 7.88 31.78
CA VAL D 447 -3.39 7.25 31.83
C VAL D 447 -3.76 7.00 33.29
N LEU D 448 -4.92 7.46 33.80
CA LEU D 448 -5.29 7.07 35.22
C LEU D 448 -6.02 5.75 35.12
N THR D 449 -5.75 4.82 36.04
CA THR D 449 -6.29 3.47 35.95
C THR D 449 -6.48 2.86 37.35
N LYS D 450 -7.47 2.00 37.54
CA LYS D 450 -7.62 1.26 38.81
C LYS D 450 -7.22 -0.21 38.60
N SER D 451 -7.85 -0.90 37.64
CA SER D 451 -7.56 -2.31 37.36
C SER D 451 -6.37 -2.50 36.42
N GLY D 452 -5.95 -1.44 35.73
CA GLY D 452 -4.92 -1.50 34.74
C GLY D 452 -5.49 -1.54 33.33
N ARG D 453 -6.81 -1.80 33.20
CA ARG D 453 -7.42 -2.10 31.89
C ARG D 453 -7.26 -0.96 30.86
N SER D 454 -7.40 0.31 31.26
CA SER D 454 -7.28 1.45 30.30
C SER D 454 -5.85 1.59 29.74
N ALA D 455 -4.81 1.46 30.58
CA ALA D 455 -3.44 1.39 30.04
C ALA D 455 -3.30 0.17 29.13
N HIS D 456 -3.82 -1.02 29.50
CA HIS D 456 -3.69 -2.19 28.56
C HIS D 456 -4.22 -1.84 27.16
N GLN D 457 -5.35 -1.15 27.00
CA GLN D 457 -5.90 -0.87 25.63
C GLN D 457 -4.96 0.04 24.80
N VAL D 458 -4.27 0.96 25.45
CA VAL D 458 -3.41 1.88 24.73
C VAL D 458 -2.18 1.14 24.20
N ALA D 459 -1.62 0.27 25.06
CA ALA D 459 -0.37 -0.43 24.84
C ALA D 459 -0.54 -1.48 23.74
N ARG D 460 -1.75 -1.98 23.50
CA ARG D 460 -1.91 -2.95 22.42
C ARG D 460 -1.60 -2.33 21.04
N TYR D 461 -1.56 -1.01 20.87
CA TYR D 461 -1.18 -0.40 19.55
C TYR D 461 0.35 -0.27 19.38
N ARG D 462 1.11 -0.26 20.48
CA ARG D 462 2.60 -0.08 20.45
C ARG D 462 2.98 1.35 19.99
N PRO D 463 2.39 2.42 20.57
CA PRO D 463 2.81 3.80 20.26
C PRO D 463 4.31 4.06 20.48
N ARG D 464 4.86 5.11 19.89
CA ARG D 464 6.27 5.42 20.09
C ARG D 464 6.48 5.95 21.50
N ALA D 465 5.49 6.65 22.04
CA ALA D 465 5.69 7.39 23.27
C ALA D 465 5.51 6.43 24.46
N PRO D 466 6.31 6.56 25.52
CA PRO D 466 6.09 5.82 26.81
C PRO D 466 4.69 6.06 27.41
N ILE D 467 4.07 5.04 27.98
CA ILE D 467 2.75 5.11 28.65
C ILE D 467 2.92 5.09 30.17
N ILE D 468 2.74 6.21 30.83
CA ILE D 468 2.77 6.31 32.31
C ILE D 468 1.37 5.99 32.88
N ALA D 469 1.28 5.00 33.74
CA ALA D 469 -0.02 4.61 34.38
C ALA D 469 -0.01 5.09 35.83
N VAL D 470 -1.03 5.83 36.26
CA VAL D 470 -0.99 6.38 37.59
C VAL D 470 -2.08 5.68 38.41
N THR D 471 -1.69 5.01 39.48
CA THR D 471 -2.67 4.20 40.22
C THR D 471 -2.45 4.38 41.72
N ARG D 472 -3.43 3.94 42.50
CA ARG D 472 -3.33 3.88 43.97
C ARG D 472 -3.25 2.42 44.41
N ASN D 473 -3.86 1.54 43.62
CA ASN D 473 -3.86 0.08 43.79
C ASN D 473 -2.41 -0.45 43.67
N PRO D 474 -1.84 -1.02 44.75
CA PRO D 474 -0.41 -1.46 44.66
C PRO D 474 -0.22 -2.76 43.86
N GLN D 475 -1.26 -3.59 43.77
CA GLN D 475 -1.14 -4.81 42.96
C GLN D 475 -1.16 -4.48 41.46
N THR D 476 -1.94 -3.46 41.07
CA THR D 476 -2.02 -3.01 39.69
C THR D 476 -0.66 -2.46 39.23
N ALA D 477 0.02 -1.70 40.08
CA ALA D 477 1.33 -1.18 39.66
C ALA D 477 2.32 -2.34 39.43
N ARG D 478 2.17 -3.48 40.13
CA ARG D 478 3.12 -4.61 39.97
C ARG D 478 2.90 -5.33 38.65
N GLN D 479 1.65 -5.63 38.30
CA GLN D 479 1.35 -6.48 37.11
C GLN D 479 1.65 -5.73 35.82
N ALA D 480 1.79 -4.41 35.89
CA ALA D 480 1.98 -3.55 34.73
C ALA D 480 3.31 -3.88 34.04
N HIS D 481 4.20 -4.60 34.71
CA HIS D 481 5.50 -4.88 34.10
C HIS D 481 5.35 -5.92 32.98
N LEU D 482 4.27 -6.69 32.97
CA LEU D 482 4.05 -7.67 31.90
C LEU D 482 3.84 -7.02 30.52
N TYR D 483 3.26 -5.82 30.41
CA TYR D 483 2.86 -5.26 29.11
C TYR D 483 3.94 -4.31 28.57
N ARG D 484 4.31 -4.44 27.29
CA ARG D 484 5.49 -3.76 26.72
C ARG D 484 5.23 -2.26 26.55
N GLY D 485 6.07 -1.45 27.17
CA GLY D 485 6.00 0.00 26.98
C GLY D 485 5.21 0.74 28.05
N ILE D 486 4.60 0.07 29.06
CA ILE D 486 3.93 0.74 30.23
C ILE D 486 4.92 0.92 31.37
N PHE D 487 5.01 2.14 31.95
CA PHE D 487 5.87 2.50 33.12
C PHE D 487 4.96 2.87 34.29
N PRO D 488 4.74 1.96 35.26
CA PRO D 488 3.76 2.27 36.34
C PRO D 488 4.34 3.25 37.36
N VAL D 489 3.49 4.12 37.92
CA VAL D 489 3.86 4.99 39.06
C VAL D 489 2.77 4.89 40.13
N LEU D 490 3.17 4.55 41.35
CA LEU D 490 2.17 4.41 42.41
C LEU D 490 2.11 5.70 43.25
N CYS D 491 0.88 6.10 43.56
CA CYS D 491 0.56 7.34 44.24
C CYS D 491 0.09 6.99 45.66
N LYS D 492 0.67 7.67 46.65
CA LYS D 492 0.54 7.29 48.06
C LYS D 492 -0.33 8.29 48.82
N ASP D 493 -0.38 9.54 48.34
CA ASP D 493 -1.18 10.66 48.89
C ASP D 493 -2.62 10.33 49.34
N PRO D 494 -3.18 11.11 50.30
CA PRO D 494 -4.55 10.83 50.74
C PRO D 494 -5.58 11.38 49.73
N VAL D 495 -6.66 10.62 49.53
CA VAL D 495 -7.77 11.00 48.64
C VAL D 495 -8.33 12.36 49.10
N GLN D 496 -8.21 13.37 48.22
CA GLN D 496 -8.73 14.74 48.42
C GLN D 496 -10.27 14.72 48.48
N GLU D 497 -10.88 15.85 48.84
CA GLU D 497 -12.33 15.94 49.09
C GLU D 497 -13.09 15.98 47.77
N ALA D 498 -12.85 17.01 46.96
CA ALA D 498 -13.47 17.15 45.64
C ALA D 498 -12.74 16.25 44.65
N TRP D 499 -13.52 15.46 43.91
CA TRP D 499 -12.99 14.46 42.99
C TRP D 499 -12.19 15.12 41.86
N ALA D 500 -12.78 16.10 41.20
CA ALA D 500 -12.07 16.85 40.16
C ALA D 500 -10.65 17.23 40.64
N GLU D 501 -10.49 17.52 41.95
CA GLU D 501 -9.23 18.03 42.53
C GLU D 501 -8.25 16.88 42.79
N ASP D 502 -8.80 15.72 43.14
CA ASP D 502 -8.05 14.46 43.22
C ASP D 502 -7.40 14.12 41.87
N VAL D 503 -8.21 14.09 40.80
CA VAL D 503 -7.73 13.83 39.43
C VAL D 503 -6.57 14.77 39.08
N ASP D 504 -6.69 16.05 39.43
CA ASP D 504 -5.64 17.00 39.06
C ASP D 504 -4.36 16.87 39.87
N LEU D 505 -4.47 16.27 41.05
CA LEU D 505 -3.30 15.95 41.85
C LEU D 505 -2.52 14.78 41.20
N ARG D 506 -3.20 13.66 40.86
CA ARG D 506 -2.55 12.44 40.26
C ARG D 506 -1.94 12.77 38.89
N VAL D 507 -2.56 13.65 38.10
CA VAL D 507 -1.94 14.07 36.80
C VAL D 507 -0.61 14.77 37.08
N ASN D 508 -0.59 15.71 38.03
CA ASN D 508 0.63 16.49 38.36
C ASN D 508 1.74 15.59 38.90
N PHE D 509 1.40 14.73 39.86
CA PHE D 509 2.35 13.72 40.36
C PHE D 509 3.07 13.08 39.18
N ALA D 510 2.27 12.54 38.25
CA ALA D 510 2.74 11.88 37.02
C ALA D 510 3.68 12.78 36.18
N MET D 511 3.40 14.08 36.08
CA MET D 511 4.30 15.03 35.37
C MET D 511 5.61 15.25 36.14
N ASN D 512 5.59 15.30 37.48
CA ASN D 512 6.89 15.39 38.20
C ASN D 512 7.71 14.13 37.91
N VAL D 513 7.12 12.95 38.19
CA VAL D 513 7.84 11.68 38.01
C VAL D 513 8.39 11.57 36.58
N GLY D 514 7.67 12.08 35.59
CA GLY D 514 8.12 12.07 34.17
C GLY D 514 9.37 12.88 33.90
N LYS D 515 9.48 14.07 34.52
CA LYS D 515 10.62 15.02 34.35
C LYS D 515 11.86 14.53 35.12
N ALA D 516 11.68 14.09 36.38
CA ALA D 516 12.72 13.44 37.20
C ALA D 516 13.41 12.30 36.43
N ARG D 517 12.64 11.37 35.85
CA ARG D 517 13.18 10.22 35.10
C ARG D 517 13.58 10.63 33.68
N GLY D 518 13.32 11.89 33.30
CA GLY D 518 13.85 12.51 32.07
C GLY D 518 13.17 12.02 30.79
N PHE D 519 11.83 12.02 30.73
CA PHE D 519 11.09 11.53 29.53
C PHE D 519 10.64 12.73 28.68
N PHE D 520 10.67 13.92 29.27
CA PHE D 520 10.21 15.17 28.66
C PHE D 520 10.63 16.32 29.59
N LYS D 521 10.80 17.52 29.05
CA LYS D 521 11.14 18.70 29.89
C LYS D 521 10.00 19.72 29.85
N LYS D 522 10.25 20.91 30.41
CA LYS D 522 9.22 21.95 30.51
C LYS D 522 8.94 22.55 29.13
N GLY D 523 7.65 22.81 28.88
CA GLY D 523 7.18 23.35 27.60
C GLY D 523 7.22 22.32 26.46
N ASP D 524 7.08 21.04 26.82
CA ASP D 524 6.81 19.95 25.88
C ASP D 524 5.31 19.71 25.87
N VAL D 525 4.86 18.74 25.08
CA VAL D 525 3.41 18.44 24.92
C VAL D 525 3.15 17.00 25.41
N VAL D 526 2.13 16.80 26.28
CA VAL D 526 1.72 15.41 26.62
C VAL D 526 0.22 15.13 26.37
N ILE D 527 -0.13 13.86 26.08
CA ILE D 527 -1.55 13.43 26.01
C ILE D 527 -1.98 12.89 27.37
N VAL D 528 -3.15 13.24 27.89
CA VAL D 528 -3.61 12.78 29.21
C VAL D 528 -4.97 12.14 29.01
N LEU D 529 -5.28 11.06 29.69
CA LEU D 529 -6.41 10.27 29.34
C LEU D 529 -7.19 9.93 30.62
N THR D 530 -8.47 10.26 30.76
CA THR D 530 -9.21 10.03 32.03
C THR D 530 -10.71 9.85 31.74
N GLY D 531 -11.49 9.72 32.83
CA GLY D 531 -12.92 9.37 32.81
C GLY D 531 -13.78 10.51 33.31
N TRP D 532 -15.10 10.32 33.31
CA TRP D 532 -16.02 11.41 33.64
C TRP D 532 -16.52 11.30 35.08
N ARG D 533 -16.51 10.08 35.64
CA ARG D 533 -16.91 9.81 37.04
C ARG D 533 -15.90 8.84 37.66
N PRO D 534 -15.89 8.68 39.01
CA PRO D 534 -15.06 7.66 39.71
C PRO D 534 -15.55 6.23 39.46
N GLY D 535 -14.68 5.22 39.58
CA GLY D 535 -15.07 3.83 39.26
C GLY D 535 -14.23 3.20 38.15
N SER D 536 -14.44 1.93 37.84
CA SER D 536 -13.76 1.33 36.69
C SER D 536 -14.71 1.25 35.49
N GLY D 537 -14.16 1.58 34.32
CA GLY D 537 -14.85 1.34 33.06
C GLY D 537 -15.41 2.61 32.45
N PHE D 538 -14.99 3.79 32.91
CA PHE D 538 -15.59 5.02 32.42
C PHE D 538 -14.60 5.95 31.68
N THR D 539 -13.53 5.44 31.04
CA THR D 539 -12.51 6.32 30.44
C THR D 539 -13.05 6.85 29.13
N ASN D 540 -12.99 8.18 28.91
CA ASN D 540 -13.71 8.78 27.76
C ASN D 540 -13.12 10.14 27.34
N THR D 541 -12.14 10.66 28.04
CA THR D 541 -11.66 12.01 27.78
C THR D 541 -10.18 11.97 27.40
N MET D 542 -9.77 12.81 26.45
CA MET D 542 -8.38 12.92 25.99
C MET D 542 -8.04 14.41 25.91
N ARG D 543 -7.03 14.92 26.64
CA ARG D 543 -6.61 16.37 26.59
C ARG D 543 -5.16 16.46 26.10
N VAL D 544 -4.81 17.45 25.29
CA VAL D 544 -3.42 17.61 24.86
C VAL D 544 -2.84 18.80 25.66
N VAL D 545 -1.89 18.58 26.56
CA VAL D 545 -1.49 19.68 27.48
C VAL D 545 0.01 19.97 27.36
N PRO D 546 0.41 21.25 27.59
CA PRO D 546 1.85 21.66 27.72
C PRO D 546 2.39 21.24 29.09
N VAL D 547 3.67 20.84 29.15
CA VAL D 547 4.23 20.39 30.44
C VAL D 547 4.57 21.61 31.30
N PRO D 548 4.03 21.66 32.53
CA PRO D 548 4.23 22.79 33.46
C PRO D 548 5.58 22.72 34.17
#